data_2CNR
#
_entry.id   2CNR
#
_cell.length_a   1.000
_cell.length_b   1.000
_cell.length_c   1.000
_cell.angle_alpha   90.00
_cell.angle_beta   90.00
_cell.angle_gamma   90.00
#
_symmetry.space_group_name_H-M   'P 1'
#
_entity_poly.entity_id   1
_entity_poly.type   'polypeptide(L)'
_entity_poly.pdbx_seq_one_letter_code
;MAATQEEIVAGLAEIVNEIAGIPVEDVKLDKSFTDDLDVDSLSMVEVVVAAEERFDVKIPDDDVKNLKTVGDATKYILDH
QA
;
_entity_poly.pdbx_strand_id   A
#
# COMPACT_ATOMS: atom_id res chain seq x y z
N MET A 1 13.17 -7.41 -3.00
CA MET A 1 13.83 -6.83 -4.19
C MET A 1 13.35 -5.42 -4.43
N ALA A 2 14.25 -4.56 -4.87
CA ALA A 2 13.96 -3.13 -5.00
C ALA A 2 13.07 -2.83 -6.21
N ALA A 3 11.86 -2.37 -5.93
CA ALA A 3 10.95 -1.93 -6.98
C ALA A 3 10.69 -0.44 -6.82
N THR A 4 10.50 0.26 -7.92
CA THR A 4 10.25 1.69 -7.85
C THR A 4 8.76 1.97 -7.71
N GLN A 5 8.37 3.24 -7.84
CA GLN A 5 7.02 3.68 -7.51
C GLN A 5 5.96 2.92 -8.29
N GLU A 6 6.04 2.94 -9.62
CA GLU A 6 5.00 2.35 -10.45
C GLU A 6 4.97 0.82 -10.30
N GLU A 7 6.13 0.23 -10.11
CA GLU A 7 6.24 -1.22 -9.96
C GLU A 7 5.54 -1.66 -8.68
N ILE A 8 5.90 -1.04 -7.57
CA ILE A 8 5.33 -1.37 -6.28
C ILE A 8 3.86 -0.92 -6.22
N VAL A 9 3.56 0.21 -6.87
CA VAL A 9 2.18 0.69 -6.95
C VAL A 9 1.29 -0.32 -7.65
N ALA A 10 1.79 -0.92 -8.71
CA ALA A 10 1.03 -1.95 -9.43
C ALA A 10 0.70 -3.12 -8.50
N GLY A 11 1.71 -3.58 -7.77
CA GLY A 11 1.50 -4.68 -6.83
C GLY A 11 0.63 -4.28 -5.65
N LEU A 12 0.72 -3.03 -5.25
CA LEU A 12 -0.09 -2.49 -4.16
C LEU A 12 -1.55 -2.36 -4.62
N ALA A 13 -1.73 -1.71 -5.77
CA ALA A 13 -3.04 -1.49 -6.37
C ALA A 13 -3.80 -2.80 -6.55
N GLU A 14 -3.12 -3.77 -7.13
CA GLU A 14 -3.67 -5.08 -7.38
C GLU A 14 -4.24 -5.69 -6.10
N ILE A 15 -3.58 -5.41 -4.99
CA ILE A 15 -3.93 -6.01 -3.72
C ILE A 15 -5.00 -5.21 -2.96
N VAL A 16 -4.98 -3.89 -3.08
CA VAL A 16 -6.00 -3.07 -2.42
C VAL A 16 -7.36 -3.30 -3.09
N ASN A 17 -7.31 -3.69 -4.36
CA ASN A 17 -8.49 -4.04 -5.12
C ASN A 17 -9.19 -5.25 -4.49
N GLU A 18 -8.42 -6.02 -3.71
CA GLU A 18 -8.94 -7.17 -3.00
C GLU A 18 -9.71 -6.72 -1.76
N ILE A 19 -9.32 -5.56 -1.24
CA ILE A 19 -9.90 -5.03 -0.01
C ILE A 19 -11.12 -4.19 -0.28
N ALA A 20 -10.97 -3.22 -1.18
CA ALA A 20 -12.05 -2.27 -1.46
C ALA A 20 -12.38 -2.24 -2.94
N GLY A 21 -11.67 -1.40 -3.69
CA GLY A 21 -11.90 -1.37 -5.13
C GLY A 21 -11.50 -0.06 -5.78
N ILE A 22 -10.26 0.38 -5.56
CA ILE A 22 -9.69 1.44 -6.38
C ILE A 22 -9.04 0.80 -7.60
N PRO A 23 -9.41 1.24 -8.82
CA PRO A 23 -8.79 0.75 -10.05
C PRO A 23 -7.27 0.87 -10.00
N VAL A 24 -6.58 -0.09 -10.60
CA VAL A 24 -5.12 -0.12 -10.56
C VAL A 24 -4.50 1.18 -11.07
N GLU A 25 -5.16 1.82 -12.02
CA GLU A 25 -4.66 3.07 -12.59
C GLU A 25 -4.99 4.27 -11.70
N ASP A 26 -5.96 4.11 -10.80
CA ASP A 26 -6.38 5.22 -9.94
C ASP A 26 -5.50 5.31 -8.70
N VAL A 27 -4.81 4.22 -8.40
CA VAL A 27 -3.92 4.17 -7.25
C VAL A 27 -2.78 5.17 -7.41
N LYS A 28 -2.81 6.18 -6.57
CA LYS A 28 -1.88 7.29 -6.64
C LYS A 28 -1.39 7.60 -5.24
N LEU A 29 -0.29 8.32 -5.16
CA LEU A 29 0.26 8.70 -3.88
C LEU A 29 -0.56 9.85 -3.27
N ASP A 30 -1.54 10.32 -4.02
CA ASP A 30 -2.35 11.47 -3.61
C ASP A 30 -3.71 11.06 -3.05
N LYS A 31 -4.08 9.79 -3.14
CA LYS A 31 -5.39 9.39 -2.66
C LYS A 31 -5.25 8.72 -1.31
N SER A 32 -6.19 9.01 -0.43
CA SER A 32 -6.10 8.60 0.96
C SER A 32 -6.66 7.19 1.14
N PHE A 33 -5.92 6.35 1.86
CA PHE A 33 -6.36 4.98 2.13
C PHE A 33 -7.68 4.99 2.88
N THR A 34 -7.75 5.82 3.90
CA THR A 34 -8.92 5.89 4.75
C THR A 34 -10.09 6.56 4.02
N ASP A 35 -9.79 7.53 3.17
CA ASP A 35 -10.84 8.29 2.47
C ASP A 35 -11.15 7.71 1.09
N ASP A 36 -10.20 7.83 0.18
CA ASP A 36 -10.38 7.44 -1.22
C ASP A 36 -10.48 5.94 -1.37
N LEU A 37 -9.54 5.23 -0.76
CA LEU A 37 -9.51 3.78 -0.86
C LEU A 37 -10.70 3.17 -0.14
N ASP A 38 -11.29 3.95 0.78
CA ASP A 38 -12.46 3.53 1.56
C ASP A 38 -12.11 2.28 2.36
N VAL A 39 -10.88 2.25 2.86
CA VAL A 39 -10.37 1.08 3.54
C VAL A 39 -10.42 1.27 5.05
N ASP A 40 -10.45 0.17 5.79
CA ASP A 40 -10.42 0.21 7.24
C ASP A 40 -9.03 -0.08 7.73
N SER A 41 -8.72 0.41 8.93
CA SER A 41 -7.41 0.24 9.55
C SER A 41 -6.98 -1.23 9.54
N LEU A 42 -7.89 -2.12 9.91
CA LEU A 42 -7.59 -3.55 9.90
C LEU A 42 -7.46 -4.04 8.46
N SER A 43 -8.44 -3.67 7.64
CA SER A 43 -8.48 -4.09 6.24
C SER A 43 -7.19 -3.74 5.50
N MET A 44 -6.76 -2.48 5.61
CA MET A 44 -5.54 -2.03 4.97
C MET A 44 -4.34 -2.80 5.47
N VAL A 45 -4.23 -2.95 6.78
CA VAL A 45 -3.11 -3.69 7.35
C VAL A 45 -3.10 -5.14 6.89
N GLU A 46 -4.27 -5.69 6.57
CA GLU A 46 -4.34 -7.10 6.24
C GLU A 46 -3.76 -7.39 4.86
N VAL A 47 -4.39 -6.89 3.81
CA VAL A 47 -3.96 -7.26 2.48
C VAL A 47 -2.83 -6.36 2.00
N VAL A 48 -2.69 -5.18 2.60
CA VAL A 48 -1.62 -4.27 2.19
C VAL A 48 -0.29 -4.70 2.83
N VAL A 49 -0.36 -5.37 3.98
CA VAL A 49 0.83 -6.03 4.54
C VAL A 49 1.18 -7.25 3.68
N ALA A 50 0.16 -7.93 3.17
CA ALA A 50 0.38 -8.98 2.20
C ALA A 50 1.03 -8.41 0.92
N ALA A 51 0.83 -7.10 0.71
CA ALA A 51 1.40 -6.40 -0.44
C ALA A 51 2.83 -5.96 -0.15
N GLU A 52 3.12 -5.59 1.09
CA GLU A 52 4.46 -5.12 1.43
C GLU A 52 5.46 -6.27 1.30
N GLU A 53 5.14 -7.39 1.92
CA GLU A 53 6.06 -8.52 1.97
C GLU A 53 6.29 -9.14 0.60
N ARG A 54 5.38 -8.93 -0.34
CA ARG A 54 5.50 -9.56 -1.65
C ARG A 54 6.61 -8.92 -2.47
N PHE A 55 7.01 -7.71 -2.09
CA PHE A 55 8.15 -7.05 -2.70
C PHE A 55 9.38 -7.19 -1.80
N ASP A 56 9.15 -7.78 -0.63
CA ASP A 56 10.16 -7.95 0.40
C ASP A 56 10.61 -6.60 0.95
N VAL A 57 9.70 -5.95 1.65
CA VAL A 57 10.01 -4.72 2.38
C VAL A 57 9.78 -4.98 3.87
N LYS A 58 10.29 -4.10 4.74
CA LYS A 58 10.08 -4.28 6.16
C LYS A 58 9.41 -3.04 6.77
N ILE A 59 8.15 -3.23 7.16
CA ILE A 59 7.40 -2.21 7.90
C ILE A 59 6.55 -2.90 8.97
N PRO A 60 6.41 -2.29 10.16
CA PRO A 60 5.59 -2.85 11.23
C PRO A 60 4.13 -3.02 10.81
N ASP A 61 3.53 -4.15 11.19
CA ASP A 61 2.16 -4.48 10.80
C ASP A 61 1.22 -3.31 11.03
N ASP A 62 1.19 -2.84 12.28
CA ASP A 62 0.27 -1.81 12.73
C ASP A 62 0.55 -0.48 12.02
N ASP A 63 1.75 -0.32 11.49
CA ASP A 63 2.19 0.96 10.93
C ASP A 63 1.40 1.31 9.67
N VAL A 64 0.79 0.30 9.03
CA VAL A 64 0.00 0.55 7.83
C VAL A 64 -1.24 1.41 8.17
N LYS A 65 -1.73 1.30 9.40
CA LYS A 65 -2.89 2.09 9.82
C LYS A 65 -2.50 3.55 10.07
N ASN A 66 -1.19 3.79 10.17
CA ASN A 66 -0.66 5.10 10.47
C ASN A 66 -0.66 5.98 9.22
N LEU A 67 -0.47 5.36 8.07
CA LEU A 67 -0.45 6.07 6.81
C LEU A 67 -1.86 6.28 6.30
N LYS A 68 -2.20 7.55 6.08
CA LYS A 68 -3.56 7.92 5.74
C LYS A 68 -3.79 7.88 4.24
N THR A 69 -2.72 7.75 3.46
CA THR A 69 -2.83 7.65 2.02
C THR A 69 -2.12 6.41 1.54
N VAL A 70 -2.52 5.89 0.38
CA VAL A 70 -1.85 4.75 -0.20
C VAL A 70 -0.44 5.13 -0.61
N GLY A 71 -0.28 6.38 -1.02
CA GLY A 71 1.00 6.87 -1.47
C GLY A 71 2.00 7.02 -0.33
N ASP A 72 1.50 7.40 0.84
CA ASP A 72 2.34 7.55 2.03
C ASP A 72 2.97 6.20 2.36
N ALA A 73 2.17 5.16 2.16
CA ALA A 73 2.64 3.79 2.33
C ALA A 73 3.73 3.46 1.34
N THR A 74 3.49 3.83 0.10
CA THR A 74 4.34 3.41 -0.98
C THR A 74 5.73 3.98 -0.77
N LYS A 75 5.79 5.28 -0.50
CA LYS A 75 7.06 5.95 -0.29
C LYS A 75 7.79 5.39 0.92
N TYR A 76 7.05 5.05 1.98
CA TYR A 76 7.66 4.42 3.14
C TYR A 76 8.17 3.03 2.80
N ILE A 77 7.39 2.30 2.01
CA ILE A 77 7.82 1.00 1.50
C ILE A 77 9.04 1.17 0.60
N LEU A 78 9.06 2.27 -0.15
CA LEU A 78 10.14 2.57 -1.08
C LEU A 78 11.40 2.99 -0.33
N ASP A 79 11.24 3.53 0.87
CA ASP A 79 12.39 3.90 1.70
C ASP A 79 12.93 2.69 2.46
N HIS A 80 12.04 1.80 2.87
CA HIS A 80 12.42 0.68 3.72
C HIS A 80 12.43 -0.63 2.93
N GLN A 81 12.52 -0.55 1.62
CA GLN A 81 12.51 -1.73 0.76
C GLN A 81 13.85 -2.46 0.80
N ALA A 82 13.80 -3.75 0.57
CA ALA A 82 15.02 -4.55 0.52
C ALA A 82 15.17 -5.20 -0.84
N MET A 1 16.03 -6.72 -5.88
CA MET A 1 14.60 -7.01 -5.71
C MET A 1 13.81 -5.73 -5.44
N ALA A 2 14.43 -4.59 -5.71
CA ALA A 2 13.79 -3.31 -5.48
C ALA A 2 12.85 -2.95 -6.62
N ALA A 3 11.63 -2.54 -6.29
CA ALA A 3 10.65 -2.17 -7.29
C ALA A 3 10.35 -0.68 -7.21
N THR A 4 10.18 -0.05 -8.35
CA THR A 4 9.86 1.37 -8.38
C THR A 4 8.36 1.59 -8.24
N GLN A 5 7.92 2.81 -8.45
CA GLN A 5 6.57 3.23 -8.13
C GLN A 5 5.52 2.54 -9.01
N GLU A 6 5.74 2.54 -10.33
CA GLU A 6 4.74 2.02 -11.27
C GLU A 6 4.47 0.54 -11.01
N GLU A 7 5.53 -0.21 -10.77
CA GLU A 7 5.43 -1.64 -10.56
C GLU A 7 4.73 -1.95 -9.25
N ILE A 8 5.22 -1.34 -8.17
CA ILE A 8 4.69 -1.58 -6.84
C ILE A 8 3.24 -1.06 -6.75
N VAL A 9 2.96 0.05 -7.43
CA VAL A 9 1.62 0.63 -7.45
C VAL A 9 0.61 -0.34 -8.05
N ALA A 10 0.99 -1.02 -9.12
CA ALA A 10 0.09 -2.01 -9.73
C ALA A 10 -0.20 -3.14 -8.75
N GLY A 11 0.85 -3.61 -8.09
CA GLY A 11 0.70 -4.66 -7.10
C GLY A 11 -0.13 -4.21 -5.91
N LEU A 12 0.16 -3.02 -5.42
CA LEU A 12 -0.59 -2.43 -4.30
C LEU A 12 -2.05 -2.24 -4.72
N ALA A 13 -2.24 -1.61 -5.87
CA ALA A 13 -3.57 -1.27 -6.39
C ALA A 13 -4.50 -2.47 -6.44
N GLU A 14 -4.08 -3.50 -7.17
CA GLU A 14 -4.91 -4.68 -7.37
C GLU A 14 -5.18 -5.36 -6.04
N ILE A 15 -4.21 -5.30 -5.14
CA ILE A 15 -4.34 -5.92 -3.84
C ILE A 15 -5.34 -5.14 -2.95
N VAL A 16 -5.37 -3.82 -3.10
CA VAL A 16 -6.34 -3.02 -2.35
C VAL A 16 -7.72 -3.21 -2.94
N ASN A 17 -7.77 -3.56 -4.22
CA ASN A 17 -9.02 -3.83 -4.89
C ASN A 17 -9.69 -5.07 -4.28
N GLU A 18 -8.85 -5.98 -3.75
CA GLU A 18 -9.36 -7.14 -3.02
C GLU A 18 -10.07 -6.68 -1.76
N ILE A 19 -9.50 -5.66 -1.14
CA ILE A 19 -9.99 -5.16 0.13
C ILE A 19 -11.28 -4.35 -0.06
N ALA A 20 -11.21 -3.37 -0.94
CA ALA A 20 -12.32 -2.46 -1.15
C ALA A 20 -12.64 -2.34 -2.64
N GLY A 21 -11.97 -1.44 -3.35
CA GLY A 21 -12.16 -1.37 -4.78
C GLY A 21 -11.87 -0.02 -5.41
N ILE A 22 -10.63 0.44 -5.30
CA ILE A 22 -10.17 1.55 -6.13
C ILE A 22 -9.61 0.96 -7.42
N PRO A 23 -9.97 1.53 -8.59
CA PRO A 23 -9.40 1.12 -9.87
C PRO A 23 -7.87 1.17 -9.83
N VAL A 24 -7.22 0.22 -10.47
CA VAL A 24 -5.77 0.08 -10.39
C VAL A 24 -5.07 1.32 -10.95
N GLU A 25 -5.70 1.95 -11.94
CA GLU A 25 -5.17 3.16 -12.55
C GLU A 25 -5.47 4.39 -11.70
N ASP A 26 -6.41 4.26 -10.77
CA ASP A 26 -6.80 5.38 -9.92
C ASP A 26 -5.90 5.44 -8.69
N VAL A 27 -5.16 4.37 -8.46
CA VAL A 27 -4.27 4.30 -7.31
C VAL A 27 -3.07 5.18 -7.50
N LYS A 28 -2.99 6.19 -6.65
CA LYS A 28 -1.98 7.22 -6.73
C LYS A 28 -1.43 7.48 -5.35
N LEU A 29 -0.36 8.24 -5.27
CA LEU A 29 0.23 8.57 -3.99
C LEU A 29 -0.56 9.68 -3.31
N ASP A 30 -1.57 10.17 -4.00
CA ASP A 30 -2.33 11.32 -3.54
C ASP A 30 -3.60 10.90 -2.81
N LYS A 31 -4.08 9.69 -3.06
CA LYS A 31 -5.40 9.31 -2.57
C LYS A 31 -5.27 8.62 -1.22
N SER A 32 -6.25 8.86 -0.35
CA SER A 32 -6.17 8.42 1.03
C SER A 32 -6.65 6.97 1.16
N PHE A 33 -5.91 6.17 1.92
CA PHE A 33 -6.26 4.77 2.14
C PHE A 33 -7.59 4.67 2.85
N THR A 34 -7.75 5.46 3.89
CA THR A 34 -8.95 5.41 4.70
C THR A 34 -10.11 6.12 4.02
N ASP A 35 -9.79 7.13 3.22
CA ASP A 35 -10.82 7.95 2.57
C ASP A 35 -11.18 7.41 1.18
N ASP A 36 -10.22 7.47 0.27
CA ASP A 36 -10.43 7.06 -1.12
C ASP A 36 -10.56 5.56 -1.24
N LEU A 37 -9.53 4.86 -0.75
CA LEU A 37 -9.47 3.41 -0.84
C LEU A 37 -10.60 2.80 -0.01
N ASP A 38 -11.10 3.58 0.96
CA ASP A 38 -12.16 3.14 1.86
C ASP A 38 -11.78 1.83 2.53
N VAL A 39 -10.75 1.90 3.35
CA VAL A 39 -10.17 0.72 3.93
C VAL A 39 -10.16 0.79 5.46
N ASP A 40 -10.39 -0.34 6.13
CA ASP A 40 -10.37 -0.39 7.59
C ASP A 40 -8.96 -0.68 8.08
N SER A 41 -8.73 -0.41 9.36
CA SER A 41 -7.42 -0.61 9.97
C SER A 41 -6.95 -2.04 9.75
N LEU A 42 -7.82 -3.00 10.04
CA LEU A 42 -7.50 -4.41 9.82
C LEU A 42 -7.30 -4.66 8.34
N SER A 43 -8.26 -4.19 7.54
CA SER A 43 -8.29 -4.42 6.11
C SER A 43 -7.00 -3.96 5.43
N MET A 44 -6.59 -2.72 5.72
CA MET A 44 -5.38 -2.16 5.13
C MET A 44 -4.16 -2.95 5.54
N VAL A 45 -4.08 -3.31 6.80
CA VAL A 45 -2.94 -4.09 7.28
C VAL A 45 -2.98 -5.51 6.70
N GLU A 46 -4.16 -5.99 6.35
CA GLU A 46 -4.30 -7.38 5.95
C GLU A 46 -3.70 -7.62 4.56
N VAL A 47 -4.30 -7.02 3.54
CA VAL A 47 -3.88 -7.31 2.19
C VAL A 47 -2.73 -6.39 1.76
N VAL A 48 -2.59 -5.24 2.40
CA VAL A 48 -1.51 -4.33 2.04
C VAL A 48 -0.19 -4.81 2.65
N VAL A 49 -0.28 -5.54 3.77
CA VAL A 49 0.90 -6.24 4.30
C VAL A 49 1.26 -7.38 3.36
N ALA A 50 0.25 -8.07 2.84
CA ALA A 50 0.47 -9.08 1.82
C ALA A 50 1.16 -8.46 0.59
N ALA A 51 0.97 -7.16 0.41
CA ALA A 51 1.57 -6.44 -0.71
C ALA A 51 3.00 -5.99 -0.41
N GLU A 52 3.27 -5.58 0.82
CA GLU A 52 4.60 -5.09 1.17
C GLU A 52 5.61 -6.24 1.12
N GLU A 53 5.25 -7.34 1.76
CA GLU A 53 6.16 -8.46 1.91
C GLU A 53 6.51 -9.09 0.56
N ARG A 54 5.61 -8.99 -0.42
CA ARG A 54 5.86 -9.60 -1.73
C ARG A 54 6.85 -8.77 -2.54
N PHE A 55 7.17 -7.58 -2.04
CA PHE A 55 8.22 -6.77 -2.65
C PHE A 55 9.46 -6.80 -1.77
N ASP A 56 9.50 -7.81 -0.89
CA ASP A 56 10.65 -8.10 -0.06
C ASP A 56 10.94 -7.00 0.96
N VAL A 57 9.92 -6.24 1.31
CA VAL A 57 10.05 -5.26 2.37
C VAL A 57 9.16 -5.68 3.55
N LYS A 58 9.55 -5.29 4.75
CA LYS A 58 8.66 -5.45 5.88
C LYS A 58 8.67 -4.20 6.73
N ILE A 59 7.54 -3.53 6.77
CA ILE A 59 7.34 -2.34 7.56
C ILE A 59 6.54 -2.71 8.81
N PRO A 60 6.51 -1.83 9.82
CA PRO A 60 5.64 -2.05 10.98
C PRO A 60 4.20 -2.25 10.56
N ASP A 61 3.65 -3.42 10.89
CA ASP A 61 2.27 -3.75 10.51
C ASP A 61 1.31 -2.69 10.99
N ASP A 62 1.56 -2.21 12.20
CA ASP A 62 0.76 -1.15 12.81
C ASP A 62 0.88 0.16 12.02
N ASP A 63 1.97 0.32 11.28
CA ASP A 63 2.23 1.56 10.57
C ASP A 63 1.38 1.64 9.30
N VAL A 64 0.99 0.49 8.75
CA VAL A 64 0.07 0.49 7.61
C VAL A 64 -1.25 1.11 8.04
N LYS A 65 -1.59 0.91 9.31
CA LYS A 65 -2.76 1.54 9.92
C LYS A 65 -2.50 3.03 10.12
N ASN A 66 -1.24 3.35 10.36
CA ASN A 66 -0.84 4.70 10.72
C ASN A 66 -0.92 5.63 9.52
N LEU A 67 -0.52 5.12 8.37
CA LEU A 67 -0.59 5.88 7.12
C LEU A 67 -2.02 5.95 6.61
N LYS A 68 -2.45 7.15 6.26
CA LYS A 68 -3.83 7.37 5.88
C LYS A 68 -3.98 7.54 4.38
N THR A 69 -2.88 7.49 3.65
CA THR A 69 -2.92 7.54 2.19
C THR A 69 -2.15 6.36 1.62
N VAL A 70 -2.58 5.85 0.47
CA VAL A 70 -1.88 4.74 -0.16
C VAL A 70 -0.50 5.20 -0.61
N GLY A 71 -0.40 6.47 -0.99
CA GLY A 71 0.86 6.98 -1.46
C GLY A 71 1.91 7.06 -0.38
N ASP A 72 1.51 7.53 0.81
CA ASP A 72 2.42 7.61 1.94
C ASP A 72 2.98 6.23 2.25
N ALA A 73 2.10 5.22 2.19
CA ALA A 73 2.50 3.84 2.36
C ALA A 73 3.50 3.43 1.33
N THR A 74 3.07 3.54 0.08
CA THR A 74 3.82 3.07 -1.05
C THR A 74 5.20 3.72 -1.10
N LYS A 75 5.23 5.04 -0.94
CA LYS A 75 6.49 5.77 -0.98
C LYS A 75 7.37 5.38 0.19
N TYR A 76 6.76 5.09 1.34
CA TYR A 76 7.48 4.60 2.52
C TYR A 76 8.06 3.22 2.24
N ILE A 77 7.26 2.38 1.60
CA ILE A 77 7.72 1.07 1.14
C ILE A 77 8.91 1.23 0.20
N LEU A 78 8.77 2.16 -0.73
CA LEU A 78 9.79 2.42 -1.74
C LEU A 78 11.06 3.00 -1.11
N ASP A 79 10.86 3.84 -0.11
CA ASP A 79 11.96 4.53 0.56
C ASP A 79 12.73 3.58 1.48
N HIS A 80 12.09 2.49 1.88
CA HIS A 80 12.70 1.54 2.82
C HIS A 80 12.65 0.12 2.30
N GLN A 81 12.66 -0.05 0.99
CA GLN A 81 12.56 -1.37 0.39
C GLN A 81 13.90 -2.11 0.42
N ALA A 82 13.90 -3.33 -0.11
CA ALA A 82 15.10 -4.15 -0.12
C ALA A 82 15.93 -3.90 -1.37
N MET A 1 -15.45 8.50 -5.83
CA MET A 1 -15.44 8.33 -4.35
C MET A 1 -14.66 7.07 -3.98
N ALA A 2 -15.22 5.91 -4.29
CA ALA A 2 -14.54 4.65 -4.07
C ALA A 2 -13.45 4.48 -5.13
N ALA A 3 -12.34 3.91 -4.73
CA ALA A 3 -11.19 3.80 -5.62
C ALA A 3 -10.91 2.34 -5.94
N THR A 4 -10.76 2.05 -7.22
CA THR A 4 -10.45 0.69 -7.64
C THR A 4 -8.94 0.49 -7.63
N GLN A 5 -8.47 -0.59 -8.26
CA GLN A 5 -7.08 -0.98 -8.17
C GLN A 5 -6.17 0.08 -8.76
N GLU A 6 -6.40 0.42 -10.02
CA GLU A 6 -5.52 1.32 -10.75
C GLU A 6 -5.43 2.68 -10.07
N GLU A 7 -6.55 3.12 -9.52
CA GLU A 7 -6.62 4.43 -8.87
C GLU A 7 -5.81 4.43 -7.58
N ILE A 8 -6.14 3.49 -6.70
CA ILE A 8 -5.48 3.40 -5.40
C ILE A 8 -4.01 3.06 -5.59
N VAL A 9 -3.71 2.26 -6.61
CA VAL A 9 -2.34 1.89 -6.93
C VAL A 9 -1.53 3.12 -7.28
N ALA A 10 -2.12 4.07 -8.00
CA ALA A 10 -1.42 5.30 -8.34
C ALA A 10 -1.03 6.06 -7.08
N GLY A 11 -1.98 6.20 -6.16
CA GLY A 11 -1.71 6.87 -4.91
C GLY A 11 -0.72 6.11 -4.03
N LEU A 12 -0.87 4.79 -4.02
CA LEU A 12 0.01 3.92 -3.25
C LEU A 12 1.42 3.96 -3.82
N ALA A 13 1.52 3.74 -5.14
CA ALA A 13 2.79 3.70 -5.85
C ALA A 13 3.59 4.98 -5.65
N GLU A 14 2.93 6.10 -5.85
CA GLU A 14 3.53 7.42 -5.66
C GLU A 14 4.20 7.53 -4.29
N ILE A 15 3.58 6.90 -3.31
CA ILE A 15 4.02 7.00 -1.94
C ILE A 15 5.11 5.97 -1.60
N VAL A 16 4.97 4.74 -2.09
CA VAL A 16 5.98 3.72 -1.82
C VAL A 16 7.27 4.08 -2.53
N ASN A 17 7.12 4.86 -3.59
CA ASN A 17 8.26 5.34 -4.37
C ASN A 17 9.20 6.15 -3.47
N GLU A 18 8.66 6.76 -2.42
CA GLU A 18 9.49 7.47 -1.45
C GLU A 18 10.27 6.49 -0.60
N ILE A 19 9.55 5.49 -0.10
CA ILE A 19 10.12 4.53 0.84
C ILE A 19 11.30 3.81 0.22
N ALA A 20 11.09 3.24 -0.95
CA ALA A 20 12.13 2.47 -1.60
C ALA A 20 12.36 2.96 -3.03
N GLY A 21 11.55 2.48 -3.96
CA GLY A 21 11.67 2.96 -5.33
C GLY A 21 11.16 1.97 -6.37
N ILE A 22 9.88 1.61 -6.29
CA ILE A 22 9.23 0.90 -7.39
C ILE A 22 8.51 1.92 -8.26
N PRO A 23 8.73 1.92 -9.58
CA PRO A 23 8.01 2.78 -10.50
C PRO A 23 6.50 2.62 -10.36
N VAL A 24 5.76 3.69 -10.60
CA VAL A 24 4.31 3.68 -10.42
C VAL A 24 3.65 2.71 -11.41
N GLU A 25 4.41 2.37 -12.44
CA GLU A 25 3.95 1.44 -13.47
C GLU A 25 4.11 -0.01 -13.01
N ASP A 26 4.99 -0.24 -12.04
CA ASP A 26 5.35 -1.60 -11.65
C ASP A 26 4.59 -2.05 -10.41
N VAL A 27 3.97 -1.10 -9.72
CA VAL A 27 3.22 -1.40 -8.52
C VAL A 27 1.97 -2.19 -8.85
N LYS A 28 1.87 -3.38 -8.27
CA LYS A 28 0.82 -4.32 -8.59
C LYS A 28 0.44 -5.07 -7.33
N LEU A 29 -0.68 -5.76 -7.36
CA LEU A 29 -1.11 -6.57 -6.24
C LEU A 29 -0.30 -7.85 -6.19
N ASP A 30 0.59 -7.98 -7.15
CA ASP A 30 1.38 -9.19 -7.34
C ASP A 30 2.76 -9.09 -6.70
N LYS A 31 3.25 -7.86 -6.49
CA LYS A 31 4.63 -7.70 -6.02
C LYS A 31 4.67 -7.54 -4.50
N SER A 32 5.67 -8.14 -3.89
CA SER A 32 5.77 -8.20 -2.44
C SER A 32 6.34 -6.91 -1.87
N PHE A 33 5.68 -6.39 -0.83
CA PHE A 33 6.16 -5.20 -0.13
C PHE A 33 7.55 -5.44 0.42
N THR A 34 7.70 -6.57 1.08
CA THR A 34 8.95 -6.89 1.73
C THR A 34 10.02 -7.30 0.73
N ASP A 35 9.62 -8.02 -0.32
CA ASP A 35 10.59 -8.53 -1.28
C ASP A 35 10.81 -7.59 -2.46
N ASP A 36 9.73 -7.31 -3.19
CA ASP A 36 9.81 -6.47 -4.41
C ASP A 36 10.01 -5.01 -4.06
N LEU A 37 9.18 -4.51 -3.15
CA LEU A 37 9.26 -3.12 -2.73
C LEU A 37 10.50 -2.91 -1.86
N ASP A 38 11.06 -4.03 -1.36
CA ASP A 38 12.25 -4.01 -0.50
C ASP A 38 11.98 -3.15 0.72
N VAL A 39 10.74 -3.18 1.17
CA VAL A 39 10.29 -2.28 2.21
C VAL A 39 10.55 -2.84 3.60
N ASP A 40 10.54 -1.95 4.58
CA ASP A 40 10.85 -2.30 5.95
C ASP A 40 9.63 -2.15 6.83
N SER A 41 9.61 -2.88 7.95
CA SER A 41 8.52 -2.87 8.92
C SER A 41 7.99 -1.45 9.18
N LEU A 42 8.87 -0.58 9.65
CA LEU A 42 8.45 0.78 9.97
C LEU A 42 8.23 1.54 8.66
N SER A 43 9.13 1.35 7.72
CA SER A 43 9.09 2.04 6.44
C SER A 43 7.73 1.88 5.75
N MET A 44 7.28 0.63 5.63
CA MET A 44 6.01 0.34 5.00
C MET A 44 4.87 0.97 5.78
N VAL A 45 4.86 0.79 7.08
CA VAL A 45 3.81 1.35 7.90
C VAL A 45 3.86 2.88 7.88
N GLU A 46 5.01 3.45 7.59
CA GLU A 46 5.17 4.89 7.67
C GLU A 46 4.50 5.61 6.49
N VAL A 47 5.01 5.41 5.29
CA VAL A 47 4.48 6.16 4.15
C VAL A 47 3.25 5.48 3.59
N VAL A 48 3.10 4.18 3.82
CA VAL A 48 1.93 3.46 3.32
C VAL A 48 0.72 3.72 4.24
N VAL A 49 0.97 4.10 5.50
CA VAL A 49 -0.10 4.62 6.34
C VAL A 49 -0.53 5.98 5.81
N ALA A 50 0.43 6.77 5.32
CA ALA A 50 0.11 8.01 4.64
C ALA A 50 -0.69 7.72 3.36
N ALA A 51 -0.52 6.52 2.82
CA ALA A 51 -1.19 6.13 1.59
C ALA A 51 -2.60 5.63 1.83
N GLU A 52 -2.83 4.92 2.92
CA GLU A 52 -4.16 4.42 3.23
C GLU A 52 -5.11 5.56 3.52
N GLU A 53 -4.65 6.46 4.39
CA GLU A 53 -5.49 7.52 4.90
C GLU A 53 -5.81 8.57 3.83
N ARG A 54 -4.96 8.67 2.81
CA ARG A 54 -5.19 9.62 1.72
C ARG A 54 -6.33 9.11 0.82
N PHE A 55 -6.74 7.86 1.03
CA PHE A 55 -7.87 7.30 0.32
C PHE A 55 -9.05 7.10 1.27
N ASP A 56 -9.01 7.82 2.39
CA ASP A 56 -10.13 7.89 3.33
C ASP A 56 -10.39 6.56 4.03
N VAL A 57 -9.36 5.73 4.16
CA VAL A 57 -9.49 4.49 4.91
C VAL A 57 -8.52 4.51 6.09
N LYS A 58 -8.83 3.75 7.13
CA LYS A 58 -7.89 3.53 8.21
C LYS A 58 -7.84 2.06 8.60
N ILE A 59 -6.68 1.47 8.37
CA ILE A 59 -6.43 0.09 8.73
C ILE A 59 -5.56 0.05 9.98
N PRO A 60 -5.50 -1.11 10.67
CA PRO A 60 -4.62 -1.27 11.82
C PRO A 60 -3.15 -1.08 11.43
N ASP A 61 -2.44 -0.28 12.21
CA ASP A 61 -1.03 0.02 11.95
C ASP A 61 -0.23 -1.27 11.74
N ASP A 62 -0.37 -2.19 12.68
CA ASP A 62 0.34 -3.46 12.66
C ASP A 62 -0.02 -4.30 11.44
N ASP A 63 -1.18 -4.01 10.83
CA ASP A 63 -1.69 -4.83 9.75
C ASP A 63 -0.86 -4.63 8.47
N VAL A 64 -0.36 -3.41 8.25
CA VAL A 64 0.47 -3.16 7.07
C VAL A 64 1.71 -4.05 7.11
N LYS A 65 2.25 -4.21 8.31
CA LYS A 65 3.41 -5.05 8.54
C LYS A 65 3.04 -6.54 8.45
N ASN A 66 1.75 -6.82 8.58
CA ASN A 66 1.27 -8.20 8.56
C ASN A 66 1.26 -8.77 7.15
N LEU A 67 0.96 -7.91 6.18
CA LEU A 67 0.91 -8.32 4.78
C LEU A 67 2.30 -8.37 4.16
N LYS A 68 2.43 -9.20 3.13
CA LYS A 68 3.73 -9.42 2.51
C LYS A 68 3.84 -8.72 1.18
N THR A 69 2.70 -8.54 0.51
CA THR A 69 2.70 -7.91 -0.79
C THR A 69 2.02 -6.55 -0.68
N VAL A 70 2.32 -5.65 -1.60
CA VAL A 70 1.63 -4.38 -1.62
C VAL A 70 0.15 -4.61 -1.94
N GLY A 71 -0.11 -5.66 -2.72
CA GLY A 71 -1.46 -5.98 -3.12
C GLY A 71 -2.37 -6.32 -1.94
N ASP A 72 -1.80 -6.99 -0.93
CA ASP A 72 -2.55 -7.34 0.27
C ASP A 72 -3.15 -6.10 0.91
N ALA A 73 -2.28 -5.15 1.24
CA ALA A 73 -2.71 -3.87 1.81
C ALA A 73 -3.71 -3.21 0.91
N THR A 74 -3.39 -3.22 -0.38
CA THR A 74 -4.21 -2.55 -1.36
C THR A 74 -5.64 -3.07 -1.31
N LYS A 75 -5.82 -4.39 -1.41
CA LYS A 75 -7.15 -4.97 -1.38
C LYS A 75 -7.79 -4.78 0.00
N TYR A 76 -6.97 -4.87 1.04
CA TYR A 76 -7.42 -4.64 2.41
C TYR A 76 -7.97 -3.22 2.53
N ILE A 77 -7.28 -2.28 1.91
CA ILE A 77 -7.72 -0.90 1.82
C ILE A 77 -9.00 -0.79 1.00
N LEU A 78 -8.99 -1.42 -0.15
CA LEU A 78 -10.07 -1.31 -1.12
C LEU A 78 -11.38 -1.87 -0.61
N ASP A 79 -11.32 -3.04 0.01
CA ASP A 79 -12.52 -3.70 0.51
C ASP A 79 -12.93 -3.20 1.88
N HIS A 80 -12.12 -2.33 2.49
CA HIS A 80 -12.44 -1.79 3.80
C HIS A 80 -12.40 -0.27 3.81
N GLN A 81 -12.42 0.34 2.63
CA GLN A 81 -12.41 1.80 2.54
C GLN A 81 -13.80 2.33 2.86
N ALA A 82 -13.87 3.56 3.35
CA ALA A 82 -15.12 4.13 3.81
C ALA A 82 -16.07 4.43 2.65
N MET A 1 -15.17 8.79 -6.68
CA MET A 1 -14.47 9.36 -5.51
C MET A 1 -13.62 8.30 -4.84
N ALA A 2 -14.19 7.12 -4.64
CA ALA A 2 -13.44 6.00 -4.10
C ALA A 2 -12.45 5.50 -5.14
N ALA A 3 -11.20 5.41 -4.74
CA ALA A 3 -10.13 5.05 -5.65
C ALA A 3 -10.16 3.57 -5.93
N THR A 4 -10.39 3.22 -7.18
CA THR A 4 -10.38 1.82 -7.59
C THR A 4 -8.94 1.36 -7.81
N GLN A 5 -8.76 0.09 -8.15
CA GLN A 5 -7.45 -0.51 -8.20
C GLN A 5 -6.45 0.32 -9.02
N GLU A 6 -6.82 0.67 -10.24
CA GLU A 6 -5.95 1.49 -11.11
C GLU A 6 -5.55 2.81 -10.43
N GLU A 7 -6.54 3.49 -9.89
CA GLU A 7 -6.34 4.80 -9.28
C GLU A 7 -5.50 4.69 -8.02
N ILE A 8 -5.90 3.77 -7.13
CA ILE A 8 -5.23 3.60 -5.85
C ILE A 8 -3.82 3.06 -6.05
N VAL A 9 -3.64 2.21 -7.05
CA VAL A 9 -2.33 1.65 -7.36
C VAL A 9 -1.36 2.76 -7.71
N ALA A 10 -1.85 3.80 -8.38
CA ALA A 10 -1.01 4.95 -8.70
C ALA A 10 -0.63 5.71 -7.44
N GLY A 11 -1.61 5.90 -6.56
CA GLY A 11 -1.37 6.60 -5.31
C GLY A 11 -0.47 5.80 -4.39
N LEU A 12 -0.73 4.50 -4.31
CA LEU A 12 0.07 3.59 -3.51
C LEU A 12 1.50 3.55 -4.04
N ALA A 13 1.63 3.49 -5.37
CA ALA A 13 2.93 3.53 -6.03
C ALA A 13 3.72 4.75 -5.62
N GLU A 14 3.11 5.91 -5.81
CA GLU A 14 3.73 7.19 -5.43
C GLU A 14 4.19 7.15 -3.98
N ILE A 15 3.33 6.61 -3.14
CA ILE A 15 3.60 6.51 -1.71
C ILE A 15 4.83 5.65 -1.41
N VAL A 16 4.85 4.43 -1.92
CA VAL A 16 5.95 3.51 -1.63
C VAL A 16 7.23 3.97 -2.30
N ASN A 17 7.08 4.75 -3.36
CA ASN A 17 8.22 5.31 -4.07
C ASN A 17 9.03 6.20 -3.14
N GLU A 18 8.36 6.80 -2.16
CA GLU A 18 9.05 7.61 -1.15
C GLU A 18 9.83 6.70 -0.21
N ILE A 19 9.20 5.61 0.19
CA ILE A 19 9.78 4.70 1.15
C ILE A 19 11.03 4.02 0.58
N ALA A 20 10.88 3.44 -0.59
CA ALA A 20 11.97 2.71 -1.21
C ALA A 20 12.19 3.20 -2.64
N GLY A 21 11.34 2.78 -3.56
CA GLY A 21 11.44 3.29 -4.92
C GLY A 21 11.03 2.30 -5.99
N ILE A 22 9.85 1.70 -5.85
CA ILE A 22 9.27 0.94 -6.94
C ILE A 22 8.61 1.91 -7.93
N PRO A 23 9.00 1.85 -9.22
CA PRO A 23 8.38 2.67 -10.26
C PRO A 23 6.86 2.53 -10.27
N VAL A 24 6.17 3.60 -10.63
CA VAL A 24 4.71 3.65 -10.52
C VAL A 24 4.02 2.58 -11.40
N GLU A 25 4.66 2.25 -12.51
CA GLU A 25 4.12 1.25 -13.43
C GLU A 25 4.40 -0.17 -12.94
N ASP A 26 5.36 -0.30 -12.02
CA ASP A 26 5.81 -1.61 -11.57
C ASP A 26 4.93 -2.12 -10.43
N VAL A 27 4.21 -1.21 -9.80
CA VAL A 27 3.35 -1.57 -8.67
C VAL A 27 2.20 -2.44 -9.15
N LYS A 28 2.14 -3.64 -8.59
CA LYS A 28 1.16 -4.63 -8.97
C LYS A 28 0.72 -5.37 -7.72
N LEU A 29 -0.37 -6.10 -7.82
CA LEU A 29 -0.93 -6.79 -6.68
C LEU A 29 -0.15 -8.07 -6.36
N ASP A 30 0.84 -8.40 -7.19
CA ASP A 30 1.58 -9.64 -7.03
C ASP A 30 2.99 -9.39 -6.49
N LYS A 31 3.41 -8.14 -6.40
CA LYS A 31 4.76 -7.85 -5.94
C LYS A 31 4.73 -7.67 -4.42
N SER A 32 5.74 -8.20 -3.75
CA SER A 32 5.75 -8.25 -2.31
C SER A 32 6.35 -7.00 -1.69
N PHE A 33 5.70 -6.47 -0.66
CA PHE A 33 6.18 -5.28 0.04
C PHE A 33 7.58 -5.52 0.57
N THR A 34 7.75 -6.66 1.22
CA THR A 34 9.00 -7.00 1.85
C THR A 34 10.07 -7.35 0.82
N ASP A 35 9.64 -7.92 -0.31
CA ASP A 35 10.59 -8.37 -1.34
C ASP A 35 10.82 -7.30 -2.38
N ASP A 36 9.79 -7.05 -3.18
CA ASP A 36 9.90 -6.19 -4.36
C ASP A 36 9.97 -4.74 -3.96
N LEU A 37 9.05 -4.33 -3.08
CA LEU A 37 8.98 -2.94 -2.64
C LEU A 37 10.21 -2.58 -1.82
N ASP A 38 10.92 -3.60 -1.33
CA ASP A 38 12.14 -3.41 -0.54
C ASP A 38 11.81 -2.64 0.74
N VAL A 39 10.64 -2.91 1.27
CA VAL A 39 10.11 -2.12 2.36
C VAL A 39 10.36 -2.79 3.71
N ASP A 40 10.51 -1.96 4.74
CA ASP A 40 10.62 -2.43 6.12
C ASP A 40 9.28 -2.35 6.81
N SER A 41 9.07 -3.17 7.83
CA SER A 41 7.81 -3.24 8.54
C SER A 41 7.33 -1.87 9.00
N LEU A 42 8.25 -1.07 9.56
CA LEU A 42 7.88 0.26 10.00
C LEU A 42 7.80 1.20 8.81
N SER A 43 8.73 1.03 7.87
CA SER A 43 8.74 1.86 6.68
C SER A 43 7.41 1.79 5.94
N MET A 44 6.91 0.58 5.72
CA MET A 44 5.62 0.40 5.05
C MET A 44 4.51 1.04 5.87
N VAL A 45 4.49 0.80 7.16
CA VAL A 45 3.45 1.39 8.00
C VAL A 45 3.58 2.92 8.01
N GLU A 46 4.76 3.42 7.72
CA GLU A 46 5.03 4.84 7.82
C GLU A 46 4.39 5.62 6.69
N VAL A 47 4.84 5.40 5.46
CA VAL A 47 4.32 6.19 4.36
C VAL A 47 3.08 5.53 3.74
N VAL A 48 2.89 4.23 3.95
CA VAL A 48 1.71 3.57 3.41
C VAL A 48 0.51 3.85 4.32
N VAL A 49 0.76 4.29 5.55
CA VAL A 49 -0.29 4.87 6.38
C VAL A 49 -0.54 6.31 5.93
N ALA A 50 0.51 6.98 5.50
CA ALA A 50 0.33 8.26 4.81
C ALA A 50 -0.52 8.04 3.55
N ALA A 51 -0.49 6.81 3.05
CA ALA A 51 -1.29 6.42 1.90
C ALA A 51 -2.72 6.09 2.29
N GLU A 52 -2.93 5.44 3.44
CA GLU A 52 -4.27 5.00 3.82
C GLU A 52 -5.17 6.22 3.94
N GLU A 53 -4.68 7.23 4.63
CA GLU A 53 -5.50 8.37 4.98
C GLU A 53 -5.76 9.30 3.79
N ARG A 54 -4.91 9.25 2.75
CA ARG A 54 -5.17 10.05 1.56
C ARG A 54 -6.31 9.44 0.75
N PHE A 55 -6.67 8.21 1.10
CA PHE A 55 -7.81 7.55 0.48
C PHE A 55 -9.01 7.61 1.43
N ASP A 56 -8.86 8.41 2.49
CA ASP A 56 -9.93 8.62 3.49
C ASP A 56 -10.29 7.34 4.20
N VAL A 57 -9.33 6.45 4.36
CA VAL A 57 -9.57 5.18 5.04
C VAL A 57 -8.73 5.12 6.31
N LYS A 58 -9.09 4.21 7.21
CA LYS A 58 -8.31 3.99 8.42
C LYS A 58 -8.00 2.50 8.58
N ILE A 59 -6.74 2.14 8.52
CA ILE A 59 -6.32 0.77 8.73
C ILE A 59 -5.42 0.67 9.96
N PRO A 60 -5.31 -0.52 10.55
CA PRO A 60 -4.42 -0.75 11.69
C PRO A 60 -2.94 -0.70 11.29
N ASP A 61 -2.13 -0.02 12.10
CA ASP A 61 -0.69 0.09 11.86
C ASP A 61 -0.07 -1.28 11.61
N ASP A 62 -0.24 -2.15 12.57
CA ASP A 62 0.37 -3.48 12.52
C ASP A 62 -0.23 -4.36 11.44
N ASP A 63 -1.41 -4.00 10.95
CA ASP A 63 -2.03 -4.80 9.90
C ASP A 63 -1.35 -4.54 8.56
N VAL A 64 -0.65 -3.41 8.47
CA VAL A 64 0.14 -3.12 7.27
C VAL A 64 1.38 -4.01 7.23
N LYS A 65 2.15 -4.02 8.32
CA LYS A 65 3.35 -4.87 8.39
C LYS A 65 2.96 -6.35 8.44
N ASN A 66 1.67 -6.59 8.58
CA ASN A 66 1.13 -7.94 8.57
C ASN A 66 1.09 -8.48 7.14
N LEU A 67 0.80 -7.61 6.19
CA LEU A 67 0.72 -7.99 4.79
C LEU A 67 2.09 -7.86 4.11
N LYS A 68 2.50 -8.94 3.45
CA LYS A 68 3.83 -8.99 2.85
C LYS A 68 3.80 -8.60 1.38
N THR A 69 2.64 -8.24 0.87
CA THR A 69 2.52 -7.84 -0.52
C THR A 69 1.76 -6.53 -0.63
N VAL A 70 2.09 -5.72 -1.62
CA VAL A 70 1.39 -4.47 -1.83
C VAL A 70 -0.03 -4.74 -2.31
N GLY A 71 -0.18 -5.80 -3.10
CA GLY A 71 -1.48 -6.16 -3.61
C GLY A 71 -2.48 -6.44 -2.50
N ASP A 72 -2.02 -7.14 -1.47
CA ASP A 72 -2.87 -7.45 -0.32
C ASP A 72 -3.32 -6.16 0.35
N ALA A 73 -2.36 -5.29 0.63
CA ALA A 73 -2.64 -3.97 1.21
C ALA A 73 -3.67 -3.23 0.42
N THR A 74 -3.39 -3.12 -0.87
CA THR A 74 -4.21 -2.35 -1.77
C THR A 74 -5.64 -2.86 -1.76
N LYS A 75 -5.79 -4.17 -1.90
CA LYS A 75 -7.13 -4.78 -1.94
C LYS A 75 -7.80 -4.68 -0.57
N TYR A 76 -6.98 -4.68 0.48
CA TYR A 76 -7.47 -4.46 1.84
C TYR A 76 -8.03 -3.04 1.97
N ILE A 77 -7.28 -2.07 1.46
CA ILE A 77 -7.72 -0.68 1.40
C ILE A 77 -8.97 -0.55 0.52
N LEU A 78 -8.99 -1.34 -0.55
CA LEU A 78 -10.10 -1.33 -1.50
C LEU A 78 -11.37 -1.94 -0.90
N ASP A 79 -11.20 -2.89 -0.01
CA ASP A 79 -12.33 -3.55 0.63
C ASP A 79 -12.84 -2.74 1.82
N HIS A 80 -11.90 -2.22 2.60
CA HIS A 80 -12.23 -1.53 3.85
C HIS A 80 -12.30 -0.01 3.66
N GLN A 81 -12.33 0.45 2.42
CA GLN A 81 -12.40 1.89 2.16
C GLN A 81 -13.73 2.45 2.65
N ALA A 82 -13.67 3.59 3.32
CA ALA A 82 -14.85 4.17 3.93
C ALA A 82 -14.85 5.68 3.78
N MET A 1 18.71 -1.54 3.96
CA MET A 1 17.80 -2.34 4.80
C MET A 1 16.41 -2.36 4.20
N ALA A 2 15.88 -3.55 3.97
CA ALA A 2 14.55 -3.71 3.41
C ALA A 2 13.50 -3.81 4.50
N ALA A 3 12.31 -3.30 4.21
CA ALA A 3 11.23 -3.31 5.17
C ALA A 3 10.43 -4.58 5.03
N THR A 4 10.07 -5.19 6.14
CA THR A 4 9.28 -6.39 6.09
C THR A 4 7.81 -6.04 6.36
N GLN A 5 6.98 -7.07 6.54
CA GLN A 5 5.54 -6.89 6.68
C GLN A 5 5.18 -5.81 7.70
N GLU A 6 5.71 -5.92 8.90
CA GLU A 6 5.36 -5.03 10.00
C GLU A 6 5.74 -3.57 9.70
N GLU A 7 6.95 -3.35 9.22
CA GLU A 7 7.42 -1.99 8.98
C GLU A 7 6.79 -1.38 7.74
N ILE A 8 6.71 -2.17 6.68
CA ILE A 8 6.14 -1.71 5.43
C ILE A 8 4.65 -1.37 5.65
N VAL A 9 4.01 -2.14 6.52
CA VAL A 9 2.64 -1.89 6.91
C VAL A 9 2.53 -0.55 7.63
N ALA A 10 3.49 -0.28 8.52
CA ALA A 10 3.53 0.98 9.23
C ALA A 10 3.67 2.14 8.26
N GLY A 11 4.60 2.00 7.30
CA GLY A 11 4.82 3.03 6.30
C GLY A 11 3.61 3.17 5.38
N LEU A 12 3.01 2.04 5.02
CA LEU A 12 1.81 2.04 4.18
C LEU A 12 0.66 2.71 4.94
N ALA A 13 0.45 2.28 6.18
CA ALA A 13 -0.59 2.85 7.03
C ALA A 13 -0.44 4.35 7.18
N GLU A 14 0.76 4.77 7.52
CA GLU A 14 1.11 6.17 7.70
C GLU A 14 0.70 6.99 6.49
N ILE A 15 0.85 6.40 5.31
CA ILE A 15 0.59 7.10 4.07
C ILE A 15 -0.88 7.01 3.64
N VAL A 16 -1.51 5.85 3.83
CA VAL A 16 -2.91 5.68 3.45
C VAL A 16 -3.80 6.49 4.39
N ASN A 17 -3.31 6.74 5.59
CA ASN A 17 -4.03 7.54 6.57
C ASN A 17 -4.21 8.97 6.03
N GLU A 18 -3.32 9.37 5.12
CA GLU A 18 -3.45 10.68 4.47
C GLU A 18 -4.61 10.66 3.48
N ILE A 19 -4.74 9.54 2.79
CA ILE A 19 -5.77 9.38 1.77
C ILE A 19 -7.15 9.24 2.39
N ALA A 20 -7.27 8.34 3.35
CA ALA A 20 -8.56 8.06 3.97
C ALA A 20 -8.48 8.20 5.48
N GLY A 21 -7.92 7.19 6.14
CA GLY A 21 -7.75 7.28 7.58
C GLY A 21 -7.94 5.96 8.30
N ILE A 22 -7.37 4.89 7.77
CA ILE A 22 -7.34 3.63 8.49
C ILE A 22 -6.29 3.71 9.59
N PRO A 23 -6.64 3.25 10.82
CA PRO A 23 -5.70 3.19 11.93
C PRO A 23 -4.42 2.43 11.54
N VAL A 24 -3.28 2.88 12.05
CA VAL A 24 -2.00 2.30 11.70
C VAL A 24 -1.95 0.81 12.05
N GLU A 25 -2.54 0.45 13.18
CA GLU A 25 -2.61 -0.94 13.61
C GLU A 25 -3.63 -1.74 12.78
N ASP A 26 -4.53 -1.04 12.10
CA ASP A 26 -5.64 -1.72 11.42
C ASP A 26 -5.27 -2.16 10.02
N VAL A 27 -4.19 -1.60 9.49
CA VAL A 27 -3.75 -1.96 8.15
C VAL A 27 -3.31 -3.42 8.10
N LYS A 28 -4.03 -4.19 7.30
CA LYS A 28 -3.88 -5.63 7.26
C LYS A 28 -4.00 -6.10 5.82
N LEU A 29 -3.53 -7.31 5.55
CA LEU A 29 -3.54 -7.83 4.19
C LEU A 29 -4.92 -8.34 3.81
N ASP A 30 -5.85 -8.32 4.76
CA ASP A 30 -7.19 -8.82 4.51
C ASP A 30 -8.20 -7.69 4.28
N LYS A 31 -7.78 -6.44 4.51
CA LYS A 31 -8.70 -5.33 4.36
C LYS A 31 -8.50 -4.73 2.97
N SER A 32 -9.58 -4.46 2.27
CA SER A 32 -9.50 -4.07 0.87
C SER A 32 -9.36 -2.55 0.72
N PHE A 33 -8.54 -2.12 -0.23
CA PHE A 33 -8.38 -0.70 -0.53
C PHE A 33 -9.71 -0.09 -0.92
N THR A 34 -10.37 -0.73 -1.86
CA THR A 34 -11.63 -0.24 -2.39
C THR A 34 -12.75 -0.35 -1.35
N ASP A 35 -12.68 -1.37 -0.52
CA ASP A 35 -13.73 -1.65 0.46
C ASP A 35 -13.44 -0.99 1.80
N ASP A 36 -12.40 -1.48 2.47
CA ASP A 36 -12.08 -1.11 3.84
C ASP A 36 -11.38 0.25 3.90
N LEU A 37 -10.33 0.40 3.11
CA LEU A 37 -9.51 1.61 3.12
C LEU A 37 -10.33 2.82 2.65
N ASP A 38 -11.49 2.55 2.07
CA ASP A 38 -12.38 3.60 1.57
C ASP A 38 -11.63 4.44 0.54
N VAL A 39 -10.83 3.78 -0.28
CA VAL A 39 -9.94 4.47 -1.20
C VAL A 39 -10.48 4.40 -2.63
N ASP A 40 -10.18 5.42 -3.42
CA ASP A 40 -10.49 5.41 -4.84
C ASP A 40 -9.26 4.97 -5.62
N SER A 41 -9.45 4.64 -6.89
CA SER A 41 -8.36 4.15 -7.72
C SER A 41 -7.18 5.13 -7.74
N LEU A 42 -7.43 6.37 -8.13
CA LEU A 42 -6.37 7.39 -8.16
C LEU A 42 -5.84 7.67 -6.76
N SER A 43 -6.74 7.70 -5.78
CA SER A 43 -6.36 8.03 -4.42
C SER A 43 -5.20 7.13 -3.94
N MET A 44 -5.38 5.81 -4.05
CA MET A 44 -4.32 4.89 -3.64
C MET A 44 -3.10 5.06 -4.51
N VAL A 45 -3.29 5.09 -5.82
CA VAL A 45 -2.16 5.24 -6.73
C VAL A 45 -1.35 6.49 -6.39
N GLU A 46 -1.98 7.50 -5.83
CA GLU A 46 -1.28 8.74 -5.56
C GLU A 46 -0.38 8.62 -4.32
N VAL A 47 -0.97 8.46 -3.14
CA VAL A 47 -0.15 8.47 -1.95
C VAL A 47 0.48 7.10 -1.69
N VAL A 48 -0.11 6.04 -2.24
CA VAL A 48 0.44 4.70 -2.05
C VAL A 48 1.61 4.48 -3.02
N VAL A 49 1.69 5.28 -4.10
CA VAL A 49 2.91 5.33 -4.91
C VAL A 49 3.98 6.11 -4.16
N ALA A 50 3.56 7.11 -3.41
CA ALA A 50 4.48 7.77 -2.49
C ALA A 50 5.00 6.77 -1.47
N ALA A 51 4.20 5.71 -1.24
CA ALA A 51 4.57 4.66 -0.30
C ALA A 51 5.51 3.63 -0.93
N GLU A 52 5.37 3.38 -2.23
CA GLU A 52 6.22 2.39 -2.90
C GLU A 52 7.66 2.89 -2.88
N GLU A 53 7.87 4.09 -3.39
CA GLU A 53 9.21 4.62 -3.56
C GLU A 53 9.86 4.98 -2.23
N ARG A 54 9.05 5.18 -1.18
CA ARG A 54 9.60 5.49 0.14
C ARG A 54 10.31 4.27 0.72
N PHE A 55 10.05 3.11 0.12
CA PHE A 55 10.74 1.87 0.49
C PHE A 55 11.72 1.49 -0.60
N ASP A 56 12.01 2.45 -1.48
CA ASP A 56 13.03 2.32 -2.52
C ASP A 56 12.63 1.26 -3.57
N VAL A 57 11.34 1.06 -3.76
CA VAL A 57 10.87 0.11 -4.76
C VAL A 57 10.13 0.85 -5.86
N LYS A 58 9.91 0.19 -6.98
CA LYS A 58 9.14 0.76 -8.06
C LYS A 58 8.09 -0.23 -8.55
N ILE A 59 6.83 0.16 -8.45
CA ILE A 59 5.74 -0.62 -8.99
C ILE A 59 5.00 0.20 -10.05
N PRO A 60 4.34 -0.45 -11.00
CA PRO A 60 3.52 0.26 -11.99
C PRO A 60 2.35 0.99 -11.33
N ASP A 61 2.20 2.28 -11.64
CA ASP A 61 1.06 3.05 -11.17
C ASP A 61 -0.24 2.32 -11.50
N ASP A 62 -0.25 1.74 -12.69
CA ASP A 62 -1.37 0.95 -13.17
C ASP A 62 -1.70 -0.18 -12.19
N ASP A 63 -0.68 -0.75 -11.57
CA ASP A 63 -0.86 -1.93 -10.72
C ASP A 63 -1.51 -1.60 -9.39
N VAL A 64 -1.29 -0.38 -8.87
CA VAL A 64 -1.87 -0.03 -7.57
C VAL A 64 -3.39 -0.08 -7.63
N LYS A 65 -3.97 0.38 -8.72
CA LYS A 65 -5.42 0.32 -8.89
C LYS A 65 -5.87 -1.05 -9.44
N ASN A 66 -4.92 -1.91 -9.79
CA ASN A 66 -5.25 -3.25 -10.25
C ASN A 66 -5.53 -4.17 -9.06
N LEU A 67 -4.98 -3.80 -7.91
CA LEU A 67 -5.19 -4.55 -6.69
C LEU A 67 -6.34 -3.97 -5.89
N LYS A 68 -7.11 -4.83 -5.24
CA LYS A 68 -8.32 -4.39 -4.57
C LYS A 68 -8.12 -4.28 -3.06
N THR A 69 -7.06 -4.90 -2.56
CA THR A 69 -6.78 -4.87 -1.13
C THR A 69 -5.44 -4.21 -0.88
N VAL A 70 -5.25 -3.67 0.31
CA VAL A 70 -3.96 -3.10 0.69
C VAL A 70 -2.90 -4.20 0.76
N GLY A 71 -3.34 -5.38 1.17
CA GLY A 71 -2.43 -6.49 1.30
C GLY A 71 -1.76 -6.87 -0.01
N ASP A 72 -2.50 -6.72 -1.11
CA ASP A 72 -1.97 -7.01 -2.44
C ASP A 72 -0.76 -6.15 -2.73
N ALA A 73 -0.95 -4.84 -2.69
CA ALA A 73 0.13 -3.89 -2.93
C ALA A 73 1.29 -4.15 -2.00
N THR A 74 0.97 -4.31 -0.73
CA THR A 74 1.97 -4.48 0.29
C THR A 74 2.88 -5.66 -0.02
N LYS A 75 2.29 -6.84 -0.23
CA LYS A 75 3.08 -8.04 -0.50
C LYS A 75 3.75 -7.94 -1.87
N TYR A 76 3.08 -7.27 -2.80
CA TYR A 76 3.63 -6.99 -4.12
C TYR A 76 4.91 -6.17 -4.00
N ILE A 77 4.84 -5.13 -3.16
CA ILE A 77 6.00 -4.30 -2.82
C ILE A 77 7.11 -5.15 -2.21
N LEU A 78 6.71 -6.02 -1.30
CA LEU A 78 7.64 -6.82 -0.53
C LEU A 78 8.28 -7.91 -1.38
N ASP A 79 7.56 -8.37 -2.39
CA ASP A 79 8.04 -9.43 -3.25
C ASP A 79 9.14 -8.91 -4.18
N HIS A 80 9.12 -7.60 -4.43
CA HIS A 80 10.08 -6.97 -5.33
C HIS A 80 10.81 -5.84 -4.63
N GLN A 81 10.97 -5.95 -3.32
CA GLN A 81 11.53 -4.88 -2.50
C GLN A 81 13.01 -4.66 -2.79
N ALA A 82 13.56 -3.58 -2.24
CA ALA A 82 14.97 -3.25 -2.42
C ALA A 82 15.77 -3.66 -1.19
N MET A 1 -17.07 1.25 8.38
CA MET A 1 -16.82 -0.01 7.63
C MET A 1 -15.46 0.06 6.94
N ALA A 2 -14.80 1.21 7.03
CA ALA A 2 -13.50 1.38 6.42
C ALA A 2 -12.40 1.34 7.47
N ALA A 3 -11.16 1.21 7.03
CA ALA A 3 -10.04 1.12 7.94
C ALA A 3 -9.26 2.42 7.95
N THR A 4 -8.82 2.83 9.12
CA THR A 4 -8.04 4.05 9.24
C THR A 4 -6.56 3.73 9.01
N GLN A 5 -5.69 4.70 9.31
CA GLN A 5 -4.28 4.60 8.97
C GLN A 5 -3.64 3.33 9.52
N GLU A 6 -3.73 3.14 10.83
CA GLU A 6 -3.08 2.00 11.48
C GLU A 6 -3.68 0.67 11.03
N GLU A 7 -4.98 0.69 10.78
CA GLU A 7 -5.70 -0.50 10.36
C GLU A 7 -5.31 -0.89 8.94
N ILE A 8 -5.39 0.08 8.03
CA ILE A 8 -5.07 -0.15 6.63
C ILE A 8 -3.59 -0.47 6.48
N VAL A 9 -2.76 0.12 7.34
CA VAL A 9 -1.33 -0.17 7.38
C VAL A 9 -1.09 -1.65 7.63
N ALA A 10 -1.82 -2.23 8.59
CA ALA A 10 -1.71 -3.65 8.88
C ALA A 10 -2.12 -4.48 7.67
N GLY A 11 -3.14 -4.02 6.96
CA GLY A 11 -3.58 -4.71 5.77
C GLY A 11 -2.59 -4.57 4.62
N LEU A 12 -2.07 -3.37 4.45
CA LEU A 12 -1.06 -3.10 3.44
C LEU A 12 0.20 -3.91 3.77
N ALA A 13 0.54 -3.94 5.05
CA ALA A 13 1.67 -4.72 5.54
C ALA A 13 1.54 -6.18 5.17
N GLU A 14 0.39 -6.75 5.50
CA GLU A 14 0.07 -8.13 5.17
C GLU A 14 0.23 -8.37 3.67
N ILE A 15 -0.18 -7.37 2.91
CA ILE A 15 -0.13 -7.42 1.46
C ILE A 15 1.31 -7.40 0.93
N VAL A 16 2.10 -6.42 1.36
CA VAL A 16 3.47 -6.31 0.88
C VAL A 16 4.32 -7.47 1.39
N ASN A 17 3.87 -8.07 2.48
CA ASN A 17 4.50 -9.27 3.02
C ASN A 17 4.48 -10.40 1.99
N GLU A 18 3.44 -10.42 1.15
CA GLU A 18 3.33 -11.41 0.09
C GLU A 18 4.26 -11.04 -1.07
N ILE A 19 4.57 -9.77 -1.17
CA ILE A 19 5.39 -9.25 -2.25
C ILE A 19 6.87 -9.45 -1.97
N ALA A 20 7.31 -8.96 -0.83
CA ALA A 20 8.72 -8.96 -0.52
C ALA A 20 8.97 -9.47 0.89
N GLY A 21 8.73 -8.64 1.90
CA GLY A 21 8.86 -9.11 3.26
C GLY A 21 9.22 -8.03 4.27
N ILE A 22 8.42 -6.99 4.37
CA ILE A 22 8.48 -6.09 5.51
C ILE A 22 7.54 -6.61 6.59
N PRO A 23 8.02 -6.75 7.83
CA PRO A 23 7.17 -7.18 8.94
C PRO A 23 5.92 -6.32 9.09
N VAL A 24 4.83 -6.93 9.53
CA VAL A 24 3.54 -6.23 9.65
C VAL A 24 3.65 -5.06 10.62
N GLU A 25 4.56 -5.16 11.57
CA GLU A 25 4.79 -4.12 12.56
C GLU A 25 5.66 -3.00 11.99
N ASP A 26 6.37 -3.27 10.90
CA ASP A 26 7.38 -2.34 10.41
C ASP A 26 6.84 -1.44 9.31
N VAL A 27 5.70 -1.80 8.74
CA VAL A 27 5.08 -0.99 7.70
C VAL A 27 4.58 0.33 8.27
N LYS A 28 5.02 1.40 7.64
CA LYS A 28 4.73 2.75 8.11
C LYS A 28 4.45 3.63 6.90
N LEU A 29 4.04 4.86 7.13
CA LEU A 29 3.90 5.82 6.05
C LEU A 29 5.27 6.42 5.75
N ASP A 30 6.23 6.00 6.56
CA ASP A 30 7.57 6.59 6.59
C ASP A 30 8.57 5.81 5.73
N LYS A 31 8.34 4.52 5.54
CA LYS A 31 9.32 3.71 4.83
C LYS A 31 8.98 3.68 3.33
N SER A 32 10.01 3.66 2.51
CA SER A 32 9.83 3.81 1.07
C SER A 32 9.51 2.48 0.42
N PHE A 33 8.53 2.48 -0.47
CA PHE A 33 8.10 1.28 -1.18
C PHE A 33 9.24 0.71 -1.99
N THR A 34 9.89 1.60 -2.74
CA THR A 34 10.97 1.22 -3.62
C THR A 34 12.19 0.73 -2.84
N ASP A 35 12.45 1.37 -1.71
CA ASP A 35 13.66 1.08 -0.94
C ASP A 35 13.42 0.02 0.13
N ASP A 36 12.58 0.37 1.11
CA ASP A 36 12.34 -0.47 2.27
C ASP A 36 11.58 -1.74 1.92
N LEU A 37 10.50 -1.56 1.17
CA LEU A 37 9.57 -2.65 0.89
C LEU A 37 10.16 -3.62 -0.12
N ASP A 38 11.33 -3.28 -0.66
CA ASP A 38 11.99 -4.11 -1.68
C ASP A 38 11.00 -4.42 -2.80
N VAL A 39 10.47 -3.37 -3.42
CA VAL A 39 9.38 -3.54 -4.34
C VAL A 39 9.72 -2.99 -5.72
N ASP A 40 9.10 -3.57 -6.74
CA ASP A 40 9.27 -3.11 -8.12
C ASP A 40 7.93 -2.66 -8.69
N SER A 41 7.98 -1.90 -9.78
CA SER A 41 6.78 -1.40 -10.46
C SER A 41 5.65 -2.42 -10.52
N LEU A 42 5.90 -3.58 -11.11
CA LEU A 42 4.85 -4.58 -11.26
C LEU A 42 4.57 -5.24 -9.93
N SER A 43 5.62 -5.59 -9.23
CA SER A 43 5.54 -6.20 -7.91
C SER A 43 4.53 -5.48 -7.01
N MET A 44 4.76 -4.19 -6.80
CA MET A 44 3.91 -3.37 -5.96
C MET A 44 2.50 -3.33 -6.50
N VAL A 45 2.36 -3.03 -7.78
CA VAL A 45 1.04 -2.92 -8.38
C VAL A 45 0.30 -4.27 -8.36
N GLU A 46 1.04 -5.35 -8.24
CA GLU A 46 0.42 -6.68 -8.21
C GLU A 46 -0.35 -6.90 -6.92
N VAL A 47 0.36 -6.97 -5.82
CA VAL A 47 -0.32 -7.33 -4.59
C VAL A 47 -0.85 -6.08 -3.88
N VAL A 48 -0.29 -4.92 -4.18
CA VAL A 48 -0.76 -3.69 -3.53
C VAL A 48 -2.03 -3.19 -4.22
N VAL A 49 -2.23 -3.57 -5.48
CA VAL A 49 -3.54 -3.38 -6.11
C VAL A 49 -4.54 -4.34 -5.49
N ALA A 50 -4.08 -5.56 -5.20
CA ALA A 50 -4.88 -6.49 -4.42
C ALA A 50 -5.19 -5.91 -3.03
N ALA A 51 -4.37 -4.96 -2.60
CA ALA A 51 -4.56 -4.30 -1.31
C ALA A 51 -5.54 -3.15 -1.40
N GLU A 52 -5.39 -2.31 -2.42
CA GLU A 52 -6.23 -1.12 -2.52
C GLU A 52 -7.69 -1.53 -2.70
N GLU A 53 -7.91 -2.47 -3.59
CA GLU A 53 -9.26 -2.88 -3.93
C GLU A 53 -9.94 -3.62 -2.77
N ARG A 54 -9.16 -4.25 -1.88
CA ARG A 54 -9.76 -4.98 -0.76
C ARG A 54 -10.28 -4.00 0.30
N PHE A 55 -9.79 -2.76 0.25
CA PHE A 55 -10.31 -1.70 1.09
C PHE A 55 -11.33 -0.88 0.30
N ASP A 56 -11.67 -1.41 -0.88
CA ASP A 56 -12.70 -0.86 -1.75
C ASP A 56 -12.31 0.51 -2.31
N VAL A 57 -11.13 0.57 -2.90
CA VAL A 57 -10.69 1.73 -3.66
C VAL A 57 -10.02 1.25 -4.94
N LYS A 58 -10.06 2.06 -5.98
CA LYS A 58 -9.39 1.73 -7.23
C LYS A 58 -8.62 2.92 -7.76
N ILE A 59 -7.29 2.81 -7.76
CA ILE A 59 -6.45 3.86 -8.27
C ILE A 59 -5.79 3.40 -9.57
N PRO A 60 -5.21 4.31 -10.35
CA PRO A 60 -4.47 3.92 -11.56
C PRO A 60 -3.24 3.10 -11.22
N ASP A 61 -3.03 2.01 -11.95
CA ASP A 61 -1.87 1.13 -11.75
C ASP A 61 -0.59 1.94 -11.73
N ASP A 62 -0.51 2.87 -12.68
CA ASP A 62 0.63 3.74 -12.82
C ASP A 62 0.91 4.54 -11.54
N ASP A 63 -0.15 4.86 -10.81
CA ASP A 63 -0.03 5.74 -9.64
C ASP A 63 0.65 5.01 -8.48
N VAL A 64 0.39 3.71 -8.32
CA VAL A 64 1.05 2.93 -7.28
C VAL A 64 2.55 3.00 -7.45
N LYS A 65 3.00 2.88 -8.70
CA LYS A 65 4.43 2.95 -9.01
C LYS A 65 4.93 4.40 -8.93
N ASN A 66 4.01 5.35 -9.02
CA ASN A 66 4.37 6.76 -9.00
C ASN A 66 4.76 7.18 -7.58
N LEU A 67 4.19 6.49 -6.58
CA LEU A 67 4.51 6.78 -5.19
C LEU A 67 5.72 5.96 -4.73
N LYS A 68 6.61 6.63 -3.99
CA LYS A 68 7.89 6.03 -3.64
C LYS A 68 7.91 5.46 -2.23
N THR A 69 6.92 5.81 -1.42
CA THR A 69 6.81 5.27 -0.07
C THR A 69 5.54 4.45 0.04
N VAL A 70 5.49 3.53 1.00
CA VAL A 70 4.27 2.77 1.20
C VAL A 70 3.19 3.67 1.78
N GLY A 71 3.64 4.73 2.45
CA GLY A 71 2.72 5.67 3.04
C GLY A 71 1.89 6.40 2.00
N ASP A 72 2.49 6.72 0.86
CA ASP A 72 1.79 7.44 -0.19
C ASP A 72 0.54 6.70 -0.64
N ALA A 73 0.71 5.45 -1.07
CA ALA A 73 -0.42 4.63 -1.50
C ALA A 73 -1.45 4.52 -0.41
N THR A 74 -0.97 4.18 0.76
CA THR A 74 -1.82 3.97 1.90
C THR A 74 -2.69 5.21 2.16
N LYS A 75 -2.06 6.37 2.23
CA LYS A 75 -2.77 7.62 2.48
C LYS A 75 -3.68 7.96 1.30
N TYR A 76 -3.24 7.57 0.11
CA TYR A 76 -4.01 7.78 -1.12
C TYR A 76 -5.29 6.95 -1.08
N ILE A 77 -5.15 5.71 -0.63
CA ILE A 77 -6.28 4.81 -0.40
C ILE A 77 -7.24 5.42 0.61
N LEU A 78 -6.66 6.02 1.64
CA LEU A 78 -7.42 6.57 2.75
C LEU A 78 -8.17 7.83 2.37
N ASP A 79 -7.53 8.68 1.57
CA ASP A 79 -8.11 9.95 1.18
C ASP A 79 -9.18 9.76 0.10
N HIS A 80 -9.05 8.71 -0.69
CA HIS A 80 -9.96 8.47 -1.81
C HIS A 80 -10.75 7.18 -1.62
N GLN A 81 -10.94 6.79 -0.36
CA GLN A 81 -11.64 5.54 -0.05
C GLN A 81 -13.14 5.65 -0.35
N ALA A 82 -13.68 4.64 -1.01
CA ALA A 82 -15.11 4.54 -1.31
C ALA A 82 -15.59 5.70 -2.18
N MET A 1 15.85 -5.21 -9.81
CA MET A 1 15.06 -6.47 -9.74
C MET A 1 13.89 -6.32 -8.77
N ALA A 2 14.05 -5.44 -7.79
CA ALA A 2 12.98 -5.14 -6.85
C ALA A 2 11.98 -4.19 -7.50
N ALA A 3 10.76 -4.16 -6.99
CA ALA A 3 9.72 -3.36 -7.57
C ALA A 3 9.88 -1.92 -7.18
N THR A 4 10.05 -1.06 -8.16
CA THR A 4 10.16 0.36 -7.91
C THR A 4 8.76 0.98 -7.82
N GLN A 5 8.67 2.30 -7.77
CA GLN A 5 7.42 2.99 -7.45
C GLN A 5 6.25 2.51 -8.32
N GLU A 6 6.40 2.59 -9.64
CA GLU A 6 5.32 2.22 -10.55
C GLU A 6 5.00 0.73 -10.46
N GLU A 7 6.03 -0.07 -10.24
CA GLU A 7 5.89 -1.52 -10.22
C GLU A 7 5.20 -1.98 -8.94
N ILE A 8 5.67 -1.47 -7.81
CA ILE A 8 5.08 -1.82 -6.53
C ILE A 8 3.68 -1.24 -6.42
N VAL A 9 3.48 -0.07 -7.01
CA VAL A 9 2.16 0.55 -7.05
C VAL A 9 1.16 -0.37 -7.73
N ALA A 10 1.62 -1.09 -8.75
CA ALA A 10 0.77 -2.06 -9.44
C ALA A 10 0.42 -3.20 -8.49
N GLY A 11 1.40 -3.69 -7.76
CA GLY A 11 1.18 -4.77 -6.82
C GLY A 11 0.37 -4.35 -5.62
N LEU A 12 0.64 -3.13 -5.14
CA LEU A 12 -0.09 -2.55 -4.03
C LEU A 12 -1.56 -2.39 -4.45
N ALA A 13 -1.76 -1.91 -5.67
CA ALA A 13 -3.09 -1.75 -6.24
C ALA A 13 -3.82 -3.08 -6.30
N GLU A 14 -3.12 -4.09 -6.83
CA GLU A 14 -3.65 -5.45 -6.92
C GLU A 14 -4.10 -5.93 -5.54
N ILE A 15 -3.40 -5.46 -4.53
CA ILE A 15 -3.66 -5.81 -3.15
C ILE A 15 -4.87 -5.07 -2.57
N VAL A 16 -4.88 -3.75 -2.70
CA VAL A 16 -5.97 -2.95 -2.12
C VAL A 16 -7.28 -3.25 -2.83
N ASN A 17 -7.16 -3.73 -4.06
CA ASN A 17 -8.32 -4.19 -4.83
C ASN A 17 -9.02 -5.34 -4.11
N GLU A 18 -8.28 -6.05 -3.29
CA GLU A 18 -8.82 -7.13 -2.46
C GLU A 18 -9.64 -6.54 -1.32
N ILE A 19 -9.25 -5.35 -0.87
CA ILE A 19 -9.82 -4.75 0.32
C ILE A 19 -11.11 -4.00 0.00
N ALA A 20 -11.05 -3.10 -0.97
CA ALA A 20 -12.18 -2.24 -1.27
C ALA A 20 -12.51 -2.23 -2.75
N GLY A 21 -11.88 -1.33 -3.51
CA GLY A 21 -12.15 -1.29 -4.94
C GLY A 21 -11.62 -0.06 -5.64
N ILE A 22 -10.32 0.17 -5.53
CA ILE A 22 -9.65 1.10 -6.43
C ILE A 22 -8.98 0.29 -7.54
N PRO A 23 -9.33 0.56 -8.81
CA PRO A 23 -8.71 -0.12 -9.95
C PRO A 23 -7.19 -0.02 -9.91
N VAL A 24 -6.51 -1.07 -10.38
CA VAL A 24 -5.05 -1.12 -10.35
C VAL A 24 -4.42 0.04 -11.12
N GLU A 25 -5.20 0.61 -12.02
CA GLU A 25 -4.75 1.73 -12.84
C GLU A 25 -4.88 3.06 -12.10
N ASP A 26 -5.67 3.08 -11.02
CA ASP A 26 -5.98 4.35 -10.35
C ASP A 26 -5.18 4.53 -9.07
N VAL A 27 -4.47 3.50 -8.64
CA VAL A 27 -3.66 3.62 -7.43
C VAL A 27 -2.49 4.55 -7.67
N LYS A 28 -2.42 5.58 -6.82
CA LYS A 28 -1.48 6.67 -6.99
C LYS A 28 -0.96 7.07 -5.63
N LEU A 29 0.10 7.85 -5.59
CA LEU A 29 0.60 8.39 -4.35
C LEU A 29 -0.26 9.57 -3.93
N ASP A 30 -1.21 9.91 -4.79
CA ASP A 30 -2.04 11.09 -4.60
C ASP A 30 -3.33 10.76 -3.87
N LYS A 31 -3.75 9.50 -3.87
CA LYS A 31 -5.05 9.17 -3.32
C LYS A 31 -4.93 8.63 -1.91
N SER A 32 -5.91 8.96 -1.08
CA SER A 32 -5.86 8.66 0.34
C SER A 32 -6.42 7.27 0.63
N PHE A 33 -5.71 6.51 1.45
CA PHE A 33 -6.17 5.19 1.87
C PHE A 33 -7.51 5.30 2.57
N THR A 34 -7.63 6.30 3.42
CA THR A 34 -8.82 6.49 4.22
C THR A 34 -9.95 7.13 3.42
N ASP A 35 -9.59 7.98 2.47
CA ASP A 35 -10.59 8.72 1.69
C ASP A 35 -10.96 7.99 0.40
N ASP A 36 -9.95 7.71 -0.41
CA ASP A 36 -10.16 7.18 -1.77
C ASP A 36 -10.22 5.66 -1.78
N LEU A 37 -9.37 5.03 -1.00
CA LEU A 37 -9.25 3.56 -1.02
C LEU A 37 -10.37 2.90 -0.23
N ASP A 38 -11.23 3.70 0.40
CA ASP A 38 -12.34 3.18 1.23
C ASP A 38 -11.82 2.18 2.26
N VAL A 39 -10.66 2.48 2.82
CA VAL A 39 -9.98 1.53 3.67
C VAL A 39 -10.03 1.93 5.15
N ASP A 40 -10.20 0.94 6.02
CA ASP A 40 -10.12 1.16 7.47
C ASP A 40 -8.74 0.83 7.97
N SER A 41 -8.41 1.31 9.16
CA SER A 41 -7.12 1.04 9.79
C SER A 41 -6.80 -0.46 9.76
N LEU A 42 -7.79 -1.28 10.05
CA LEU A 42 -7.63 -2.72 10.00
C LEU A 42 -7.48 -3.19 8.55
N SER A 43 -8.44 -2.82 7.72
CA SER A 43 -8.46 -3.24 6.32
C SER A 43 -7.13 -2.98 5.63
N MET A 44 -6.61 -1.75 5.79
CA MET A 44 -5.33 -1.39 5.21
C MET A 44 -4.22 -2.28 5.75
N VAL A 45 -4.05 -2.30 7.06
CA VAL A 45 -2.98 -3.08 7.65
C VAL A 45 -3.12 -4.58 7.34
N GLU A 46 -4.33 -5.02 7.06
CA GLU A 46 -4.55 -6.44 6.83
C GLU A 46 -3.98 -6.88 5.47
N VAL A 47 -4.55 -6.38 4.38
CA VAL A 47 -4.15 -6.86 3.08
C VAL A 47 -2.96 -6.05 2.55
N VAL A 48 -2.74 -4.85 3.09
CA VAL A 48 -1.60 -4.04 2.66
C VAL A 48 -0.32 -4.54 3.37
N VAL A 49 -0.48 -5.26 4.48
CA VAL A 49 0.63 -6.03 5.03
C VAL A 49 0.87 -7.26 4.16
N ALA A 50 -0.20 -7.80 3.61
CA ALA A 50 -0.07 -8.82 2.59
C ALA A 50 0.63 -8.24 1.35
N ALA A 51 0.56 -6.91 1.23
CA ALA A 51 1.20 -6.20 0.12
C ALA A 51 2.67 -5.94 0.39
N GLU A 52 3.03 -5.67 1.65
CA GLU A 52 4.40 -5.37 1.96
C GLU A 52 5.26 -6.61 1.77
N GLU A 53 4.81 -7.72 2.34
CA GLU A 53 5.61 -8.93 2.36
C GLU A 53 5.78 -9.54 0.97
N ARG A 54 4.85 -9.26 0.06
CA ARG A 54 4.94 -9.82 -1.29
C ARG A 54 6.04 -9.15 -2.08
N PHE A 55 6.50 -8.00 -1.58
CA PHE A 55 7.65 -7.32 -2.17
C PHE A 55 8.84 -7.49 -1.24
N ASP A 56 8.71 -8.44 -0.32
CA ASP A 56 9.78 -8.85 0.58
C ASP A 56 10.23 -7.70 1.49
N VAL A 57 9.31 -6.84 1.85
CA VAL A 57 9.62 -5.72 2.72
C VAL A 57 8.95 -5.91 4.07
N LYS A 58 9.44 -5.20 5.07
CA LYS A 58 8.96 -5.36 6.41
C LYS A 58 8.73 -3.98 7.04
N ILE A 59 7.47 -3.63 7.27
CA ILE A 59 7.15 -2.35 7.89
C ILE A 59 6.35 -2.58 9.18
N PRO A 60 6.31 -1.56 10.07
CA PRO A 60 5.50 -1.62 11.29
C PRO A 60 4.02 -1.65 10.98
N ASP A 61 3.28 -2.49 11.70
CA ASP A 61 1.84 -2.63 11.47
C ASP A 61 1.11 -1.30 11.69
N ASP A 62 1.45 -0.61 12.78
CA ASP A 62 0.78 0.62 13.15
C ASP A 62 1.17 1.75 12.20
N ASP A 63 2.27 1.56 11.49
CA ASP A 63 2.74 2.56 10.54
C ASP A 63 1.76 2.66 9.38
N VAL A 64 1.29 1.51 8.91
CA VAL A 64 0.37 1.46 7.76
C VAL A 64 -0.91 2.24 8.05
N LYS A 65 -1.50 2.00 9.21
CA LYS A 65 -2.77 2.62 9.57
C LYS A 65 -2.58 4.09 10.00
N ASN A 66 -1.32 4.53 10.02
CA ASN A 66 -1.00 5.90 10.38
C ASN A 66 -0.95 6.78 9.14
N LEU A 67 -0.46 6.22 8.05
CA LEU A 67 -0.36 6.95 6.79
C LEU A 67 -1.73 7.09 6.15
N LYS A 68 -1.99 8.28 5.61
CA LYS A 68 -3.32 8.61 5.15
C LYS A 68 -3.49 8.36 3.65
N THR A 69 -2.39 8.27 2.92
CA THR A 69 -2.49 8.03 1.48
C THR A 69 -1.83 6.70 1.15
N VAL A 70 -2.21 6.09 0.03
CA VAL A 70 -1.57 4.84 -0.38
C VAL A 70 -0.12 5.12 -0.75
N GLY A 71 0.14 6.34 -1.21
CA GLY A 71 1.47 6.71 -1.58
C GLY A 71 2.45 6.70 -0.42
N ASP A 72 1.96 7.08 0.76
CA ASP A 72 2.80 7.13 1.97
C ASP A 72 3.45 5.78 2.23
N ALA A 73 2.63 4.75 2.39
CA ALA A 73 3.13 3.39 2.65
C ALA A 73 4.08 2.97 1.56
N THR A 74 3.66 3.19 0.34
CA THR A 74 4.41 2.74 -0.81
C THR A 74 5.82 3.33 -0.80
N LYS A 75 5.91 4.65 -0.64
CA LYS A 75 7.21 5.31 -0.63
C LYS A 75 8.01 4.88 0.61
N TYR A 76 7.30 4.66 1.71
CA TYR A 76 7.90 4.18 2.94
C TYR A 76 8.50 2.79 2.73
N ILE A 77 7.74 1.92 2.07
CA ILE A 77 8.20 0.59 1.70
C ILE A 77 9.46 0.66 0.85
N LEU A 78 9.42 1.56 -0.12
CA LEU A 78 10.45 1.65 -1.14
C LEU A 78 11.81 2.04 -0.57
N ASP A 79 11.82 2.66 0.60
CA ASP A 79 13.07 3.06 1.24
C ASP A 79 13.66 1.91 2.07
N HIS A 80 12.81 0.98 2.47
CA HIS A 80 13.23 -0.10 3.35
C HIS A 80 12.94 -1.48 2.73
N GLN A 81 12.94 -1.53 1.41
CA GLN A 81 12.51 -2.72 0.70
C GLN A 81 13.56 -3.84 0.76
N ALA A 82 13.07 -5.08 0.76
CA ALA A 82 13.92 -6.28 0.79
C ALA A 82 14.70 -6.38 2.09
N MET A 1 -18.55 1.00 6.45
CA MET A 1 -17.59 1.58 7.41
C MET A 1 -16.26 1.85 6.73
N ALA A 2 -15.63 2.95 7.08
CA ALA A 2 -14.36 3.32 6.49
C ALA A 2 -13.20 2.67 7.23
N ALA A 3 -12.08 2.52 6.54
CA ALA A 3 -10.89 1.94 7.14
C ALA A 3 -9.86 3.02 7.39
N THR A 4 -9.48 3.22 8.65
CA THR A 4 -8.50 4.22 9.00
C THR A 4 -7.08 3.72 8.69
N GLN A 5 -6.10 4.53 9.04
CA GLN A 5 -4.70 4.23 8.74
C GLN A 5 -4.28 2.91 9.36
N GLU A 6 -4.50 2.76 10.66
CA GLU A 6 -4.09 1.57 11.39
C GLU A 6 -4.74 0.31 10.82
N GLU A 7 -5.97 0.45 10.35
CA GLU A 7 -6.74 -0.66 9.80
C GLU A 7 -6.13 -1.11 8.46
N ILE A 8 -6.06 -0.16 7.53
CA ILE A 8 -5.59 -0.44 6.19
C ILE A 8 -4.10 -0.77 6.20
N VAL A 9 -3.35 -0.14 7.10
CA VAL A 9 -1.93 -0.41 7.23
C VAL A 9 -1.69 -1.86 7.62
N ALA A 10 -2.51 -2.38 8.53
CA ALA A 10 -2.39 -3.79 8.92
C ALA A 10 -2.59 -4.68 7.71
N GLY A 11 -3.59 -4.36 6.90
CA GLY A 11 -3.86 -5.13 5.69
C GLY A 11 -2.77 -4.94 4.64
N LEU A 12 -2.33 -3.69 4.47
CA LEU A 12 -1.28 -3.36 3.52
C LEU A 12 0.01 -4.10 3.92
N ALA A 13 0.34 -4.01 5.20
CA ALA A 13 1.54 -4.63 5.77
C ALA A 13 1.54 -6.14 5.53
N GLU A 14 0.43 -6.78 5.89
CA GLU A 14 0.27 -8.21 5.74
C GLU A 14 0.59 -8.66 4.32
N ILE A 15 0.21 -7.82 3.36
CA ILE A 15 0.33 -8.14 1.96
C ILE A 15 1.71 -7.76 1.39
N VAL A 16 2.31 -6.67 1.87
CA VAL A 16 3.63 -6.28 1.39
C VAL A 16 4.66 -7.27 1.91
N ASN A 17 4.33 -7.90 3.03
CA ASN A 17 5.18 -8.93 3.60
C ASN A 17 5.24 -10.14 2.66
N GLU A 18 4.25 -10.25 1.78
CA GLU A 18 4.23 -11.28 0.75
C GLU A 18 5.20 -10.93 -0.36
N ILE A 19 5.39 -9.64 -0.55
CA ILE A 19 6.24 -9.15 -1.62
C ILE A 19 7.71 -9.14 -1.18
N ALA A 20 7.98 -8.51 -0.06
CA ALA A 20 9.34 -8.40 0.42
C ALA A 20 9.46 -8.84 1.87
N GLY A 21 9.33 -7.92 2.82
CA GLY A 21 9.40 -8.32 4.21
C GLY A 21 9.58 -7.17 5.19
N ILE A 22 8.70 -6.18 5.14
CA ILE A 22 8.61 -5.23 6.24
C ILE A 22 7.62 -5.79 7.28
N PRO A 23 8.05 -5.92 8.55
CA PRO A 23 7.17 -6.36 9.63
C PRO A 23 5.91 -5.51 9.71
N VAL A 24 4.79 -6.11 10.09
CA VAL A 24 3.51 -5.41 10.07
C VAL A 24 3.51 -4.19 10.99
N GLU A 25 4.34 -4.23 12.03
CA GLU A 25 4.46 -3.13 12.98
C GLU A 25 5.33 -2.00 12.43
N ASP A 26 6.14 -2.32 11.43
CA ASP A 26 7.10 -1.37 10.89
C ASP A 26 6.50 -0.57 9.75
N VAL A 27 5.41 -1.08 9.18
CA VAL A 27 4.75 -0.40 8.08
C VAL A 27 4.14 0.91 8.55
N LYS A 28 4.64 1.99 7.98
CA LYS A 28 4.30 3.33 8.41
C LYS A 28 4.19 4.21 7.19
N LEU A 29 3.71 5.42 7.38
CA LEU A 29 3.55 6.35 6.27
C LEU A 29 4.88 7.03 5.97
N ASP A 30 5.89 6.74 6.79
CA ASP A 30 7.17 7.44 6.71
C ASP A 30 8.29 6.54 6.22
N LYS A 31 7.96 5.37 5.69
CA LYS A 31 8.97 4.51 5.11
C LYS A 31 8.74 4.39 3.60
N SER A 32 9.82 4.34 2.84
CA SER A 32 9.74 4.38 1.39
C SER A 32 9.42 3.00 0.82
N PHE A 33 8.50 2.97 -0.13
CA PHE A 33 8.08 1.72 -0.75
C PHE A 33 9.23 1.10 -1.51
N THR A 34 9.90 1.91 -2.30
CA THR A 34 11.00 1.46 -3.12
C THR A 34 12.19 1.04 -2.27
N ASP A 35 12.43 1.78 -1.20
CA ASP A 35 13.62 1.58 -0.39
C ASP A 35 13.37 0.60 0.75
N ASP A 36 12.55 1.02 1.71
CA ASP A 36 12.34 0.25 2.94
C ASP A 36 11.55 -1.01 2.66
N LEU A 37 10.44 -0.87 1.93
CA LEU A 37 9.56 -2.00 1.66
C LEU A 37 10.23 -3.00 0.73
N ASP A 38 11.37 -2.60 0.14
CA ASP A 38 12.15 -3.48 -0.74
C ASP A 38 11.26 -3.98 -1.87
N VAL A 39 10.61 -3.05 -2.54
CA VAL A 39 9.56 -3.39 -3.49
C VAL A 39 9.87 -2.85 -4.88
N ASP A 40 9.45 -3.60 -5.90
CA ASP A 40 9.62 -3.17 -7.30
C ASP A 40 8.31 -2.67 -7.83
N SER A 41 8.38 -1.92 -8.93
CA SER A 41 7.19 -1.35 -9.58
C SER A 41 6.10 -2.42 -9.77
N LEU A 42 6.47 -3.55 -10.35
CA LEU A 42 5.52 -4.63 -10.56
C LEU A 42 5.16 -5.29 -9.25
N SER A 43 6.16 -5.52 -8.42
CA SER A 43 5.97 -6.17 -7.12
C SER A 43 4.91 -5.44 -6.28
N MET A 44 5.14 -4.14 -6.05
CA MET A 44 4.18 -3.32 -5.29
C MET A 44 2.80 -3.39 -5.90
N VAL A 45 2.70 -3.02 -7.16
CA VAL A 45 1.41 -2.94 -7.81
C VAL A 45 0.69 -4.29 -7.79
N GLU A 46 1.42 -5.38 -7.73
CA GLU A 46 0.80 -6.68 -7.77
C GLU A 46 0.07 -7.00 -6.47
N VAL A 47 0.81 -7.14 -5.38
CA VAL A 47 0.18 -7.58 -4.16
C VAL A 47 -0.43 -6.40 -3.40
N VAL A 48 0.06 -5.20 -3.65
CA VAL A 48 -0.49 -4.01 -2.99
C VAL A 48 -1.85 -3.66 -3.59
N VAL A 49 -2.03 -3.95 -4.88
CA VAL A 49 -3.34 -3.81 -5.51
C VAL A 49 -4.28 -4.89 -4.95
N ALA A 50 -3.74 -6.06 -4.68
CA ALA A 50 -4.52 -7.09 -3.99
C ALA A 50 -4.96 -6.61 -2.61
N ALA A 51 -4.19 -5.68 -2.03
CA ALA A 51 -4.51 -5.11 -0.73
C ALA A 51 -5.50 -3.95 -0.84
N GLU A 52 -5.32 -3.10 -1.84
CA GLU A 52 -6.16 -1.92 -1.99
C GLU A 52 -7.62 -2.35 -2.20
N GLU A 53 -7.82 -3.34 -3.04
CA GLU A 53 -9.15 -3.79 -3.39
C GLU A 53 -9.86 -4.45 -2.20
N ARG A 54 -9.11 -5.10 -1.32
CA ARG A 54 -9.73 -5.82 -0.20
C ARG A 54 -10.21 -4.84 0.87
N PHE A 55 -9.73 -3.60 0.82
CA PHE A 55 -10.19 -2.56 1.72
C PHE A 55 -11.11 -1.60 1.01
N ASP A 56 -11.56 -2.01 -0.19
CA ASP A 56 -12.50 -1.24 -0.99
C ASP A 56 -11.99 0.16 -1.30
N VAL A 57 -10.98 0.24 -2.15
CA VAL A 57 -10.52 1.52 -2.66
C VAL A 57 -10.43 1.47 -4.19
N LYS A 58 -10.32 2.63 -4.81
CA LYS A 58 -10.15 2.70 -6.25
C LYS A 58 -8.95 3.58 -6.60
N ILE A 59 -7.91 2.93 -7.12
CA ILE A 59 -6.69 3.62 -7.51
C ILE A 59 -6.05 2.88 -8.68
N PRO A 60 -5.64 3.62 -9.73
CA PRO A 60 -4.99 3.02 -10.89
C PRO A 60 -3.64 2.41 -10.51
N ASP A 61 -3.33 1.26 -11.10
CA ASP A 61 -2.07 0.57 -10.84
C ASP A 61 -0.90 1.49 -11.15
N ASP A 62 -1.12 2.35 -12.13
CA ASP A 62 -0.15 3.33 -12.57
C ASP A 62 0.22 4.29 -11.43
N ASP A 63 -0.70 4.49 -10.47
CA ASP A 63 -0.48 5.42 -9.39
C ASP A 63 0.32 4.77 -8.26
N VAL A 64 0.08 3.46 -8.00
CA VAL A 64 0.77 2.76 -6.92
C VAL A 64 2.28 2.78 -7.15
N LYS A 65 2.70 2.50 -8.37
CA LYS A 65 4.13 2.47 -8.69
C LYS A 65 4.68 3.87 -8.89
N ASN A 66 3.80 4.87 -8.81
CA ASN A 66 4.21 6.26 -8.97
C ASN A 66 4.54 6.86 -7.61
N LEU A 67 4.02 6.22 -6.55
CA LEU A 67 4.32 6.63 -5.20
C LEU A 67 5.50 5.84 -4.66
N LYS A 68 6.50 6.54 -4.13
CA LYS A 68 7.74 5.90 -3.71
C LYS A 68 7.74 5.63 -2.21
N THR A 69 6.63 5.93 -1.54
CA THR A 69 6.48 5.63 -0.13
C THR A 69 5.18 4.88 0.09
N VAL A 70 5.17 3.94 1.02
CA VAL A 70 3.97 3.17 1.31
C VAL A 70 2.89 4.10 1.86
N GLY A 71 3.32 5.05 2.67
CA GLY A 71 2.38 5.96 3.30
C GLY A 71 1.64 6.82 2.29
N ASP A 72 2.31 7.15 1.19
CA ASP A 72 1.67 7.93 0.13
C ASP A 72 0.48 7.16 -0.41
N ALA A 73 0.70 5.89 -0.75
CA ALA A 73 -0.37 5.00 -1.20
C ALA A 73 -1.46 4.94 -0.17
N THR A 74 -1.06 4.70 1.07
CA THR A 74 -1.99 4.48 2.13
C THR A 74 -2.92 5.68 2.29
N LYS A 75 -2.34 6.87 2.42
CA LYS A 75 -3.13 8.08 2.61
C LYS A 75 -3.96 8.37 1.36
N TYR A 76 -3.38 8.05 0.20
CA TYR A 76 -4.07 8.17 -1.09
C TYR A 76 -5.29 7.24 -1.10
N ILE A 77 -5.06 5.99 -0.68
CA ILE A 77 -6.11 5.00 -0.58
C ILE A 77 -7.21 5.47 0.35
N LEU A 78 -6.80 5.97 1.51
CA LEU A 78 -7.71 6.40 2.54
C LEU A 78 -8.63 7.53 2.07
N ASP A 79 -8.17 8.31 1.10
CA ASP A 79 -8.93 9.44 0.60
C ASP A 79 -9.89 9.02 -0.52
N HIS A 80 -9.51 7.99 -1.27
CA HIS A 80 -10.26 7.59 -2.46
C HIS A 80 -10.88 6.20 -2.31
N GLN A 81 -11.21 5.81 -1.09
CA GLN A 81 -11.76 4.50 -0.86
C GLN A 81 -13.28 4.49 -0.99
N ALA A 82 -13.82 3.32 -1.31
CA ALA A 82 -15.26 3.10 -1.45
C ALA A 82 -15.89 4.05 -2.45
N MET A 1 14.45 -1.00 2.15
CA MET A 1 14.31 -1.47 3.55
C MET A 1 13.23 -2.53 3.61
N ALA A 2 13.59 -3.73 4.07
CA ALA A 2 12.65 -4.82 4.18
C ALA A 2 12.00 -4.82 5.56
N ALA A 3 10.74 -4.43 5.59
CA ALA A 3 9.98 -4.38 6.82
C ALA A 3 8.85 -5.39 6.75
N THR A 4 8.56 -6.04 7.86
CA THR A 4 7.55 -7.07 7.88
C THR A 4 6.15 -6.46 7.82
N GLN A 5 5.14 -7.33 7.84
CA GLN A 5 3.77 -6.94 7.56
C GLN A 5 3.29 -5.79 8.44
N GLU A 6 3.35 -5.95 9.75
CA GLU A 6 2.78 -4.97 10.67
C GLU A 6 3.53 -3.64 10.60
N GLU A 7 4.82 -3.72 10.36
CA GLU A 7 5.68 -2.55 10.36
C GLU A 7 5.49 -1.75 9.07
N ILE A 8 5.54 -2.44 7.93
CA ILE A 8 5.35 -1.80 6.64
C ILE A 8 3.90 -1.32 6.53
N VAL A 9 2.97 -2.08 7.10
CA VAL A 9 1.57 -1.71 7.15
C VAL A 9 1.40 -0.40 7.91
N ALA A 10 2.16 -0.21 8.98
CA ALA A 10 2.12 1.04 9.72
C ALA A 10 2.48 2.21 8.82
N GLY A 11 3.58 2.06 8.07
CA GLY A 11 4.01 3.11 7.16
C GLY A 11 3.04 3.31 6.00
N LEU A 12 2.48 2.21 5.52
CA LEU A 12 1.51 2.25 4.43
C LEU A 12 0.21 2.90 4.91
N ALA A 13 -0.28 2.43 6.07
CA ALA A 13 -1.52 2.93 6.67
C ALA A 13 -1.45 4.42 6.93
N GLU A 14 -0.32 4.84 7.50
CA GLU A 14 -0.06 6.25 7.80
C GLU A 14 -0.29 7.11 6.58
N ILE A 15 0.06 6.56 5.42
CA ILE A 15 -0.02 7.29 4.18
C ILE A 15 -1.40 7.18 3.51
N VAL A 16 -2.04 6.01 3.60
CA VAL A 16 -3.36 5.85 2.99
C VAL A 16 -4.40 6.67 3.74
N ASN A 17 -4.11 6.93 5.01
CA ASN A 17 -4.98 7.74 5.83
C ASN A 17 -5.08 9.16 5.26
N GLU A 18 -4.06 9.55 4.51
CA GLU A 18 -4.06 10.85 3.83
C GLU A 18 -5.02 10.81 2.65
N ILE A 19 -5.01 9.70 1.93
CA ILE A 19 -5.81 9.56 0.72
C ILE A 19 -7.29 9.49 1.07
N ALA A 20 -7.64 8.59 1.96
CA ALA A 20 -9.04 8.39 2.32
C ALA A 20 -9.21 8.47 3.83
N GLY A 21 -8.99 7.36 4.54
CA GLY A 21 -9.06 7.40 5.98
C GLY A 21 -9.44 6.09 6.62
N ILE A 22 -8.71 5.03 6.31
CA ILE A 22 -8.81 3.81 7.10
C ILE A 22 -7.94 3.97 8.33
N PRO A 23 -8.46 3.69 9.53
CA PRO A 23 -7.67 3.72 10.76
C PRO A 23 -6.38 2.91 10.61
N VAL A 24 -5.28 3.45 11.11
CA VAL A 24 -3.97 2.81 10.94
C VAL A 24 -3.95 1.38 11.48
N GLU A 25 -4.79 1.11 12.46
CA GLU A 25 -4.89 -0.22 13.04
C GLU A 25 -5.77 -1.14 12.20
N ASP A 26 -6.60 -0.56 11.33
CA ASP A 26 -7.56 -1.32 10.54
C ASP A 26 -6.97 -1.77 9.22
N VAL A 27 -5.86 -1.14 8.82
CA VAL A 27 -5.19 -1.48 7.58
C VAL A 27 -4.66 -2.90 7.65
N LYS A 28 -5.19 -3.74 6.78
CA LYS A 28 -4.90 -5.15 6.80
C LYS A 28 -4.62 -5.61 5.39
N LEU A 29 -4.09 -6.81 5.25
CA LEU A 29 -3.87 -7.38 3.93
C LEU A 29 -5.17 -7.95 3.39
N ASP A 30 -6.20 -7.86 4.21
CA ASP A 30 -7.48 -8.48 3.91
C ASP A 30 -8.49 -7.46 3.37
N LYS A 31 -8.20 -6.16 3.49
CA LYS A 31 -9.18 -5.16 3.10
C LYS A 31 -8.86 -4.60 1.72
N SER A 32 -9.90 -4.32 0.95
CA SER A 32 -9.73 -3.91 -0.43
C SER A 32 -9.47 -2.42 -0.54
N PHE A 33 -8.48 -2.06 -1.37
CA PHE A 33 -8.15 -0.65 -1.62
C PHE A 33 -9.37 0.06 -2.20
N THR A 34 -10.05 -0.61 -3.11
CA THR A 34 -11.19 -0.02 -3.79
C THR A 34 -12.43 -0.01 -2.89
N ASP A 35 -12.59 -1.07 -2.09
CA ASP A 35 -13.80 -1.24 -1.30
C ASP A 35 -13.67 -0.60 0.10
N ASP A 36 -12.64 -1.05 0.83
CA ASP A 36 -12.41 -0.56 2.19
C ASP A 36 -11.77 0.80 2.18
N LEU A 37 -10.62 0.89 1.52
CA LEU A 37 -9.82 2.12 1.50
C LEU A 37 -10.55 3.22 0.73
N ASP A 38 -11.59 2.82 -0.02
CA ASP A 38 -12.42 3.76 -0.80
C ASP A 38 -11.53 4.61 -1.72
N VAL A 39 -10.50 3.97 -2.24
CA VAL A 39 -9.48 4.68 -2.99
C VAL A 39 -9.73 4.59 -4.50
N ASP A 40 -9.33 5.63 -5.23
CA ASP A 40 -9.34 5.59 -6.69
C ASP A 40 -7.97 5.18 -7.19
N SER A 41 -7.91 4.77 -8.46
CA SER A 41 -6.65 4.32 -9.07
C SER A 41 -5.56 5.38 -8.97
N LEU A 42 -5.91 6.62 -9.21
CA LEU A 42 -4.94 7.70 -9.07
C LEU A 42 -4.65 7.97 -7.60
N SER A 43 -5.70 8.08 -6.80
CA SER A 43 -5.57 8.37 -5.38
C SER A 43 -4.55 7.43 -4.72
N MET A 44 -4.75 6.12 -4.91
CA MET A 44 -3.84 5.11 -4.37
C MET A 44 -2.43 5.33 -4.88
N VAL A 45 -2.25 5.28 -6.19
CA VAL A 45 -0.93 5.37 -6.79
C VAL A 45 -0.24 6.69 -6.40
N GLU A 46 -1.02 7.68 -6.00
CA GLU A 46 -0.47 8.96 -5.63
C GLU A 46 0.29 8.85 -4.30
N VAL A 47 -0.42 8.57 -3.22
CA VAL A 47 0.22 8.57 -1.92
C VAL A 47 0.79 7.19 -1.59
N VAL A 48 0.26 6.14 -2.22
CA VAL A 48 0.76 4.79 -1.96
C VAL A 48 2.06 4.55 -2.72
N VAL A 49 2.28 5.28 -3.82
CA VAL A 49 3.57 5.29 -4.48
C VAL A 49 4.55 6.11 -3.66
N ALA A 50 4.04 7.19 -3.06
CA ALA A 50 4.84 7.92 -2.08
C ALA A 50 5.18 7.01 -0.89
N ALA A 51 4.38 5.95 -0.72
CA ALA A 51 4.59 4.99 0.35
C ALA A 51 5.58 3.90 -0.05
N GLU A 52 5.60 3.51 -1.32
CA GLU A 52 6.47 2.44 -1.76
C GLU A 52 7.93 2.88 -1.68
N GLU A 53 8.20 4.05 -2.22
CA GLU A 53 9.57 4.52 -2.33
C GLU A 53 10.18 4.82 -0.96
N ARG A 54 9.36 5.15 0.02
CA ARG A 54 9.87 5.51 1.35
C ARG A 54 10.35 4.27 2.09
N PHE A 55 10.00 3.09 1.57
CA PHE A 55 10.50 1.83 2.12
C PHE A 55 11.58 1.26 1.21
N ASP A 56 11.91 2.02 0.16
CA ASP A 56 12.91 1.60 -0.83
C ASP A 56 12.52 0.27 -1.47
N VAL A 57 11.35 0.26 -2.08
CA VAL A 57 10.88 -0.89 -2.84
C VAL A 57 10.64 -0.46 -4.28
N LYS A 58 10.56 -1.42 -5.19
CA LYS A 58 10.26 -1.11 -6.58
C LYS A 58 9.04 -1.87 -7.06
N ILE A 59 7.96 -1.14 -7.30
CA ILE A 59 6.74 -1.72 -7.83
C ILE A 59 6.19 -0.85 -8.96
N PRO A 60 5.73 -1.47 -10.05
CA PRO A 60 5.12 -0.75 -11.17
C PRO A 60 3.88 0.01 -10.71
N ASP A 61 3.86 1.31 -11.00
CA ASP A 61 2.76 2.18 -10.58
C ASP A 61 1.41 1.67 -11.08
N ASP A 62 1.40 1.10 -12.28
CA ASP A 62 0.17 0.58 -12.87
C ASP A 62 -0.30 -0.68 -12.14
N ASP A 63 0.60 -1.33 -11.42
CA ASP A 63 0.25 -2.55 -10.73
C ASP A 63 -0.43 -2.25 -9.40
N VAL A 64 -0.23 -1.04 -8.87
CA VAL A 64 -0.88 -0.66 -7.63
C VAL A 64 -2.38 -0.57 -7.84
N LYS A 65 -2.79 -0.06 -8.99
CA LYS A 65 -4.22 0.04 -9.30
C LYS A 65 -4.74 -1.26 -9.87
N ASN A 66 -3.83 -2.20 -10.05
CA ASN A 66 -4.16 -3.54 -10.51
C ASN A 66 -4.65 -4.37 -9.32
N LEU A 67 -4.03 -4.14 -8.18
CA LEU A 67 -4.41 -4.82 -6.95
C LEU A 67 -5.57 -4.09 -6.28
N LYS A 68 -6.61 -4.85 -5.98
CA LYS A 68 -7.82 -4.29 -5.43
C LYS A 68 -7.83 -4.32 -3.91
N THR A 69 -6.79 -4.89 -3.31
CA THR A 69 -6.66 -4.91 -1.87
C THR A 69 -5.36 -4.24 -1.46
N VAL A 70 -5.34 -3.59 -0.29
CA VAL A 70 -4.12 -2.97 0.19
C VAL A 70 -3.07 -4.03 0.49
N GLY A 71 -3.55 -5.18 0.96
CA GLY A 71 -2.66 -6.26 1.32
C GLY A 71 -1.87 -6.81 0.14
N ASP A 72 -2.52 -6.86 -1.02
CA ASP A 72 -1.87 -7.37 -2.22
C ASP A 72 -0.65 -6.52 -2.56
N ALA A 73 -0.84 -5.19 -2.53
CA ALA A 73 0.26 -4.25 -2.70
C ALA A 73 1.33 -4.50 -1.69
N THR A 74 0.91 -4.50 -0.44
CA THR A 74 1.81 -4.63 0.67
C THR A 74 2.68 -5.88 0.51
N LYS A 75 2.05 -7.02 0.25
CA LYS A 75 2.75 -8.28 0.11
C LYS A 75 3.66 -8.27 -1.12
N TYR A 76 3.20 -7.60 -2.18
CA TYR A 76 3.99 -7.44 -3.40
C TYR A 76 5.22 -6.59 -3.10
N ILE A 77 5.01 -5.54 -2.31
CA ILE A 77 6.09 -4.71 -1.80
C ILE A 77 7.04 -5.56 -0.96
N LEU A 78 6.47 -6.42 -0.14
CA LEU A 78 7.22 -7.26 0.78
C LEU A 78 8.14 -8.25 0.04
N ASP A 79 7.80 -8.55 -1.20
CA ASP A 79 8.62 -9.45 -1.99
C ASP A 79 9.72 -8.69 -2.73
N HIS A 80 9.39 -7.52 -3.24
CA HIS A 80 10.29 -6.79 -4.13
C HIS A 80 10.94 -5.61 -3.42
N GLN A 81 10.96 -5.64 -2.09
CA GLN A 81 11.56 -4.57 -1.32
C GLN A 81 13.06 -4.82 -1.14
N ALA A 82 13.84 -3.75 -1.25
CA ALA A 82 15.29 -3.86 -1.14
C ALA A 82 15.72 -4.05 0.31
N MET A 1 -15.64 7.70 -4.84
CA MET A 1 -14.72 8.30 -3.85
C MET A 1 -13.45 7.47 -3.76
N ALA A 2 -13.62 6.16 -3.69
CA ALA A 2 -12.51 5.23 -3.60
C ALA A 2 -11.86 5.01 -4.96
N ALA A 3 -10.68 4.42 -4.95
CA ALA A 3 -9.95 4.12 -6.18
C ALA A 3 -9.83 2.63 -6.35
N THR A 4 -9.97 2.17 -7.58
CA THR A 4 -9.84 0.75 -7.86
C THR A 4 -8.37 0.35 -7.92
N GLN A 5 -8.10 -0.90 -8.27
CA GLN A 5 -6.77 -1.49 -8.15
C GLN A 5 -5.70 -0.66 -8.88
N GLU A 6 -5.90 -0.41 -10.16
CA GLU A 6 -4.88 0.24 -10.98
C GLU A 6 -4.66 1.68 -10.53
N GLU A 7 -5.73 2.32 -10.10
CA GLU A 7 -5.68 3.70 -9.66
C GLU A 7 -5.02 3.80 -8.28
N ILE A 8 -5.47 2.93 -7.37
CA ILE A 8 -4.95 2.93 -6.01
C ILE A 8 -3.50 2.43 -6.01
N VAL A 9 -3.19 1.54 -6.95
CA VAL A 9 -1.82 1.05 -7.14
C VAL A 9 -0.89 2.20 -7.52
N ALA A 10 -1.37 3.09 -8.39
CA ALA A 10 -0.60 4.26 -8.76
C ALA A 10 -0.33 5.13 -7.54
N GLY A 11 -1.38 5.37 -6.76
CA GLY A 11 -1.24 6.16 -5.53
C GLY A 11 -0.36 5.47 -4.51
N LEU A 12 -0.49 4.15 -4.42
CA LEU A 12 0.34 3.35 -3.52
C LEU A 12 1.79 3.46 -3.96
N ALA A 13 2.03 3.21 -5.25
CA ALA A 13 3.35 3.29 -5.84
C ALA A 13 4.00 4.64 -5.59
N GLU A 14 3.28 5.69 -5.93
CA GLU A 14 3.74 7.06 -5.72
C GLU A 14 4.23 7.27 -4.30
N ILE A 15 3.49 6.70 -3.36
CA ILE A 15 3.74 6.92 -1.96
C ILE A 15 4.81 5.99 -1.40
N VAL A 16 4.96 4.79 -1.95
CA VAL A 16 6.03 3.90 -1.52
C VAL A 16 7.35 4.36 -2.10
N ASN A 17 7.28 5.07 -3.22
CA ASN A 17 8.46 5.71 -3.80
C ASN A 17 9.02 6.73 -2.82
N GLU A 18 8.12 7.32 -2.02
CA GLU A 18 8.51 8.20 -0.93
C GLU A 18 9.32 7.43 0.11
N ILE A 19 8.88 6.21 0.40
CA ILE A 19 9.46 5.41 1.46
C ILE A 19 10.80 4.79 1.04
N ALA A 20 10.80 4.08 -0.08
CA ALA A 20 11.97 3.34 -0.50
C ALA A 20 12.30 3.64 -1.96
N GLY A 21 11.54 3.03 -2.87
CA GLY A 21 11.72 3.38 -4.27
C GLY A 21 11.51 2.22 -5.24
N ILE A 22 10.32 1.63 -5.26
CA ILE A 22 9.93 0.76 -6.35
C ILE A 22 9.29 1.62 -7.45
N PRO A 23 9.75 1.49 -8.70
CA PRO A 23 9.14 2.19 -9.84
C PRO A 23 7.63 1.99 -9.87
N VAL A 24 6.91 3.05 -10.23
CA VAL A 24 5.46 3.06 -10.20
C VAL A 24 4.87 1.92 -11.03
N GLU A 25 5.56 1.58 -12.12
CA GLU A 25 5.10 0.54 -13.03
C GLU A 25 5.34 -0.87 -12.47
N ASP A 26 6.29 -0.99 -11.53
CA ASP A 26 6.68 -2.29 -11.02
C ASP A 26 5.79 -2.71 -9.86
N VAL A 27 5.06 -1.73 -9.32
CA VAL A 27 4.19 -1.98 -8.17
C VAL A 27 3.01 -2.84 -8.57
N LYS A 28 2.89 -3.97 -7.91
CA LYS A 28 1.92 -4.99 -8.28
C LYS A 28 1.40 -5.65 -7.03
N LEU A 29 0.46 -6.56 -7.19
CA LEU A 29 -0.09 -7.28 -6.05
C LEU A 29 0.83 -8.42 -5.66
N ASP A 30 1.85 -8.65 -6.48
CA ASP A 30 2.71 -9.81 -6.32
C ASP A 30 3.92 -9.49 -5.47
N LYS A 31 4.40 -8.26 -5.56
CA LYS A 31 5.69 -7.93 -5.00
C LYS A 31 5.54 -7.64 -3.51
N SER A 32 6.48 -8.12 -2.73
CA SER A 32 6.34 -8.08 -1.29
C SER A 32 6.88 -6.77 -0.72
N PHE A 33 6.12 -6.18 0.21
CA PHE A 33 6.54 -4.93 0.86
C PHE A 33 7.89 -5.10 1.52
N THR A 34 8.05 -6.20 2.22
CA THR A 34 9.26 -6.49 2.96
C THR A 34 10.37 -6.94 2.01
N ASP A 35 10.00 -7.63 0.94
CA ASP A 35 10.99 -8.25 0.06
C ASP A 35 11.38 -7.32 -1.09
N ASP A 36 10.40 -6.91 -1.88
CA ASP A 36 10.64 -6.10 -3.07
C ASP A 36 10.62 -4.61 -2.76
N LEU A 37 9.61 -4.17 -2.02
CA LEU A 37 9.42 -2.74 -1.74
C LEU A 37 10.54 -2.21 -0.85
N ASP A 38 11.27 -3.12 -0.20
CA ASP A 38 12.41 -2.75 0.66
C ASP A 38 11.92 -1.90 1.83
N VAL A 39 10.71 -2.18 2.29
CA VAL A 39 10.08 -1.33 3.28
C VAL A 39 10.22 -1.92 4.69
N ASP A 40 10.30 -1.04 5.69
CA ASP A 40 10.33 -1.44 7.09
C ASP A 40 8.93 -1.34 7.66
N SER A 41 8.73 -1.98 8.82
CA SER A 41 7.43 -1.97 9.49
C SER A 41 6.94 -0.54 9.75
N LEU A 42 7.81 0.30 10.31
CA LEU A 42 7.45 1.68 10.55
C LEU A 42 7.28 2.42 9.21
N SER A 43 8.29 2.28 8.35
CA SER A 43 8.31 2.93 7.04
C SER A 43 6.99 2.74 6.29
N MET A 44 6.55 1.49 6.17
CA MET A 44 5.31 1.18 5.47
C MET A 44 4.10 1.82 6.15
N VAL A 45 3.97 1.64 7.46
CA VAL A 45 2.84 2.20 8.18
C VAL A 45 2.82 3.72 8.05
N GLU A 46 3.97 4.33 7.82
CA GLU A 46 4.06 5.78 7.78
C GLU A 46 3.44 6.33 6.49
N VAL A 47 4.05 6.03 5.36
CA VAL A 47 3.60 6.65 4.14
C VAL A 47 2.48 5.84 3.48
N VAL A 48 2.37 4.55 3.81
CA VAL A 48 1.31 3.74 3.23
C VAL A 48 0.00 3.99 3.96
N VAL A 49 0.08 4.38 5.24
CA VAL A 49 -1.12 4.87 5.94
C VAL A 49 -1.52 6.23 5.37
N ALA A 50 -0.53 7.01 4.97
CA ALA A 50 -0.81 8.24 4.23
C ALA A 50 -1.49 7.90 2.90
N ALA A 51 -1.23 6.70 2.38
CA ALA A 51 -1.83 6.26 1.12
C ALA A 51 -3.25 5.77 1.30
N GLU A 52 -3.53 5.12 2.42
CA GLU A 52 -4.85 4.60 2.65
C GLU A 52 -5.82 5.76 2.89
N GLU A 53 -5.47 6.62 3.82
CA GLU A 53 -6.35 7.71 4.21
C GLU A 53 -6.56 8.73 3.09
N ARG A 54 -5.66 8.76 2.12
CA ARG A 54 -5.79 9.71 1.02
C ARG A 54 -6.93 9.31 0.08
N PHE A 55 -7.52 8.13 0.36
CA PHE A 55 -8.72 7.68 -0.34
C PHE A 55 -9.84 7.48 0.67
N ASP A 56 -9.62 8.00 1.89
CA ASP A 56 -10.55 7.91 3.02
C ASP A 56 -10.85 6.46 3.39
N VAL A 57 -9.81 5.65 3.39
CA VAL A 57 -9.89 4.33 3.97
C VAL A 57 -8.95 4.29 5.17
N LYS A 58 -9.40 3.70 6.26
CA LYS A 58 -8.63 3.74 7.49
C LYS A 58 -8.57 2.36 8.14
N ILE A 59 -7.36 1.84 8.25
CA ILE A 59 -7.14 0.55 8.86
C ILE A 59 -6.29 0.72 10.12
N PRO A 60 -6.23 -0.30 10.99
CA PRO A 60 -5.32 -0.28 12.13
C PRO A 60 -3.87 -0.20 11.67
N ASP A 61 -3.10 0.67 12.30
CA ASP A 61 -1.69 0.89 11.94
C ASP A 61 -0.93 -0.43 11.90
N ASP A 62 -1.21 -1.27 12.88
CA ASP A 62 -0.51 -2.55 13.04
C ASP A 62 -0.78 -3.48 11.86
N ASP A 63 -1.88 -3.22 11.14
CA ASP A 63 -2.26 -4.07 10.02
C ASP A 63 -1.33 -3.88 8.82
N VAL A 64 -0.96 -2.63 8.52
CA VAL A 64 -0.05 -2.37 7.41
C VAL A 64 1.27 -3.10 7.65
N LYS A 65 1.75 -3.03 8.88
CA LYS A 65 3.01 -3.65 9.26
C LYS A 65 2.96 -5.17 9.16
N ASN A 66 1.76 -5.73 9.22
CA ASN A 66 1.60 -7.18 9.28
C ASN A 66 1.42 -7.79 7.89
N LEU A 67 1.08 -6.96 6.91
CA LEU A 67 0.94 -7.45 5.54
C LEU A 67 2.28 -7.39 4.81
N LYS A 68 2.67 -8.52 4.22
CA LYS A 68 4.00 -8.68 3.68
C LYS A 68 4.08 -8.27 2.21
N THR A 69 2.96 -8.00 1.58
CA THR A 69 2.96 -7.62 0.16
C THR A 69 2.18 -6.34 -0.04
N VAL A 70 2.48 -5.64 -1.13
CA VAL A 70 1.74 -4.44 -1.48
C VAL A 70 0.39 -4.82 -2.10
N GLY A 71 0.29 -6.06 -2.54
CA GLY A 71 -0.94 -6.55 -3.11
C GLY A 71 -1.98 -6.85 -2.06
N ASP A 72 -1.54 -7.48 -0.96
CA ASP A 72 -2.41 -7.70 0.19
C ASP A 72 -2.87 -6.36 0.73
N ALA A 73 -1.97 -5.39 0.73
CA ALA A 73 -2.28 -4.03 1.15
C ALA A 73 -3.41 -3.45 0.33
N THR A 74 -3.23 -3.42 -0.97
CA THR A 74 -4.21 -2.85 -1.86
C THR A 74 -5.55 -3.55 -1.74
N LYS A 75 -5.55 -4.87 -1.83
CA LYS A 75 -6.79 -5.62 -1.74
C LYS A 75 -7.46 -5.42 -0.37
N TYR A 76 -6.64 -5.34 0.68
CA TYR A 76 -7.13 -5.05 2.03
C TYR A 76 -7.74 -3.65 2.06
N ILE A 77 -7.08 -2.71 1.38
CA ILE A 77 -7.62 -1.37 1.21
C ILE A 77 -8.92 -1.42 0.42
N LEU A 78 -8.86 -2.07 -0.73
CA LEU A 78 -9.97 -2.12 -1.67
C LEU A 78 -11.20 -2.75 -1.04
N ASP A 79 -10.98 -3.74 -0.18
CA ASP A 79 -12.06 -4.40 0.54
C ASP A 79 -12.69 -3.43 1.55
N HIS A 80 -11.86 -2.59 2.16
CA HIS A 80 -12.32 -1.66 3.19
C HIS A 80 -12.54 -0.26 2.61
N GLN A 81 -12.44 -0.15 1.29
CA GLN A 81 -12.58 1.13 0.61
C GLN A 81 -14.00 1.66 0.71
N ALA A 82 -14.15 2.97 0.70
CA ALA A 82 -15.46 3.58 0.84
C ALA A 82 -16.01 4.02 -0.51
N MET A 1 14.99 -6.92 -8.57
CA MET A 1 14.19 -7.26 -7.37
C MET A 1 13.46 -6.04 -6.85
N ALA A 2 14.08 -4.87 -6.98
CA ALA A 2 13.50 -3.63 -6.48
C ALA A 2 12.47 -3.09 -7.46
N ALA A 3 11.28 -2.83 -6.95
CA ALA A 3 10.20 -2.26 -7.75
C ALA A 3 10.07 -0.78 -7.45
N THR A 4 10.12 0.03 -8.49
CA THR A 4 9.99 1.46 -8.32
C THR A 4 8.52 1.84 -8.10
N GLN A 5 8.22 3.12 -8.22
CA GLN A 5 6.90 3.63 -7.85
C GLN A 5 5.78 2.91 -8.60
N GLU A 6 5.84 2.92 -9.92
CA GLU A 6 4.74 2.37 -10.72
C GLU A 6 4.71 0.85 -10.64
N GLU A 7 5.87 0.25 -10.45
CA GLU A 7 5.97 -1.20 -10.29
C GLU A 7 5.29 -1.63 -9.00
N ILE A 8 5.68 -1.01 -7.90
CA ILE A 8 5.12 -1.33 -6.60
C ILE A 8 3.66 -0.88 -6.53
N VAL A 9 3.35 0.22 -7.21
CA VAL A 9 1.98 0.72 -7.30
C VAL A 9 1.07 -0.29 -7.97
N ALA A 10 1.58 -0.98 -9.00
CA ALA A 10 0.84 -2.03 -9.67
C ALA A 10 0.53 -3.17 -8.71
N GLY A 11 1.53 -3.57 -7.93
CA GLY A 11 1.33 -4.62 -6.96
C GLY A 11 0.42 -4.17 -5.82
N LEU A 12 0.60 -2.93 -5.39
CA LEU A 12 -0.23 -2.32 -4.34
C LEU A 12 -1.69 -2.24 -4.81
N ALA A 13 -1.88 -1.73 -6.02
CA ALA A 13 -3.20 -1.62 -6.63
C ALA A 13 -3.90 -2.96 -6.68
N GLU A 14 -3.18 -3.94 -7.19
CA GLU A 14 -3.68 -5.30 -7.32
C GLU A 14 -4.18 -5.84 -5.98
N ILE A 15 -3.47 -5.50 -4.92
CA ILE A 15 -3.74 -6.08 -3.62
C ILE A 15 -4.81 -5.30 -2.84
N VAL A 16 -4.87 -3.98 -3.02
CA VAL A 16 -5.91 -3.20 -2.37
C VAL A 16 -7.24 -3.44 -3.06
N ASN A 17 -7.17 -3.84 -4.32
CA ASN A 17 -8.35 -4.23 -5.08
C ASN A 17 -9.00 -5.46 -4.44
N GLU A 18 -8.18 -6.23 -3.71
CA GLU A 18 -8.67 -7.38 -2.94
C GLU A 18 -9.47 -6.92 -1.73
N ILE A 19 -9.12 -5.74 -1.24
CA ILE A 19 -9.70 -5.23 0.00
C ILE A 19 -10.95 -4.40 -0.26
N ALA A 20 -10.83 -3.41 -1.12
CA ALA A 20 -11.92 -2.50 -1.38
C ALA A 20 -12.27 -2.47 -2.86
N GLY A 21 -11.52 -1.71 -3.64
CA GLY A 21 -11.73 -1.72 -5.07
C GLY A 21 -11.42 -0.40 -5.76
N ILE A 22 -10.18 0.07 -5.65
CA ILE A 22 -9.72 1.16 -6.51
C ILE A 22 -9.14 0.55 -7.78
N PRO A 23 -9.57 1.05 -8.96
CA PRO A 23 -9.00 0.61 -10.24
C PRO A 23 -7.48 0.74 -10.23
N VAL A 24 -6.79 -0.22 -10.84
CA VAL A 24 -5.33 -0.28 -10.78
C VAL A 24 -4.69 0.94 -11.42
N GLU A 25 -5.44 1.61 -12.29
CA GLU A 25 -4.95 2.81 -12.95
C GLU A 25 -5.08 4.03 -12.04
N ASP A 26 -5.95 3.94 -11.04
CA ASP A 26 -6.26 5.11 -10.21
C ASP A 26 -5.47 5.08 -8.92
N VAL A 27 -4.77 3.98 -8.67
CA VAL A 27 -3.91 3.90 -7.51
C VAL A 27 -2.74 4.85 -7.68
N LYS A 28 -2.76 5.90 -6.88
CA LYS A 28 -1.84 7.01 -7.02
C LYS A 28 -1.31 7.39 -5.67
N LEU A 29 -0.25 8.16 -5.66
CA LEU A 29 0.31 8.67 -4.42
C LEU A 29 -0.56 9.78 -3.86
N ASP A 30 -1.60 10.13 -4.60
CA ASP A 30 -2.41 11.29 -4.30
C ASP A 30 -3.75 10.92 -3.68
N LYS A 31 -4.09 9.62 -3.64
CA LYS A 31 -5.38 9.23 -3.09
C LYS A 31 -5.20 8.66 -1.69
N SER A 32 -6.14 8.97 -0.82
CA SER A 32 -6.02 8.63 0.59
C SER A 32 -6.48 7.20 0.84
N PHE A 33 -5.69 6.44 1.57
CA PHE A 33 -6.01 5.06 1.90
C PHE A 33 -7.31 4.99 2.68
N THR A 34 -7.40 5.80 3.70
CA THR A 34 -8.56 5.83 4.56
C THR A 34 -9.79 6.41 3.83
N ASP A 35 -9.54 7.40 2.97
CA ASP A 35 -10.63 8.11 2.32
C ASP A 35 -11.00 7.48 0.98
N ASP A 36 -10.09 7.59 0.01
CA ASP A 36 -10.35 7.18 -1.36
C ASP A 36 -10.38 5.66 -1.49
N LEU A 37 -9.43 5.00 -0.86
CA LEU A 37 -9.33 3.55 -0.93
C LEU A 37 -10.47 2.92 -0.14
N ASP A 38 -11.13 3.73 0.70
CA ASP A 38 -12.25 3.27 1.52
C ASP A 38 -11.81 2.14 2.44
N VAL A 39 -10.54 2.17 2.83
CA VAL A 39 -9.95 1.06 3.56
C VAL A 39 -10.06 1.29 5.06
N ASP A 40 -10.25 0.21 5.81
CA ASP A 40 -10.28 0.28 7.26
C ASP A 40 -8.91 -0.08 7.81
N SER A 41 -8.63 0.34 9.04
CA SER A 41 -7.33 0.15 9.66
C SER A 41 -6.90 -1.32 9.61
N LEU A 42 -7.82 -2.22 9.90
CA LEU A 42 -7.49 -3.64 9.87
C LEU A 42 -7.33 -4.12 8.43
N SER A 43 -8.28 -3.72 7.59
CA SER A 43 -8.28 -4.10 6.18
C SER A 43 -6.94 -3.80 5.51
N MET A 44 -6.51 -2.54 5.65
CA MET A 44 -5.25 -2.09 5.06
C MET A 44 -4.08 -2.92 5.58
N VAL A 45 -3.98 -3.07 6.89
CA VAL A 45 -2.88 -3.80 7.46
C VAL A 45 -2.88 -5.26 6.98
N GLU A 46 -4.05 -5.79 6.64
CA GLU A 46 -4.14 -7.20 6.28
C GLU A 46 -3.55 -7.47 4.90
N VAL A 47 -4.16 -6.94 3.85
CA VAL A 47 -3.73 -7.29 2.51
C VAL A 47 -2.63 -6.35 2.03
N VAL A 48 -2.51 -5.18 2.64
CA VAL A 48 -1.44 -4.26 2.26
C VAL A 48 -0.12 -4.69 2.93
N VAL A 49 -0.22 -5.46 4.01
CA VAL A 49 0.97 -6.13 4.55
C VAL A 49 1.29 -7.34 3.68
N ALA A 50 0.27 -7.95 3.10
CA ALA A 50 0.50 -8.95 2.08
C ALA A 50 1.22 -8.31 0.89
N ALA A 51 1.05 -6.99 0.74
CA ALA A 51 1.70 -6.24 -0.33
C ALA A 51 3.13 -5.87 0.04
N GLU A 52 3.37 -5.55 1.31
CA GLU A 52 4.71 -5.17 1.74
C GLU A 52 5.66 -6.34 1.54
N GLU A 53 5.22 -7.51 1.97
CA GLU A 53 6.07 -8.67 2.02
C GLU A 53 6.32 -9.26 0.64
N ARG A 54 5.45 -8.98 -0.34
CA ARG A 54 5.65 -9.49 -1.69
C ARG A 54 6.72 -8.67 -2.41
N PHE A 55 7.19 -7.62 -1.74
CA PHE A 55 8.31 -6.83 -2.22
C PHE A 55 9.46 -6.92 -1.22
N ASP A 56 9.35 -7.94 -0.35
CA ASP A 56 10.39 -8.28 0.63
C ASP A 56 10.71 -7.13 1.57
N VAL A 57 9.68 -6.56 2.18
CA VAL A 57 9.87 -5.56 3.21
C VAL A 57 8.98 -5.89 4.40
N LYS A 58 9.36 -5.41 5.58
CA LYS A 58 8.50 -5.55 6.74
C LYS A 58 8.43 -4.25 7.51
N ILE A 59 7.26 -3.63 7.48
CA ILE A 59 7.01 -2.41 8.21
C ILE A 59 6.15 -2.71 9.43
N PRO A 60 6.09 -1.78 10.41
CA PRO A 60 5.26 -1.96 11.59
C PRO A 60 3.78 -2.07 11.25
N ASP A 61 3.10 -3.03 11.89
CA ASP A 61 1.67 -3.27 11.67
C ASP A 61 0.88 -1.98 11.78
N ASP A 62 1.07 -1.29 12.91
CA ASP A 62 0.30 -0.10 13.21
C ASP A 62 0.70 1.07 12.33
N ASP A 63 1.86 0.99 11.71
CA ASP A 63 2.35 2.09 10.88
C ASP A 63 1.58 2.13 9.55
N VAL A 64 1.01 0.98 9.15
CA VAL A 64 0.20 0.94 7.94
C VAL A 64 -1.08 1.76 8.13
N LYS A 65 -1.72 1.62 9.29
CA LYS A 65 -2.93 2.38 9.58
C LYS A 65 -2.56 3.82 9.92
N ASN A 66 -1.27 4.04 10.16
CA ASN A 66 -0.76 5.36 10.52
C ASN A 66 -0.72 6.25 9.27
N LEU A 67 -0.32 5.66 8.16
CA LEU A 67 -0.27 6.38 6.89
C LEU A 67 -1.66 6.47 6.28
N LYS A 68 -2.01 7.66 5.81
CA LYS A 68 -3.38 7.93 5.39
C LYS A 68 -3.52 7.96 3.87
N THR A 69 -2.42 7.76 3.15
CA THR A 69 -2.47 7.72 1.70
C THR A 69 -1.71 6.51 1.17
N VAL A 70 -2.16 5.98 0.04
CA VAL A 70 -1.47 4.84 -0.58
C VAL A 70 -0.12 5.30 -1.14
N GLY A 71 -0.02 6.60 -1.37
CA GLY A 71 1.22 7.16 -1.87
C GLY A 71 2.30 7.24 -0.79
N ASP A 72 1.90 7.62 0.41
CA ASP A 72 2.82 7.66 1.54
C ASP A 72 3.24 6.23 1.87
N ALA A 73 2.30 5.31 1.71
CA ALA A 73 2.55 3.90 1.93
C ALA A 73 3.66 3.39 1.02
N THR A 74 3.57 3.76 -0.25
CA THR A 74 4.49 3.26 -1.24
C THR A 74 5.89 3.74 -0.94
N LYS A 75 6.03 5.04 -0.75
CA LYS A 75 7.31 5.64 -0.42
C LYS A 75 7.87 5.03 0.87
N TYR A 76 6.99 4.74 1.82
CA TYR A 76 7.40 4.09 3.06
C TYR A 76 7.95 2.69 2.77
N ILE A 77 7.25 1.97 1.89
CA ILE A 77 7.69 0.64 1.44
C ILE A 77 8.99 0.74 0.64
N LEU A 78 9.02 1.67 -0.30
CA LEU A 78 10.10 1.80 -1.26
C LEU A 78 11.46 1.97 -0.60
N ASP A 79 11.53 2.85 0.41
CA ASP A 79 12.80 3.18 1.05
C ASP A 79 13.34 2.04 1.92
N HIS A 80 12.54 0.97 2.09
CA HIS A 80 12.97 -0.15 2.92
C HIS A 80 12.84 -1.49 2.19
N GLN A 81 12.39 -1.45 0.94
CA GLN A 81 12.10 -2.66 0.19
C GLN A 81 13.38 -3.44 -0.12
N ALA A 82 13.24 -4.75 -0.33
CA ALA A 82 14.36 -5.63 -0.70
C ALA A 82 15.56 -5.47 0.23
N MET A 1 -18.43 3.28 7.46
CA MET A 1 -17.32 2.39 7.86
C MET A 1 -16.07 2.74 7.07
N ALA A 2 -15.15 3.46 7.70
CA ALA A 2 -13.91 3.84 7.06
C ALA A 2 -12.73 3.22 7.78
N ALA A 3 -11.70 2.86 7.03
CA ALA A 3 -10.49 2.32 7.62
C ALA A 3 -9.45 3.40 7.69
N THR A 4 -8.96 3.66 8.89
CA THR A 4 -7.98 4.70 9.10
C THR A 4 -6.58 4.14 8.84
N GLN A 5 -5.57 4.84 9.35
CA GLN A 5 -4.19 4.52 9.08
C GLN A 5 -3.82 3.11 9.53
N GLU A 6 -4.03 2.80 10.80
CA GLU A 6 -3.56 1.55 11.38
C GLU A 6 -4.25 0.33 10.77
N GLU A 7 -5.55 0.44 10.54
CA GLU A 7 -6.33 -0.67 9.99
C GLU A 7 -5.85 -1.03 8.60
N ILE A 8 -5.81 -0.03 7.73
CA ILE A 8 -5.42 -0.22 6.35
C ILE A 8 -3.94 -0.58 6.26
N VAL A 9 -3.15 -0.08 7.21
CA VAL A 9 -1.73 -0.40 7.28
C VAL A 9 -1.52 -1.89 7.50
N ALA A 10 -2.35 -2.49 8.35
CA ALA A 10 -2.28 -3.95 8.56
C ALA A 10 -2.61 -4.68 7.27
N GLY A 11 -3.59 -4.16 6.54
CA GLY A 11 -3.94 -4.72 5.25
C GLY A 11 -2.81 -4.57 4.25
N LEU A 12 -2.26 -3.35 4.17
CA LEU A 12 -1.14 -3.06 3.28
C LEU A 12 0.07 -3.92 3.68
N ALA A 13 0.26 -4.08 4.98
CA ALA A 13 1.33 -4.90 5.53
C ALA A 13 1.24 -6.33 5.01
N GLU A 14 0.08 -6.94 5.24
CA GLU A 14 -0.21 -8.30 4.79
C GLU A 14 0.12 -8.42 3.30
N ILE A 15 -0.25 -7.37 2.59
CA ILE A 15 -0.06 -7.28 1.16
C ILE A 15 1.41 -7.28 0.76
N VAL A 16 2.17 -6.33 1.27
CA VAL A 16 3.57 -6.19 0.86
C VAL A 16 4.42 -7.32 1.45
N ASN A 17 3.93 -7.90 2.54
CA ASN A 17 4.57 -9.08 3.13
C ASN A 17 4.58 -10.21 2.11
N GLU A 18 3.58 -10.23 1.24
CA GLU A 18 3.47 -11.22 0.19
C GLU A 18 4.41 -10.88 -0.97
N ILE A 19 4.80 -9.61 -1.04
CA ILE A 19 5.61 -9.13 -2.14
C ILE A 19 7.11 -9.24 -1.84
N ALA A 20 7.54 -8.69 -0.71
CA ALA A 20 8.96 -8.61 -0.42
C ALA A 20 9.26 -9.10 1.00
N GLY A 21 9.33 -8.19 1.97
CA GLY A 21 9.63 -8.61 3.33
C GLY A 21 9.67 -7.51 4.37
N ILE A 22 8.78 -6.54 4.29
CA ILE A 22 8.58 -5.62 5.42
C ILE A 22 7.59 -6.24 6.39
N PRO A 23 7.97 -6.41 7.67
CA PRO A 23 7.08 -6.96 8.70
C PRO A 23 5.82 -6.12 8.88
N VAL A 24 4.76 -6.75 9.38
CA VAL A 24 3.45 -6.11 9.47
C VAL A 24 3.51 -4.83 10.30
N GLU A 25 4.26 -4.88 11.38
CA GLU A 25 4.33 -3.75 12.30
C GLU A 25 5.32 -2.68 11.81
N ASP A 26 6.19 -3.06 10.87
CA ASP A 26 7.20 -2.13 10.36
C ASP A 26 6.61 -1.18 9.33
N VAL A 27 5.44 -1.53 8.83
CA VAL A 27 4.78 -0.73 7.80
C VAL A 27 4.41 0.64 8.34
N LYS A 28 4.93 1.65 7.68
CA LYS A 28 4.82 3.03 8.13
C LYS A 28 4.57 3.92 6.93
N LEU A 29 3.79 4.99 7.12
CA LEU A 29 3.49 5.90 6.02
C LEU A 29 4.74 6.69 5.63
N ASP A 30 5.78 6.55 6.43
CA ASP A 30 7.01 7.28 6.23
C ASP A 30 8.14 6.38 5.70
N LYS A 31 7.82 5.13 5.34
CA LYS A 31 8.81 4.28 4.71
C LYS A 31 8.51 4.17 3.22
N SER A 32 9.54 4.07 2.41
CA SER A 32 9.36 4.15 0.96
C SER A 32 9.24 2.77 0.32
N PHE A 33 8.32 2.62 -0.62
CA PHE A 33 8.13 1.35 -1.34
C PHE A 33 9.42 0.95 -2.04
N THR A 34 10.02 1.91 -2.71
CA THR A 34 11.24 1.68 -3.48
C THR A 34 12.46 1.58 -2.57
N ASP A 35 12.44 2.30 -1.47
CA ASP A 35 13.60 2.39 -0.59
C ASP A 35 13.58 1.33 0.52
N ASP A 36 12.44 1.24 1.22
CA ASP A 36 12.30 0.33 2.36
C ASP A 36 11.68 -1.00 1.94
N LEU A 37 10.54 -0.93 1.25
CA LEU A 37 9.71 -2.10 0.99
C LEU A 37 10.39 -3.08 0.04
N ASP A 38 11.49 -2.65 -0.58
CA ASP A 38 12.23 -3.47 -1.55
C ASP A 38 11.32 -3.88 -2.70
N VAL A 39 10.41 -2.98 -3.08
CA VAL A 39 9.37 -3.32 -4.05
C VAL A 39 9.74 -2.82 -5.45
N ASP A 40 9.29 -3.56 -6.46
CA ASP A 40 9.50 -3.18 -7.86
C ASP A 40 8.18 -2.72 -8.48
N SER A 41 8.26 -2.23 -9.72
CA SER A 41 7.10 -1.68 -10.42
C SER A 41 5.91 -2.65 -10.41
N LEU A 42 6.11 -3.83 -10.96
CA LEU A 42 5.02 -4.80 -11.02
C LEU A 42 4.66 -5.31 -9.64
N SER A 43 5.68 -5.57 -8.83
CA SER A 43 5.48 -6.09 -7.49
C SER A 43 4.45 -5.26 -6.73
N MET A 44 4.73 -3.97 -6.62
CA MET A 44 3.87 -3.05 -5.87
C MET A 44 2.48 -2.98 -6.48
N VAL A 45 2.40 -2.84 -7.79
CA VAL A 45 1.10 -2.69 -8.42
C VAL A 45 0.29 -3.98 -8.34
N GLU A 46 0.97 -5.11 -8.20
CA GLU A 46 0.27 -6.39 -8.22
C GLU A 46 -0.47 -6.65 -6.91
N VAL A 47 0.28 -6.81 -5.81
CA VAL A 47 -0.37 -7.20 -4.58
C VAL A 47 -0.93 -5.97 -3.86
N VAL A 48 -0.36 -4.79 -4.13
CA VAL A 48 -0.85 -3.58 -3.48
C VAL A 48 -2.15 -3.10 -4.15
N VAL A 49 -2.39 -3.54 -5.39
CA VAL A 49 -3.72 -3.35 -5.99
C VAL A 49 -4.70 -4.34 -5.37
N ALA A 50 -4.19 -5.51 -5.01
CA ALA A 50 -4.98 -6.44 -4.21
C ALA A 50 -5.28 -5.84 -2.83
N ALA A 51 -4.50 -4.83 -2.44
CA ALA A 51 -4.71 -4.10 -1.19
C ALA A 51 -5.78 -3.03 -1.32
N GLU A 52 -5.81 -2.36 -2.46
CA GLU A 52 -6.75 -1.27 -2.64
C GLU A 52 -8.17 -1.80 -2.67
N GLU A 53 -8.38 -2.86 -3.42
CA GLU A 53 -9.70 -3.41 -3.64
C GLU A 53 -10.29 -4.02 -2.37
N ARG A 54 -9.43 -4.49 -1.46
CA ARG A 54 -9.90 -5.18 -0.27
C ARG A 54 -10.40 -4.19 0.78
N PHE A 55 -10.18 -2.91 0.53
CA PHE A 55 -10.73 -1.85 1.39
C PHE A 55 -11.72 -1.02 0.61
N ASP A 56 -12.15 -1.57 -0.53
CA ASP A 56 -13.11 -0.94 -1.44
C ASP A 56 -12.66 0.46 -1.85
N VAL A 57 -11.63 0.50 -2.67
CA VAL A 57 -11.21 1.73 -3.30
C VAL A 57 -10.83 1.44 -4.73
N LYS A 58 -10.69 2.47 -5.55
CA LYS A 58 -10.30 2.29 -6.93
C LYS A 58 -9.21 3.30 -7.29
N ILE A 59 -8.00 2.79 -7.50
CA ILE A 59 -6.88 3.62 -7.89
C ILE A 59 -6.29 3.15 -9.21
N PRO A 60 -5.65 4.05 -9.95
CA PRO A 60 -4.93 3.70 -11.17
C PRO A 60 -3.75 2.77 -10.90
N ASP A 61 -3.53 1.82 -11.80
CA ASP A 61 -2.42 0.88 -11.69
C ASP A 61 -1.11 1.66 -11.59
N ASP A 62 -0.93 2.58 -12.53
CA ASP A 62 0.30 3.37 -12.63
C ASP A 62 0.50 4.26 -11.41
N ASP A 63 -0.59 4.63 -10.75
CA ASP A 63 -0.52 5.53 -9.61
C ASP A 63 0.23 4.88 -8.45
N VAL A 64 0.07 3.56 -8.29
CA VAL A 64 0.78 2.84 -7.24
C VAL A 64 2.29 2.95 -7.46
N LYS A 65 2.71 2.88 -8.72
CA LYS A 65 4.12 2.99 -9.06
C LYS A 65 4.57 4.45 -9.06
N ASN A 66 3.62 5.35 -9.14
CA ASN A 66 3.91 6.78 -9.16
C ASN A 66 4.32 7.25 -7.77
N LEU A 67 3.89 6.52 -6.76
CA LEU A 67 4.24 6.82 -5.39
C LEU A 67 5.41 5.95 -4.94
N LYS A 68 6.41 6.59 -4.38
CA LYS A 68 7.64 5.90 -4.00
C LYS A 68 7.62 5.48 -2.54
N THR A 69 6.56 5.83 -1.83
CA THR A 69 6.42 5.46 -0.42
C THR A 69 5.15 4.65 -0.21
N VAL A 70 5.17 3.70 0.72
CA VAL A 70 3.97 2.92 1.00
C VAL A 70 2.90 3.82 1.59
N GLY A 71 3.34 4.79 2.38
CA GLY A 71 2.42 5.70 3.03
C GLY A 71 1.62 6.52 2.05
N ASP A 72 2.21 6.81 0.89
CA ASP A 72 1.55 7.63 -0.12
C ASP A 72 0.35 6.88 -0.70
N ALA A 73 0.57 5.63 -1.09
CA ALA A 73 -0.52 4.77 -1.58
C ALA A 73 -1.58 4.64 -0.52
N THR A 74 -1.11 4.39 0.68
CA THR A 74 -2.00 4.17 1.79
C THR A 74 -2.88 5.39 2.03
N LYS A 75 -2.27 6.56 2.14
CA LYS A 75 -3.02 7.80 2.35
C LYS A 75 -3.89 8.11 1.14
N TYR A 76 -3.42 7.69 -0.03
CA TYR A 76 -4.17 7.81 -1.28
C TYR A 76 -5.45 6.97 -1.21
N ILE A 77 -5.29 5.73 -0.74
CA ILE A 77 -6.42 4.83 -0.51
C ILE A 77 -7.33 5.39 0.57
N LEU A 78 -6.70 5.94 1.60
CA LEU A 78 -7.41 6.48 2.75
C LEU A 78 -8.23 7.71 2.38
N ASP A 79 -7.80 8.41 1.34
CA ASP A 79 -8.43 9.66 0.95
C ASP A 79 -9.62 9.42 0.02
N HIS A 80 -9.53 8.39 -0.82
CA HIS A 80 -10.54 8.16 -1.86
C HIS A 80 -11.24 6.81 -1.70
N GLN A 81 -11.20 6.23 -0.52
CA GLN A 81 -11.82 4.93 -0.29
C GLN A 81 -13.35 5.06 -0.37
N ALA A 82 -13.99 3.98 -0.84
CA ALA A 82 -15.44 3.94 -1.04
C ALA A 82 -15.87 4.95 -2.09
N MET A 1 -16.97 7.59 -7.23
CA MET A 1 -15.77 8.30 -6.72
C MET A 1 -14.86 7.34 -5.95
N ALA A 2 -15.00 6.05 -6.20
CA ALA A 2 -14.18 5.06 -5.52
C ALA A 2 -12.98 4.69 -6.39
N ALA A 3 -11.94 4.22 -5.75
CA ALA A 3 -10.73 3.85 -6.45
C ALA A 3 -10.55 2.35 -6.42
N THR A 4 -10.47 1.73 -7.58
CA THR A 4 -10.19 0.31 -7.65
C THR A 4 -8.68 0.12 -7.71
N GLN A 5 -8.23 -1.04 -8.20
CA GLN A 5 -6.83 -1.39 -8.16
C GLN A 5 -5.96 -0.36 -8.88
N GLU A 6 -6.27 -0.11 -10.15
CA GLU A 6 -5.47 0.77 -10.98
C GLU A 6 -5.26 2.14 -10.34
N GLU A 7 -6.34 2.71 -9.79
CA GLU A 7 -6.29 4.04 -9.20
C GLU A 7 -5.44 4.02 -7.93
N ILE A 8 -5.81 3.17 -7.00
CA ILE A 8 -5.18 3.14 -5.70
C ILE A 8 -3.73 2.67 -5.82
N VAL A 9 -3.46 1.82 -6.81
CA VAL A 9 -2.10 1.36 -7.07
C VAL A 9 -1.21 2.52 -7.44
N ALA A 10 -1.71 3.43 -8.28
CA ALA A 10 -0.95 4.62 -8.66
C ALA A 10 -0.61 5.45 -7.43
N GLY A 11 -1.58 5.61 -6.55
CA GLY A 11 -1.36 6.36 -5.32
C GLY A 11 -0.41 5.65 -4.38
N LEU A 12 -0.62 4.35 -4.21
CA LEU A 12 0.23 3.52 -3.36
C LEU A 12 1.66 3.52 -3.91
N ALA A 13 1.78 3.33 -5.22
CA ALA A 13 3.06 3.29 -5.91
C ALA A 13 3.88 4.57 -5.66
N GLU A 14 3.23 5.70 -5.92
CA GLU A 14 3.86 7.01 -5.76
C GLU A 14 4.46 7.14 -4.36
N ILE A 15 3.77 6.57 -3.39
CA ILE A 15 4.14 6.73 -2.00
C ILE A 15 5.16 5.69 -1.54
N VAL A 16 5.13 4.48 -2.09
CA VAL A 16 6.16 3.51 -1.74
C VAL A 16 7.46 3.89 -2.43
N ASN A 17 7.33 4.55 -3.57
CA ASN A 17 8.46 5.15 -4.27
C ASN A 17 9.13 6.16 -3.34
N GLU A 18 8.32 6.75 -2.46
CA GLU A 18 8.78 7.73 -1.50
C GLU A 18 9.52 7.05 -0.35
N ILE A 19 9.25 5.77 -0.15
CA ILE A 19 9.84 5.04 0.96
C ILE A 19 11.14 4.34 0.55
N ALA A 20 11.05 3.54 -0.51
CA ALA A 20 12.20 2.77 -0.97
C ALA A 20 12.49 3.07 -2.43
N GLY A 21 11.95 2.28 -3.34
CA GLY A 21 12.20 2.52 -4.74
C GLY A 21 11.64 1.47 -5.69
N ILE A 22 10.37 1.15 -5.55
CA ILE A 22 9.66 0.45 -6.62
C ILE A 22 8.96 1.50 -7.47
N PRO A 23 9.30 1.57 -8.77
CA PRO A 23 8.68 2.51 -9.69
C PRO A 23 7.18 2.25 -9.84
N VAL A 24 6.42 3.30 -10.18
CA VAL A 24 4.97 3.19 -10.33
C VAL A 24 4.60 2.18 -11.42
N GLU A 25 5.56 1.87 -12.27
CA GLU A 25 5.35 0.92 -13.36
C GLU A 25 5.40 -0.52 -12.85
N ASP A 26 6.00 -0.71 -11.69
CA ASP A 26 6.29 -2.04 -11.19
C ASP A 26 5.35 -2.44 -10.05
N VAL A 27 4.61 -1.48 -9.51
CA VAL A 27 3.72 -1.76 -8.39
C VAL A 27 2.51 -2.57 -8.84
N LYS A 28 2.33 -3.72 -8.20
CA LYS A 28 1.35 -4.70 -8.61
C LYS A 28 0.86 -5.42 -7.37
N LEU A 29 -0.23 -6.15 -7.48
CA LEU A 29 -0.79 -6.83 -6.31
C LEU A 29 0.01 -8.10 -6.01
N ASP A 30 0.98 -8.39 -6.85
CA ASP A 30 1.74 -9.63 -6.74
C ASP A 30 3.01 -9.45 -5.93
N LYS A 31 3.57 -8.24 -5.97
CA LYS A 31 4.89 -8.03 -5.44
C LYS A 31 4.82 -7.77 -3.94
N SER A 32 5.78 -8.34 -3.22
CA SER A 32 5.74 -8.31 -1.77
C SER A 32 6.38 -7.02 -1.24
N PHE A 33 5.77 -6.43 -0.21
CA PHE A 33 6.30 -5.22 0.41
C PHE A 33 7.71 -5.46 0.93
N THR A 34 7.84 -6.52 1.69
CA THR A 34 9.10 -6.84 2.33
C THR A 34 10.14 -7.29 1.30
N ASP A 35 9.67 -7.98 0.25
CA ASP A 35 10.56 -8.56 -0.74
C ASP A 35 10.81 -7.61 -1.91
N ASP A 36 9.79 -7.39 -2.71
CA ASP A 36 9.88 -6.55 -3.90
C ASP A 36 10.05 -5.08 -3.55
N LEU A 37 9.13 -4.55 -2.75
CA LEU A 37 9.13 -3.13 -2.41
C LEU A 37 10.39 -2.77 -1.62
N ASP A 38 11.05 -3.80 -1.08
CA ASP A 38 12.29 -3.63 -0.31
C ASP A 38 12.00 -2.83 0.96
N VAL A 39 10.75 -2.88 1.39
CA VAL A 39 10.29 -2.03 2.48
C VAL A 39 10.42 -2.77 3.81
N ASP A 40 10.64 -2.02 4.87
CA ASP A 40 10.61 -2.57 6.22
C ASP A 40 9.21 -2.40 6.79
N SER A 41 8.91 -3.17 7.83
CA SER A 41 7.62 -3.11 8.50
C SER A 41 7.21 -1.66 8.82
N LEU A 42 8.12 -0.93 9.45
CA LEU A 42 7.82 0.43 9.86
C LEU A 42 7.73 1.34 8.63
N SER A 43 8.67 1.14 7.71
CA SER A 43 8.74 1.97 6.51
C SER A 43 7.40 2.04 5.79
N MET A 44 6.80 0.88 5.52
CA MET A 44 5.53 0.84 4.82
C MET A 44 4.44 1.50 5.65
N VAL A 45 4.35 1.16 6.92
CA VAL A 45 3.33 1.77 7.76
C VAL A 45 3.47 3.29 7.77
N GLU A 46 4.67 3.79 7.54
CA GLU A 46 4.92 5.21 7.65
C GLU A 46 4.32 5.97 6.46
N VAL A 47 4.84 5.74 5.26
CA VAL A 47 4.37 6.52 4.12
C VAL A 47 3.13 5.87 3.48
N VAL A 48 2.93 4.58 3.70
CA VAL A 48 1.76 3.91 3.14
C VAL A 48 0.51 4.21 3.98
N VAL A 49 0.71 4.62 5.24
CA VAL A 49 -0.38 5.18 6.02
C VAL A 49 -0.67 6.60 5.54
N ALA A 50 0.38 7.32 5.16
CA ALA A 50 0.20 8.58 4.47
C ALA A 50 -0.61 8.36 3.17
N ALA A 51 -0.55 7.14 2.65
CA ALA A 51 -1.28 6.77 1.45
C ALA A 51 -2.73 6.37 1.74
N GLU A 52 -2.96 5.75 2.90
CA GLU A 52 -4.30 5.27 3.22
C GLU A 52 -5.25 6.45 3.34
N GLU A 53 -4.83 7.45 4.09
CA GLU A 53 -5.70 8.56 4.43
C GLU A 53 -5.96 9.48 3.23
N ARG A 54 -5.07 9.46 2.24
CA ARG A 54 -5.25 10.33 1.08
C ARG A 54 -6.25 9.73 0.09
N PHE A 55 -6.62 8.47 0.30
CA PHE A 55 -7.69 7.84 -0.46
C PHE A 55 -8.93 7.73 0.40
N ASP A 56 -8.83 8.27 1.61
CA ASP A 56 -9.89 8.23 2.61
C ASP A 56 -10.31 6.79 2.92
N VAL A 57 -9.42 6.10 3.60
CA VAL A 57 -9.68 4.74 4.06
C VAL A 57 -9.28 4.66 5.52
N LYS A 58 -9.69 3.60 6.20
CA LYS A 58 -9.29 3.41 7.59
C LYS A 58 -8.60 2.06 7.77
N ILE A 59 -7.30 2.10 8.04
CA ILE A 59 -6.56 0.89 8.39
C ILE A 59 -5.64 1.14 9.59
N PRO A 60 -5.63 0.22 10.56
CA PRO A 60 -4.73 0.30 11.72
C PRO A 60 -3.26 0.14 11.33
N ASP A 61 -2.39 0.78 12.12
CA ASP A 61 -0.93 0.72 11.93
C ASP A 61 -0.47 -0.73 11.77
N ASP A 62 -0.94 -1.57 12.69
CA ASP A 62 -0.53 -2.97 12.76
C ASP A 62 -0.71 -3.70 11.43
N ASP A 63 -1.84 -3.48 10.79
CA ASP A 63 -2.19 -4.25 9.61
C ASP A 63 -1.21 -4.04 8.45
N VAL A 64 -0.66 -2.83 8.32
CA VAL A 64 0.25 -2.56 7.20
C VAL A 64 1.55 -3.35 7.35
N LYS A 65 2.09 -3.41 8.57
CA LYS A 65 3.33 -4.16 8.81
C LYS A 65 3.06 -5.64 9.04
N ASN A 66 1.79 -6.03 9.02
CA ASN A 66 1.44 -7.44 9.13
C ASN A 66 1.34 -8.07 7.75
N LEU A 67 0.96 -7.28 6.77
CA LEU A 67 0.86 -7.74 5.40
C LEU A 67 2.24 -7.72 4.74
N LYS A 68 2.48 -8.68 3.88
CA LYS A 68 3.80 -8.87 3.30
C LYS A 68 3.84 -8.51 1.82
N THR A 69 2.69 -8.19 1.24
CA THR A 69 2.63 -7.81 -0.17
C THR A 69 1.91 -6.47 -0.31
N VAL A 70 2.21 -5.72 -1.36
CA VAL A 70 1.52 -4.46 -1.59
C VAL A 70 0.11 -4.72 -2.10
N GLY A 71 -0.10 -5.90 -2.66
CA GLY A 71 -1.41 -6.27 -3.14
C GLY A 71 -2.37 -6.59 -2.00
N ASP A 72 -1.81 -7.12 -0.91
CA ASP A 72 -2.60 -7.40 0.29
C ASP A 72 -3.13 -6.10 0.86
N ALA A 73 -2.25 -5.11 0.93
CA ALA A 73 -2.59 -3.78 1.44
C ALA A 73 -3.72 -3.16 0.65
N THR A 74 -3.65 -3.25 -0.67
CA THR A 74 -4.61 -2.62 -1.53
C THR A 74 -5.97 -3.25 -1.36
N LYS A 75 -6.00 -4.58 -1.36
CA LYS A 75 -7.25 -5.30 -1.19
C LYS A 75 -7.87 -5.00 0.17
N TYR A 76 -7.03 -4.74 1.17
CA TYR A 76 -7.51 -4.34 2.47
C TYR A 76 -8.09 -2.92 2.41
N ILE A 77 -7.32 -2.01 1.81
CA ILE A 77 -7.75 -0.62 1.64
C ILE A 77 -9.05 -0.55 0.83
N LEU A 78 -9.06 -1.25 -0.29
CA LEU A 78 -10.18 -1.19 -1.23
C LEU A 78 -11.44 -1.85 -0.68
N ASP A 79 -11.27 -2.71 0.29
CA ASP A 79 -12.41 -3.39 0.92
C ASP A 79 -13.04 -2.50 1.99
N HIS A 80 -12.27 -1.56 2.49
CA HIS A 80 -12.74 -0.69 3.58
C HIS A 80 -12.61 0.78 3.20
N GLN A 81 -12.58 1.06 1.91
CA GLN A 81 -12.36 2.40 1.43
C GLN A 81 -13.62 3.24 1.58
N ALA A 82 -13.44 4.51 1.97
CA ALA A 82 -14.53 5.44 2.17
C ALA A 82 -15.52 4.94 3.23
N MET A 1 16.07 -5.39 -9.60
CA MET A 1 15.17 -6.22 -8.78
C MET A 1 14.26 -5.37 -7.89
N ALA A 2 14.67 -4.12 -7.66
CA ALA A 2 13.88 -3.22 -6.82
C ALA A 2 12.64 -2.74 -7.55
N ALA A 3 11.53 -2.69 -6.84
CA ALA A 3 10.29 -2.20 -7.40
C ALA A 3 10.05 -0.76 -7.00
N THR A 4 10.24 0.16 -7.93
CA THR A 4 10.05 1.57 -7.64
C THR A 4 8.55 1.89 -7.51
N GLN A 5 8.22 3.18 -7.48
CA GLN A 5 6.87 3.63 -7.16
C GLN A 5 5.82 2.94 -8.05
N GLU A 6 5.97 3.07 -9.36
CA GLU A 6 4.98 2.53 -10.30
C GLU A 6 4.86 1.01 -10.19
N GLU A 7 6.00 0.34 -10.00
CA GLU A 7 6.02 -1.11 -9.93
C GLU A 7 5.33 -1.61 -8.68
N ILE A 8 5.74 -1.10 -7.53
CA ILE A 8 5.18 -1.51 -6.26
C ILE A 8 3.72 -1.03 -6.19
N VAL A 9 3.44 0.12 -6.81
CA VAL A 9 2.09 0.64 -6.89
C VAL A 9 1.19 -0.32 -7.66
N ALA A 10 1.71 -0.91 -8.73
CA ALA A 10 0.94 -1.88 -9.51
C ALA A 10 0.54 -3.06 -8.64
N GLY A 11 1.49 -3.56 -7.85
CA GLY A 11 1.20 -4.65 -6.94
C GLY A 11 0.32 -4.22 -5.78
N LEU A 12 0.62 -3.04 -5.24
CA LEU A 12 -0.14 -2.47 -4.13
C LEU A 12 -1.59 -2.25 -4.56
N ALA A 13 -1.77 -1.53 -5.67
CA ALA A 13 -3.09 -1.19 -6.17
C ALA A 13 -3.93 -2.44 -6.45
N GLU A 14 -3.34 -3.38 -7.18
CA GLU A 14 -4.02 -4.63 -7.53
C GLU A 14 -4.49 -5.33 -6.26
N ILE A 15 -3.69 -5.21 -5.22
CA ILE A 15 -3.98 -5.88 -3.96
C ILE A 15 -5.00 -5.10 -3.12
N VAL A 16 -5.00 -3.77 -3.22
CA VAL A 16 -5.99 -2.97 -2.52
C VAL A 16 -7.34 -3.10 -3.22
N ASN A 17 -7.30 -3.37 -4.51
CA ASN A 17 -8.51 -3.61 -5.29
C ASN A 17 -9.21 -4.85 -4.76
N GLU A 18 -8.42 -5.77 -4.20
CA GLU A 18 -8.95 -6.96 -3.55
C GLU A 18 -9.72 -6.58 -2.29
N ILE A 19 -9.22 -5.55 -1.61
CA ILE A 19 -9.78 -5.13 -0.34
C ILE A 19 -11.03 -4.29 -0.53
N ALA A 20 -10.91 -3.25 -1.33
CA ALA A 20 -12.02 -2.32 -1.56
C ALA A 20 -12.29 -2.13 -3.04
N GLY A 21 -11.57 -1.23 -3.70
CA GLY A 21 -11.75 -1.06 -5.12
C GLY A 21 -11.29 0.27 -5.68
N ILE A 22 -10.04 0.64 -5.42
CA ILE A 22 -9.43 1.73 -6.17
C ILE A 22 -8.75 1.14 -7.39
N PRO A 23 -9.08 1.62 -8.61
CA PRO A 23 -8.45 1.15 -9.84
C PRO A 23 -6.94 1.29 -9.77
N VAL A 24 -6.23 0.37 -10.42
CA VAL A 24 -4.76 0.36 -10.36
C VAL A 24 -4.15 1.70 -10.78
N GLU A 25 -4.78 2.35 -11.74
CA GLU A 25 -4.29 3.62 -12.27
C GLU A 25 -4.69 4.79 -11.37
N ASP A 26 -5.68 4.59 -10.49
CA ASP A 26 -6.20 5.66 -9.65
C ASP A 26 -5.33 5.83 -8.41
N VAL A 27 -4.62 4.76 -8.06
CA VAL A 27 -3.78 4.74 -6.87
C VAL A 27 -2.66 5.76 -6.98
N LYS A 28 -2.54 6.55 -5.94
CA LYS A 28 -1.62 7.66 -5.90
C LYS A 28 -1.11 7.81 -4.49
N LEU A 29 0.02 8.46 -4.33
CA LEU A 29 0.60 8.65 -3.01
C LEU A 29 -0.13 9.76 -2.26
N ASP A 30 -1.08 10.39 -2.94
CA ASP A 30 -1.82 11.49 -2.37
C ASP A 30 -3.25 11.11 -2.02
N LYS A 31 -3.64 9.85 -2.24
CA LYS A 31 -4.98 9.44 -1.88
C LYS A 31 -4.94 8.61 -0.59
N SER A 32 -5.92 8.83 0.26
CA SER A 32 -5.90 8.27 1.59
C SER A 32 -6.50 6.86 1.63
N PHE A 33 -5.85 5.96 2.34
CA PHE A 33 -6.35 4.60 2.50
C PHE A 33 -7.72 4.62 3.14
N THR A 34 -7.84 5.35 4.23
CA THR A 34 -9.07 5.43 4.98
C THR A 34 -10.14 6.19 4.20
N ASP A 35 -9.71 7.20 3.45
CA ASP A 35 -10.64 8.10 2.75
C ASP A 35 -10.93 7.59 1.33
N ASP A 36 -9.93 7.64 0.48
CA ASP A 36 -10.06 7.28 -0.94
C ASP A 36 -10.18 5.79 -1.13
N LEU A 37 -9.23 5.05 -0.54
CA LEU A 37 -9.13 3.61 -0.77
C LEU A 37 -10.34 2.87 -0.19
N ASP A 38 -11.15 3.59 0.59
CA ASP A 38 -12.39 3.04 1.16
C ASP A 38 -12.05 1.86 2.07
N VAL A 39 -10.89 1.92 2.69
CA VAL A 39 -10.38 0.77 3.44
C VAL A 39 -10.57 0.95 4.95
N ASP A 40 -10.68 -0.15 5.66
CA ASP A 40 -10.64 -0.15 7.11
C ASP A 40 -9.23 -0.40 7.60
N SER A 41 -9.02 -0.23 8.89
CA SER A 41 -7.69 -0.38 9.48
C SER A 41 -7.11 -1.77 9.21
N LEU A 42 -7.79 -2.81 9.66
CA LEU A 42 -7.28 -4.16 9.51
C LEU A 42 -7.28 -4.57 8.05
N SER A 43 -8.32 -4.18 7.32
CA SER A 43 -8.48 -4.54 5.91
C SER A 43 -7.20 -4.27 5.11
N MET A 44 -6.70 -3.04 5.20
CA MET A 44 -5.51 -2.65 4.51
C MET A 44 -4.31 -3.42 5.05
N VAL A 45 -4.22 -3.55 6.35
CA VAL A 45 -3.13 -4.29 6.95
C VAL A 45 -3.14 -5.75 6.46
N GLU A 46 -4.31 -6.24 6.08
CA GLU A 46 -4.45 -7.63 5.71
C GLU A 46 -3.83 -7.91 4.34
N VAL A 47 -4.40 -7.33 3.29
CA VAL A 47 -3.93 -7.65 1.96
C VAL A 47 -2.74 -6.79 1.56
N VAL A 48 -2.58 -5.62 2.18
CA VAL A 48 -1.46 -4.76 1.84
C VAL A 48 -0.18 -5.23 2.53
N VAL A 49 -0.33 -5.99 3.63
CA VAL A 49 0.81 -6.68 4.22
C VAL A 49 1.13 -7.92 3.39
N ALA A 50 0.10 -8.51 2.80
CA ALA A 50 0.33 -9.55 1.80
C ALA A 50 1.11 -8.98 0.62
N ALA A 51 0.98 -7.67 0.43
CA ALA A 51 1.68 -6.95 -0.64
C ALA A 51 3.11 -6.61 -0.25
N GLU A 52 3.33 -6.24 1.02
CA GLU A 52 4.64 -5.80 1.43
C GLU A 52 5.65 -6.92 1.25
N GLU A 53 5.32 -8.08 1.78
CA GLU A 53 6.25 -9.18 1.83
C GLU A 53 6.51 -9.80 0.47
N ARG A 54 5.58 -9.63 -0.48
CA ARG A 54 5.76 -10.20 -1.81
C ARG A 54 6.79 -9.40 -2.61
N PHE A 55 7.03 -8.15 -2.19
CA PHE A 55 8.08 -7.34 -2.77
C PHE A 55 9.32 -7.43 -1.89
N ASP A 56 9.24 -8.31 -0.89
CA ASP A 56 10.33 -8.60 0.03
C ASP A 56 10.75 -7.36 0.81
N VAL A 57 9.79 -6.80 1.52
CA VAL A 57 10.02 -5.66 2.40
C VAL A 57 9.31 -5.93 3.71
N LYS A 58 9.67 -5.23 4.77
CA LYS A 58 8.95 -5.38 6.02
C LYS A 58 8.51 -4.03 6.56
N ILE A 59 7.21 -3.83 6.57
CA ILE A 59 6.59 -2.69 7.23
C ILE A 59 5.67 -3.20 8.33
N PRO A 60 5.98 -2.86 9.60
CA PRO A 60 5.16 -3.29 10.74
C PRO A 60 3.68 -3.02 10.53
N ASP A 61 2.84 -3.96 10.91
CA ASP A 61 1.40 -3.81 10.74
C ASP A 61 0.91 -2.57 11.47
N ASP A 62 1.60 -2.20 12.55
CA ASP A 62 1.27 -1.01 13.32
C ASP A 62 1.55 0.25 12.52
N ASP A 63 2.46 0.18 11.56
CA ASP A 63 2.73 1.31 10.70
C ASP A 63 1.67 1.39 9.60
N VAL A 64 1.25 0.23 9.10
CA VAL A 64 0.23 0.18 8.05
C VAL A 64 -1.10 0.76 8.52
N LYS A 65 -1.61 0.25 9.64
CA LYS A 65 -2.84 0.77 10.25
C LYS A 65 -2.68 2.23 10.71
N ASN A 66 -1.45 2.73 10.71
CA ASN A 66 -1.19 4.09 11.17
C ASN A 66 -1.28 5.08 10.01
N LEU A 67 -0.76 4.68 8.86
CA LEU A 67 -0.73 5.55 7.69
C LEU A 67 -2.13 5.79 7.16
N LYS A 68 -2.40 7.04 6.81
CA LYS A 68 -3.73 7.45 6.43
C LYS A 68 -3.91 7.43 4.93
N THR A 69 -2.80 7.48 4.19
CA THR A 69 -2.86 7.43 2.74
C THR A 69 -2.09 6.23 2.23
N VAL A 70 -2.44 5.74 1.04
CA VAL A 70 -1.73 4.62 0.45
C VAL A 70 -0.30 5.01 0.17
N GLY A 71 -0.09 6.29 -0.12
CA GLY A 71 1.24 6.77 -0.44
C GLY A 71 2.19 6.64 0.73
N ASP A 72 1.66 6.81 1.95
CA ASP A 72 2.47 6.66 3.16
C ASP A 72 3.07 5.26 3.20
N ALA A 73 2.22 4.25 3.07
CA ALA A 73 2.67 2.86 3.04
C ALA A 73 3.68 2.64 1.96
N THR A 74 3.30 3.05 0.77
CA THR A 74 4.09 2.81 -0.41
C THR A 74 5.49 3.37 -0.26
N LYS A 75 5.59 4.66 0.08
CA LYS A 75 6.88 5.31 0.21
C LYS A 75 7.67 4.70 1.38
N TYR A 76 6.96 4.24 2.42
CA TYR A 76 7.58 3.58 3.56
C TYR A 76 8.18 2.24 3.11
N ILE A 77 7.40 1.52 2.30
CA ILE A 77 7.86 0.29 1.67
C ILE A 77 9.08 0.55 0.80
N LEU A 78 8.98 1.60 0.00
CA LEU A 78 10.00 1.96 -0.96
C LEU A 78 11.33 2.29 -0.30
N ASP A 79 11.26 2.78 0.93
CA ASP A 79 12.46 3.16 1.67
C ASP A 79 13.17 1.93 2.22
N HIS A 80 12.40 0.97 2.70
CA HIS A 80 12.97 -0.21 3.37
C HIS A 80 12.89 -1.44 2.47
N GLN A 81 12.78 -1.22 1.17
CA GLN A 81 12.52 -2.31 0.23
C GLN A 81 13.79 -3.08 -0.10
N ALA A 82 13.62 -4.15 -0.87
CA ALA A 82 14.74 -4.94 -1.35
C ALA A 82 15.61 -4.14 -2.31
N MET A 1 10.20 -8.63 -4.64
CA MET A 1 10.92 -7.95 -5.73
C MET A 1 11.06 -6.46 -5.44
N ALA A 2 12.28 -5.94 -5.58
CA ALA A 2 12.53 -4.52 -5.38
C ALA A 2 11.89 -3.71 -6.51
N ALA A 3 10.87 -2.96 -6.15
CA ALA A 3 10.07 -2.25 -7.13
C ALA A 3 10.18 -0.75 -6.96
N THR A 4 10.10 -0.02 -8.06
CA THR A 4 9.98 1.41 -7.99
C THR A 4 8.50 1.78 -7.96
N GLN A 5 8.16 3.06 -8.00
CA GLN A 5 6.78 3.51 -7.81
C GLN A 5 5.80 2.76 -8.72
N GLU A 6 6.05 2.79 -10.03
CA GLU A 6 5.12 2.21 -11.00
C GLU A 6 4.91 0.71 -10.76
N GLU A 7 5.98 0.00 -10.45
CA GLU A 7 5.93 -1.44 -10.28
C GLU A 7 5.26 -1.79 -8.95
N ILE A 8 5.67 -1.11 -7.89
CA ILE A 8 5.13 -1.35 -6.57
C ILE A 8 3.64 -0.96 -6.55
N VAL A 9 3.30 0.07 -7.32
CA VAL A 9 1.92 0.54 -7.43
C VAL A 9 1.05 -0.55 -8.05
N ALA A 10 1.55 -1.25 -9.06
CA ALA A 10 0.81 -2.35 -9.66
C ALA A 10 0.55 -3.44 -8.62
N GLY A 11 1.57 -3.70 -7.81
CA GLY A 11 1.43 -4.68 -6.75
C GLY A 11 0.48 -4.19 -5.66
N LEU A 12 0.63 -2.93 -5.26
CA LEU A 12 -0.23 -2.33 -4.26
C LEU A 12 -1.67 -2.27 -4.78
N ALA A 13 -1.81 -1.95 -6.07
CA ALA A 13 -3.11 -1.92 -6.73
C ALA A 13 -3.80 -3.27 -6.64
N GLU A 14 -3.09 -4.30 -7.08
CA GLU A 14 -3.56 -5.67 -7.01
C GLU A 14 -3.97 -6.01 -5.59
N ILE A 15 -3.15 -5.57 -4.66
CA ILE A 15 -3.34 -5.82 -3.24
C ILE A 15 -4.64 -5.20 -2.72
N VAL A 16 -4.82 -3.91 -2.94
CA VAL A 16 -6.01 -3.23 -2.44
C VAL A 16 -7.25 -3.67 -3.21
N ASN A 17 -7.02 -4.15 -4.43
CA ASN A 17 -8.10 -4.67 -5.27
C ASN A 17 -8.68 -5.94 -4.64
N GLU A 18 -7.90 -6.55 -3.75
CA GLU A 18 -8.35 -7.72 -2.99
C GLU A 18 -9.14 -7.27 -1.78
N ILE A 19 -8.81 -6.09 -1.27
CA ILE A 19 -9.40 -5.59 -0.03
C ILE A 19 -10.74 -4.89 -0.28
N ALA A 20 -10.73 -3.92 -1.20
CA ALA A 20 -11.91 -3.10 -1.43
C ALA A 20 -12.21 -2.99 -2.92
N GLY A 21 -11.59 -2.04 -3.60
CA GLY A 21 -11.79 -1.93 -5.02
C GLY A 21 -11.40 -0.58 -5.62
N ILE A 22 -10.14 -0.19 -5.43
CA ILE A 22 -9.58 0.89 -6.23
C ILE A 22 -8.98 0.28 -7.51
N PRO A 23 -9.41 0.77 -8.69
CA PRO A 23 -8.86 0.30 -9.97
C PRO A 23 -7.35 0.45 -10.02
N VAL A 24 -6.69 -0.45 -10.74
CA VAL A 24 -5.23 -0.46 -10.83
C VAL A 24 -4.69 0.89 -11.29
N GLU A 25 -5.36 1.51 -12.25
CA GLU A 25 -4.93 2.78 -12.80
C GLU A 25 -5.23 3.94 -11.85
N ASP A 26 -6.12 3.69 -10.88
CA ASP A 26 -6.59 4.76 -9.99
C ASP A 26 -5.70 4.88 -8.77
N VAL A 27 -4.76 3.95 -8.62
CA VAL A 27 -3.87 3.96 -7.47
C VAL A 27 -2.93 5.16 -7.55
N LYS A 28 -3.07 6.04 -6.58
CA LYS A 28 -2.41 7.33 -6.60
C LYS A 28 -1.76 7.58 -5.26
N LEU A 29 -0.61 8.23 -5.27
CA LEU A 29 0.09 8.53 -4.04
C LEU A 29 -0.59 9.64 -3.25
N ASP A 30 -1.65 10.20 -3.83
CA ASP A 30 -2.37 11.29 -3.21
C ASP A 30 -3.74 10.83 -2.70
N LYS A 31 -4.15 9.61 -3.01
CA LYS A 31 -5.47 9.14 -2.59
C LYS A 31 -5.35 8.45 -1.24
N SER A 32 -6.31 8.68 -0.37
CA SER A 32 -6.21 8.24 1.01
C SER A 32 -6.74 6.82 1.18
N PHE A 33 -6.00 6.01 1.94
CA PHE A 33 -6.40 4.64 2.23
C PHE A 33 -7.77 4.62 2.89
N THR A 34 -7.92 5.47 3.89
CA THR A 34 -9.15 5.54 4.65
C THR A 34 -10.28 6.16 3.83
N ASP A 35 -9.93 7.11 2.97
CA ASP A 35 -10.93 7.89 2.23
C ASP A 35 -11.24 7.25 0.87
N ASP A 36 -10.25 7.23 0.00
CA ASP A 36 -10.40 6.75 -1.37
C ASP A 36 -10.46 5.24 -1.44
N LEU A 37 -9.46 4.59 -0.84
CA LEU A 37 -9.29 3.15 -0.94
C LEU A 37 -10.44 2.42 -0.26
N ASP A 38 -11.21 3.14 0.55
CA ASP A 38 -12.36 2.59 1.26
C ASP A 38 -11.89 1.49 2.22
N VAL A 39 -10.69 1.68 2.74
CA VAL A 39 -10.05 0.64 3.51
C VAL A 39 -10.22 0.89 5.01
N ASP A 40 -10.31 -0.18 5.76
CA ASP A 40 -10.36 -0.09 7.21
C ASP A 40 -8.96 -0.31 7.77
N SER A 41 -8.81 -0.13 9.08
CA SER A 41 -7.51 -0.27 9.72
C SER A 41 -6.93 -1.65 9.46
N LEU A 42 -7.69 -2.67 9.83
CA LEU A 42 -7.26 -4.05 9.64
C LEU A 42 -7.13 -4.38 8.17
N SER A 43 -8.08 -3.90 7.38
CA SER A 43 -8.13 -4.22 5.95
C SER A 43 -6.79 -3.97 5.27
N MET A 44 -6.27 -2.75 5.42
CA MET A 44 -5.00 -2.41 4.81
C MET A 44 -3.87 -3.21 5.44
N VAL A 45 -3.90 -3.37 6.74
CA VAL A 45 -2.86 -4.14 7.41
C VAL A 45 -2.89 -5.59 6.94
N GLU A 46 -4.03 -6.07 6.48
CA GLU A 46 -4.14 -7.46 6.05
C GLU A 46 -3.46 -7.71 4.72
N VAL A 47 -3.99 -7.11 3.66
CA VAL A 47 -3.49 -7.45 2.36
C VAL A 47 -2.36 -6.51 1.95
N VAL A 48 -2.30 -5.34 2.57
CA VAL A 48 -1.22 -4.41 2.25
C VAL A 48 0.05 -4.82 3.01
N VAL A 49 -0.10 -5.57 4.10
CA VAL A 49 1.05 -6.22 4.71
C VAL A 49 1.49 -7.40 3.85
N ALA A 50 0.53 -8.05 3.21
CA ALA A 50 0.85 -9.04 2.20
C ALA A 50 1.55 -8.37 1.00
N ALA A 51 1.35 -7.06 0.86
CA ALA A 51 1.97 -6.29 -0.20
C ALA A 51 3.41 -5.93 0.16
N GLU A 52 3.61 -5.46 1.38
CA GLU A 52 4.93 -5.00 1.79
C GLU A 52 5.94 -6.14 1.67
N GLU A 53 5.58 -7.28 2.20
CA GLU A 53 6.47 -8.42 2.27
C GLU A 53 6.86 -8.92 0.88
N ARG A 54 5.97 -8.74 -0.10
CA ARG A 54 6.21 -9.25 -1.44
C ARG A 54 7.15 -8.34 -2.21
N PHE A 55 7.49 -7.21 -1.57
CA PHE A 55 8.47 -6.28 -2.11
C PHE A 55 9.71 -6.23 -1.23
N ASP A 56 9.90 -7.31 -0.44
CA ASP A 56 11.14 -7.53 0.33
C ASP A 56 11.26 -6.58 1.53
N VAL A 57 10.16 -5.97 1.92
CA VAL A 57 10.20 -5.01 3.02
C VAL A 57 9.39 -5.53 4.20
N LYS A 58 9.70 -5.01 5.39
CA LYS A 58 8.90 -5.25 6.56
C LYS A 58 8.66 -3.94 7.29
N ILE A 59 7.43 -3.47 7.28
CA ILE A 59 7.08 -2.23 7.96
C ILE A 59 6.24 -2.56 9.20
N PRO A 60 6.11 -1.62 10.13
CA PRO A 60 5.28 -1.81 11.31
C PRO A 60 3.79 -1.94 10.94
N ASP A 61 3.15 -2.98 11.45
CA ASP A 61 1.72 -3.22 11.20
C ASP A 61 0.92 -1.97 11.52
N ASP A 62 1.19 -1.44 12.70
CA ASP A 62 0.47 -0.27 13.21
C ASP A 62 0.79 0.98 12.38
N ASP A 63 1.90 0.95 11.67
CA ASP A 63 2.33 2.10 10.89
C ASP A 63 1.45 2.24 9.65
N VAL A 64 1.08 1.10 9.04
CA VAL A 64 0.15 1.12 7.90
C VAL A 64 -1.17 1.74 8.35
N LYS A 65 -1.59 1.35 9.54
CA LYS A 65 -2.76 1.92 10.18
C LYS A 65 -2.59 3.43 10.42
N ASN A 66 -1.36 3.87 10.64
CA ASN A 66 -1.11 5.27 10.98
C ASN A 66 -1.14 6.15 9.74
N LEU A 67 -0.81 5.57 8.59
CA LEU A 67 -0.78 6.34 7.35
C LEU A 67 -2.17 6.46 6.73
N LYS A 68 -2.48 7.67 6.27
CA LYS A 68 -3.81 7.99 5.78
C LYS A 68 -3.96 7.70 4.31
N THR A 69 -2.86 7.67 3.57
CA THR A 69 -2.93 7.53 2.12
C THR A 69 -2.20 6.28 1.66
N VAL A 70 -2.57 5.78 0.49
CA VAL A 70 -1.84 4.66 -0.10
C VAL A 70 -0.44 5.11 -0.48
N GLY A 71 -0.35 6.35 -0.96
CA GLY A 71 0.93 6.90 -1.37
C GLY A 71 1.96 6.92 -0.26
N ASP A 72 1.52 7.29 0.94
CA ASP A 72 2.41 7.37 2.10
C ASP A 72 3.03 6.01 2.40
N ALA A 73 2.17 4.99 2.49
CA ALA A 73 2.63 3.61 2.69
C ALA A 73 3.62 3.21 1.63
N THR A 74 3.23 3.46 0.40
CA THR A 74 3.99 3.03 -0.74
C THR A 74 5.39 3.63 -0.70
N LYS A 75 5.47 4.94 -0.50
CA LYS A 75 6.77 5.62 -0.45
C LYS A 75 7.56 5.15 0.77
N TYR A 76 6.84 4.95 1.87
CA TYR A 76 7.41 4.40 3.11
C TYR A 76 8.05 3.04 2.83
N ILE A 77 7.36 2.22 2.06
CA ILE A 77 7.89 0.93 1.61
C ILE A 77 9.10 1.12 0.71
N LEU A 78 8.92 1.98 -0.28
CA LEU A 78 9.88 2.17 -1.36
C LEU A 78 11.29 2.49 -0.86
N ASP A 79 11.40 3.37 0.11
CA ASP A 79 12.71 3.80 0.60
C ASP A 79 13.24 2.88 1.70
N HIS A 80 12.45 1.91 2.11
CA HIS A 80 12.85 1.03 3.19
C HIS A 80 12.81 -0.43 2.78
N GLN A 81 12.74 -0.68 1.47
CA GLN A 81 12.54 -2.04 0.96
C GLN A 81 13.87 -2.78 0.82
N ALA A 82 13.79 -4.11 0.89
CA ALA A 82 14.95 -5.00 0.70
C ALA A 82 16.10 -4.65 1.64
N MET A 1 -17.09 0.95 10.06
CA MET A 1 -17.26 -0.01 8.94
C MET A 1 -16.03 -0.06 8.05
N ALA A 2 -15.29 1.06 7.99
CA ALA A 2 -14.07 1.12 7.20
C ALA A 2 -12.86 0.98 8.11
N ALA A 3 -11.70 0.76 7.50
CA ALA A 3 -10.47 0.56 8.25
C ALA A 3 -9.70 1.87 8.31
N THR A 4 -9.19 2.21 9.47
CA THR A 4 -8.40 3.41 9.60
C THR A 4 -6.94 3.09 9.28
N GLN A 5 -6.03 4.00 9.60
CA GLN A 5 -4.67 3.91 9.10
C GLN A 5 -3.97 2.61 9.51
N GLU A 6 -3.92 2.33 10.80
CA GLU A 6 -3.16 1.18 11.29
C GLU A 6 -3.79 -0.13 10.82
N GLU A 7 -5.10 -0.13 10.69
CA GLU A 7 -5.83 -1.32 10.26
C GLU A 7 -5.56 -1.63 8.80
N ILE A 8 -5.65 -0.61 7.96
CA ILE A 8 -5.38 -0.77 6.53
C ILE A 8 -3.87 -0.99 6.34
N VAL A 9 -3.07 -0.37 7.20
CA VAL A 9 -1.63 -0.58 7.19
C VAL A 9 -1.28 -2.04 7.49
N ALA A 10 -1.97 -2.64 8.45
CA ALA A 10 -1.76 -4.05 8.78
C ALA A 10 -2.11 -4.93 7.59
N GLY A 11 -3.23 -4.65 6.96
CA GLY A 11 -3.65 -5.41 5.80
C GLY A 11 -2.75 -5.17 4.60
N LEU A 12 -2.24 -3.96 4.50
CA LEU A 12 -1.29 -3.59 3.45
C LEU A 12 0.03 -4.33 3.69
N ALA A 13 0.50 -4.24 4.94
CA ALA A 13 1.75 -4.90 5.35
C ALA A 13 1.69 -6.39 5.11
N GLU A 14 0.59 -7.01 5.53
CA GLU A 14 0.37 -8.44 5.34
C GLU A 14 0.58 -8.83 3.88
N ILE A 15 0.17 -7.94 2.99
CA ILE A 15 0.21 -8.21 1.57
C ILE A 15 1.56 -7.86 0.96
N VAL A 16 2.20 -6.81 1.44
CA VAL A 16 3.54 -6.46 0.95
C VAL A 16 4.55 -7.48 1.45
N ASN A 17 4.21 -8.12 2.56
CA ASN A 17 5.05 -9.17 3.13
C ASN A 17 5.18 -10.32 2.14
N GLU A 18 4.19 -10.45 1.24
CA GLU A 18 4.27 -11.44 0.18
C GLU A 18 5.25 -10.99 -0.89
N ILE A 19 5.23 -9.69 -1.15
CA ILE A 19 6.03 -9.12 -2.22
C ILE A 19 7.51 -9.13 -1.89
N ALA A 20 7.86 -8.58 -0.74
CA ALA A 20 9.26 -8.44 -0.36
C ALA A 20 9.51 -8.92 1.06
N GLY A 21 9.32 -8.06 2.04
CA GLY A 21 9.48 -8.48 3.42
C GLY A 21 9.71 -7.35 4.41
N ILE A 22 8.72 -6.47 4.57
CA ILE A 22 8.69 -5.57 5.72
C ILE A 22 7.74 -6.14 6.77
N PRO A 23 8.18 -6.21 8.04
CA PRO A 23 7.31 -6.64 9.14
C PRO A 23 6.03 -5.80 9.22
N VAL A 24 4.94 -6.41 9.66
CA VAL A 24 3.64 -5.73 9.67
C VAL A 24 3.68 -4.48 10.53
N GLU A 25 4.39 -4.55 11.65
CA GLU A 25 4.48 -3.44 12.58
C GLU A 25 5.45 -2.37 12.05
N ASP A 26 6.29 -2.77 11.11
CA ASP A 26 7.31 -1.88 10.57
C ASP A 26 6.74 -0.97 9.51
N VAL A 27 5.63 -1.40 8.89
CA VAL A 27 4.99 -0.63 7.83
C VAL A 27 4.41 0.66 8.39
N LYS A 28 4.86 1.75 7.82
CA LYS A 28 4.51 3.08 8.26
C LYS A 28 4.40 3.97 7.04
N LEU A 29 3.87 5.17 7.22
CA LEU A 29 3.67 6.07 6.11
C LEU A 29 4.96 6.80 5.75
N ASP A 30 6.01 6.56 6.51
CA ASP A 30 7.27 7.28 6.32
C ASP A 30 8.37 6.37 5.77
N LYS A 31 8.03 5.10 5.50
CA LYS A 31 9.01 4.21 4.90
C LYS A 31 8.72 4.09 3.41
N SER A 32 9.75 4.04 2.60
CA SER A 32 9.59 4.13 1.15
C SER A 32 9.34 2.75 0.53
N PHE A 33 8.38 2.69 -0.40
CA PHE A 33 8.07 1.45 -1.11
C PHE A 33 9.29 0.95 -1.86
N THR A 34 9.91 1.85 -2.58
CA THR A 34 11.06 1.51 -3.40
C THR A 34 12.29 1.24 -2.54
N ASP A 35 12.41 1.94 -1.43
CA ASP A 35 13.60 1.85 -0.59
C ASP A 35 13.44 0.80 0.50
N ASP A 36 12.52 1.05 1.41
CA ASP A 36 12.32 0.18 2.57
C ASP A 36 11.59 -1.09 2.20
N LEU A 37 10.48 -0.94 1.47
CA LEU A 37 9.66 -2.09 1.11
C LEU A 37 10.36 -2.96 0.08
N ASP A 38 11.43 -2.43 -0.53
CA ASP A 38 12.27 -3.18 -1.47
C ASP A 38 11.44 -3.64 -2.67
N VAL A 39 10.44 -2.84 -3.01
CA VAL A 39 9.42 -3.24 -3.96
C VAL A 39 9.72 -2.72 -5.37
N ASP A 40 9.25 -3.46 -6.38
CA ASP A 40 9.42 -3.07 -7.78
C ASP A 40 8.13 -2.51 -8.34
N SER A 41 8.20 -1.86 -9.49
CA SER A 41 7.03 -1.26 -10.13
C SER A 41 5.88 -2.25 -10.24
N LEU A 42 6.14 -3.38 -10.86
CA LEU A 42 5.14 -4.44 -10.95
C LEU A 42 4.80 -4.97 -9.57
N SER A 43 5.82 -5.27 -8.78
CA SER A 43 5.64 -5.85 -7.46
C SER A 43 4.65 -5.05 -6.62
N MET A 44 4.89 -3.74 -6.49
CA MET A 44 4.02 -2.87 -5.70
C MET A 44 2.62 -2.86 -6.27
N VAL A 45 2.49 -2.66 -7.56
CA VAL A 45 1.17 -2.61 -8.16
C VAL A 45 0.48 -3.98 -8.13
N GLU A 46 1.26 -5.04 -8.03
CA GLU A 46 0.69 -6.38 -8.11
C GLU A 46 -0.07 -6.75 -6.84
N VAL A 47 0.62 -6.88 -5.72
CA VAL A 47 -0.04 -7.37 -4.52
C VAL A 47 -0.66 -6.21 -3.74
N VAL A 48 -0.18 -4.99 -3.97
CA VAL A 48 -0.75 -3.84 -3.27
C VAL A 48 -2.06 -3.41 -3.93
N VAL A 49 -2.21 -3.70 -5.23
CA VAL A 49 -3.50 -3.54 -5.88
C VAL A 49 -4.44 -4.65 -5.41
N ALA A 50 -3.89 -5.83 -5.18
CA ALA A 50 -4.64 -6.90 -4.56
C ALA A 50 -5.14 -6.47 -3.18
N ALA A 51 -4.42 -5.50 -2.58
CA ALA A 51 -4.78 -4.96 -1.27
C ALA A 51 -5.84 -3.87 -1.38
N GLU A 52 -5.73 -3.01 -2.40
CA GLU A 52 -6.65 -1.87 -2.53
C GLU A 52 -8.07 -2.38 -2.64
N GLU A 53 -8.27 -3.34 -3.51
CA GLU A 53 -9.58 -3.86 -3.78
C GLU A 53 -10.20 -4.54 -2.56
N ARG A 54 -9.38 -5.18 -1.74
CA ARG A 54 -9.90 -5.95 -0.61
C ARG A 54 -10.22 -5.04 0.57
N PHE A 55 -9.88 -3.77 0.46
CA PHE A 55 -10.30 -2.77 1.42
C PHE A 55 -11.40 -1.92 0.82
N ASP A 56 -11.85 -2.32 -0.37
CA ASP A 56 -12.93 -1.65 -1.09
C ASP A 56 -12.56 -0.20 -1.40
N VAL A 57 -11.59 -0.04 -2.29
CA VAL A 57 -11.21 1.29 -2.77
C VAL A 57 -10.89 1.20 -4.27
N LYS A 58 -10.89 2.33 -4.94
CA LYS A 58 -10.39 2.39 -6.30
C LYS A 58 -9.28 3.41 -6.41
N ILE A 59 -8.06 2.93 -6.62
CA ILE A 59 -6.95 3.81 -6.90
C ILE A 59 -6.39 3.48 -8.27
N PRO A 60 -5.80 4.46 -8.96
CA PRO A 60 -5.13 4.21 -10.23
C PRO A 60 -3.96 3.25 -10.04
N ASP A 61 -4.00 2.14 -10.76
CA ASP A 61 -2.93 1.15 -10.74
C ASP A 61 -1.60 1.83 -11.05
N ASP A 62 -1.64 2.76 -12.00
CA ASP A 62 -0.46 3.50 -12.41
C ASP A 62 0.10 4.30 -11.24
N ASP A 63 -0.81 4.82 -10.43
CA ASP A 63 -0.45 5.71 -9.33
C ASP A 63 0.36 4.97 -8.25
N VAL A 64 0.04 3.68 -8.03
CA VAL A 64 0.71 2.89 -7.00
C VAL A 64 2.21 2.83 -7.26
N LYS A 65 2.58 2.78 -8.52
CA LYS A 65 3.98 2.73 -8.92
C LYS A 65 4.63 4.10 -8.77
N ASN A 66 3.83 5.14 -8.90
CA ASN A 66 4.34 6.51 -8.90
C ASN A 66 4.61 7.00 -7.48
N LEU A 67 3.97 6.38 -6.49
CA LEU A 67 4.21 6.74 -5.11
C LEU A 67 5.42 6.01 -4.55
N LYS A 68 6.37 6.79 -4.05
CA LYS A 68 7.66 6.25 -3.61
C LYS A 68 7.57 5.68 -2.20
N THR A 69 6.51 6.01 -1.48
CA THR A 69 6.36 5.54 -0.11
C THR A 69 5.11 4.71 0.03
N VAL A 70 5.14 3.74 0.94
CA VAL A 70 3.96 2.91 1.19
C VAL A 70 2.84 3.77 1.75
N GLY A 71 3.23 4.74 2.57
CA GLY A 71 2.26 5.58 3.24
C GLY A 71 1.51 6.47 2.29
N ASP A 72 2.15 6.85 1.19
CA ASP A 72 1.52 7.68 0.18
C ASP A 72 0.32 6.95 -0.40
N ALA A 73 0.50 5.65 -0.61
CA ALA A 73 -0.57 4.80 -1.10
C ALA A 73 -1.66 4.64 -0.06
N THR A 74 -1.26 4.53 1.19
CA THR A 74 -2.20 4.20 2.24
C THR A 74 -3.19 5.34 2.41
N LYS A 75 -2.68 6.55 2.56
CA LYS A 75 -3.53 7.73 2.66
C LYS A 75 -4.37 7.88 1.40
N TYR A 76 -3.77 7.55 0.25
CA TYR A 76 -4.44 7.62 -1.05
C TYR A 76 -5.62 6.64 -1.10
N ILE A 77 -5.42 5.47 -0.51
CA ILE A 77 -6.48 4.47 -0.38
C ILE A 77 -7.54 4.95 0.59
N LEU A 78 -7.10 5.68 1.59
CA LEU A 78 -7.96 6.08 2.68
C LEU A 78 -8.87 7.26 2.32
N ASP A 79 -8.38 8.18 1.50
CA ASP A 79 -9.20 9.33 1.11
C ASP A 79 -10.06 9.05 -0.12
N HIS A 80 -9.88 7.86 -0.72
CA HIS A 80 -10.66 7.47 -1.88
C HIS A 80 -11.39 6.16 -1.65
N GLN A 81 -11.49 5.73 -0.40
CA GLN A 81 -12.09 4.43 -0.08
C GLN A 81 -13.61 4.45 -0.23
N ALA A 82 -14.18 3.26 -0.42
CA ALA A 82 -15.62 3.07 -0.53
C ALA A 82 -16.17 3.78 -1.77
N MET A 1 13.24 -6.91 -8.79
CA MET A 1 12.97 -7.49 -7.46
C MET A 1 12.80 -6.37 -6.42
N ALA A 2 13.76 -5.47 -6.36
CA ALA A 2 13.60 -4.26 -5.58
C ALA A 2 12.79 -3.28 -6.41
N ALA A 3 11.56 -3.07 -6.02
CA ALA A 3 10.59 -2.42 -6.85
C ALA A 3 10.58 -0.93 -6.62
N THR A 4 10.49 -0.19 -7.71
CA THR A 4 10.35 1.24 -7.63
C THR A 4 8.87 1.60 -7.53
N GLN A 5 8.54 2.88 -7.67
CA GLN A 5 7.19 3.35 -7.40
C GLN A 5 6.15 2.60 -8.24
N GLU A 6 6.31 2.59 -9.55
CA GLU A 6 5.32 1.96 -10.45
C GLU A 6 5.23 0.46 -10.21
N GLU A 7 6.37 -0.18 -9.98
CA GLU A 7 6.43 -1.62 -9.77
C GLU A 7 5.69 -2.01 -8.50
N ILE A 8 6.07 -1.38 -7.40
CA ILE A 8 5.48 -1.67 -6.11
C ILE A 8 4.02 -1.21 -6.07
N VAL A 9 3.73 -0.15 -6.82
CA VAL A 9 2.39 0.42 -6.83
C VAL A 9 1.42 -0.53 -7.52
N ALA A 10 1.92 -1.26 -8.50
CA ALA A 10 1.13 -2.27 -9.19
C ALA A 10 0.85 -3.43 -8.25
N GLY A 11 1.86 -3.81 -7.48
CA GLY A 11 1.69 -4.86 -6.50
C GLY A 11 0.77 -4.44 -5.37
N LEU A 12 0.81 -3.16 -5.06
CA LEU A 12 -0.08 -2.58 -4.06
C LEU A 12 -1.51 -2.50 -4.62
N ALA A 13 -1.62 -1.96 -5.83
CA ALA A 13 -2.90 -1.80 -6.52
C ALA A 13 -3.68 -3.09 -6.58
N GLU A 14 -3.02 -4.13 -7.09
CA GLU A 14 -3.60 -5.45 -7.22
C GLU A 14 -4.21 -5.92 -5.90
N ILE A 15 -3.50 -5.65 -4.83
CA ILE A 15 -3.84 -6.21 -3.54
C ILE A 15 -4.87 -5.37 -2.79
N VAL A 16 -4.90 -4.07 -3.03
CA VAL A 16 -5.94 -3.24 -2.43
C VAL A 16 -7.24 -3.49 -3.19
N ASN A 17 -7.12 -3.91 -4.44
CA ASN A 17 -8.27 -4.27 -5.25
C ASN A 17 -8.89 -5.55 -4.67
N GLU A 18 -8.08 -6.29 -3.91
CA GLU A 18 -8.55 -7.44 -3.15
C GLU A 18 -9.42 -7.00 -1.98
N ILE A 19 -9.15 -5.80 -1.48
CA ILE A 19 -9.78 -5.32 -0.26
C ILE A 19 -11.04 -4.51 -0.56
N ALA A 20 -10.91 -3.48 -1.38
CA ALA A 20 -12.03 -2.59 -1.64
C ALA A 20 -12.33 -2.53 -3.14
N GLY A 21 -11.69 -1.60 -3.84
CA GLY A 21 -11.89 -1.54 -5.27
C GLY A 21 -11.44 -0.26 -5.93
N ILE A 22 -10.27 0.26 -5.58
CA ILE A 22 -9.64 1.30 -6.37
C ILE A 22 -9.02 0.65 -7.60
N PRO A 23 -9.38 1.12 -8.80
CA PRO A 23 -8.80 0.61 -10.04
C PRO A 23 -7.29 0.72 -10.04
N VAL A 24 -6.61 -0.27 -10.60
CA VAL A 24 -5.16 -0.29 -10.61
C VAL A 24 -4.58 0.94 -11.32
N GLU A 25 -5.39 1.58 -12.15
CA GLU A 25 -4.98 2.78 -12.86
C GLU A 25 -5.10 4.02 -11.96
N ASP A 26 -5.87 3.90 -10.89
CA ASP A 26 -6.16 5.06 -10.05
C ASP A 26 -5.31 5.06 -8.78
N VAL A 27 -4.57 3.97 -8.56
CA VAL A 27 -3.71 3.88 -7.40
C VAL A 27 -2.55 4.86 -7.52
N LYS A 28 -2.49 5.79 -6.58
CA LYS A 28 -1.58 6.92 -6.65
C LYS A 28 -1.08 7.23 -5.27
N LEU A 29 0.03 7.94 -5.20
CA LEU A 29 0.58 8.36 -3.92
C LEU A 29 -0.24 9.49 -3.32
N ASP A 30 -1.23 9.96 -4.07
CA ASP A 30 -1.98 11.14 -3.70
C ASP A 30 -3.31 10.78 -3.04
N LYS A 31 -3.75 9.53 -3.18
CA LYS A 31 -5.07 9.18 -2.69
C LYS A 31 -4.97 8.53 -1.31
N SER A 32 -5.95 8.84 -0.48
CA SER A 32 -5.93 8.43 0.92
C SER A 32 -6.47 7.02 1.07
N PHE A 33 -5.78 6.20 1.86
CA PHE A 33 -6.22 4.84 2.14
C PHE A 33 -7.59 4.87 2.80
N THR A 34 -7.70 5.69 3.82
CA THR A 34 -8.91 5.79 4.60
C THR A 34 -10.02 6.49 3.83
N ASP A 35 -9.64 7.42 2.95
CA ASP A 35 -10.62 8.21 2.21
C ASP A 35 -10.95 7.58 0.86
N ASP A 36 -9.97 7.60 -0.04
CA ASP A 36 -10.18 7.19 -1.43
C ASP A 36 -10.22 5.68 -1.59
N LEU A 37 -9.29 4.99 -0.93
CA LEU A 37 -9.20 3.52 -1.05
C LEU A 37 -10.42 2.85 -0.44
N ASP A 38 -11.15 3.61 0.38
CA ASP A 38 -12.33 3.10 1.09
C ASP A 38 -11.92 1.90 1.93
N VAL A 39 -10.78 2.03 2.58
CA VAL A 39 -10.19 0.94 3.32
C VAL A 39 -10.27 1.19 4.83
N ASP A 40 -10.47 0.13 5.60
CA ASP A 40 -10.43 0.24 7.06
C ASP A 40 -9.01 0.07 7.53
N SER A 41 -8.77 0.41 8.79
CA SER A 41 -7.46 0.29 9.38
C SER A 41 -6.94 -1.15 9.23
N LEU A 42 -7.74 -2.12 9.65
CA LEU A 42 -7.34 -3.51 9.59
C LEU A 42 -7.35 -4.04 8.15
N SER A 43 -8.38 -3.66 7.40
CA SER A 43 -8.50 -4.07 6.00
C SER A 43 -7.20 -3.86 5.24
N MET A 44 -6.68 -2.63 5.26
CA MET A 44 -5.44 -2.33 4.57
C MET A 44 -4.29 -3.09 5.19
N VAL A 45 -4.18 -3.05 6.51
CA VAL A 45 -3.11 -3.75 7.21
C VAL A 45 -3.09 -5.23 6.83
N GLU A 46 -4.25 -5.79 6.50
CA GLU A 46 -4.33 -7.21 6.23
C GLU A 46 -3.73 -7.54 4.86
N VAL A 47 -4.35 -7.06 3.79
CA VAL A 47 -3.90 -7.46 2.47
C VAL A 47 -2.74 -6.59 2.00
N VAL A 48 -2.61 -5.39 2.56
CA VAL A 48 -1.52 -4.52 2.17
C VAL A 48 -0.22 -4.94 2.88
N VAL A 49 -0.33 -5.60 4.02
CA VAL A 49 0.84 -6.25 4.62
C VAL A 49 1.23 -7.45 3.77
N ALA A 50 0.23 -8.13 3.23
CA ALA A 50 0.51 -9.17 2.24
C ALA A 50 1.18 -8.56 1.00
N ALA A 51 0.97 -7.26 0.80
CA ALA A 51 1.55 -6.54 -0.34
C ALA A 51 2.98 -6.10 -0.04
N GLU A 52 3.26 -5.72 1.19
CA GLU A 52 4.60 -5.26 1.55
C GLU A 52 5.56 -6.45 1.52
N GLU A 53 5.17 -7.54 2.16
CA GLU A 53 6.03 -8.69 2.28
C GLU A 53 6.29 -9.35 0.94
N ARG A 54 5.40 -9.15 -0.02
CA ARG A 54 5.56 -9.77 -1.34
C ARG A 54 6.70 -9.10 -2.11
N PHE A 55 7.18 -7.97 -1.58
CA PHE A 55 8.34 -7.29 -2.14
C PHE A 55 9.51 -7.39 -1.15
N ASP A 56 9.40 -8.35 -0.24
CA ASP A 56 10.47 -8.71 0.71
C ASP A 56 10.72 -7.62 1.76
N VAL A 57 9.72 -6.80 2.04
CA VAL A 57 9.85 -5.81 3.09
C VAL A 57 8.87 -6.13 4.22
N LYS A 58 9.22 -5.74 5.44
CA LYS A 58 8.30 -5.90 6.57
C LYS A 58 8.29 -4.63 7.41
N ILE A 59 7.09 -4.09 7.61
CA ILE A 59 6.89 -2.97 8.49
C ILE A 59 5.98 -3.42 9.64
N PRO A 60 5.87 -2.64 10.72
CA PRO A 60 4.91 -2.92 11.77
C PRO A 60 3.49 -2.87 11.22
N ASP A 61 2.71 -3.93 11.40
CA ASP A 61 1.34 -4.02 10.88
C ASP A 61 0.56 -2.74 11.21
N ASP A 62 0.73 -2.28 12.44
CA ASP A 62 0.01 -1.12 12.96
C ASP A 62 0.35 0.15 12.18
N ASP A 63 1.48 0.13 11.47
CA ASP A 63 1.97 1.34 10.81
C ASP A 63 1.24 1.60 9.49
N VAL A 64 0.70 0.54 8.87
CA VAL A 64 -0.14 0.73 7.68
C VAL A 64 -1.40 1.50 8.09
N LYS A 65 -1.85 1.25 9.31
CA LYS A 65 -2.93 2.03 9.92
C LYS A 65 -2.47 3.47 10.16
N ASN A 66 -1.19 3.62 10.46
CA ASN A 66 -0.61 4.90 10.85
C ASN A 66 -0.55 5.86 9.66
N LEU A 67 -0.46 5.31 8.46
CA LEU A 67 -0.43 6.09 7.24
C LEU A 67 -1.82 6.23 6.65
N LYS A 68 -2.16 7.45 6.25
CA LYS A 68 -3.51 7.77 5.82
C LYS A 68 -3.63 7.73 4.30
N THR A 69 -2.52 7.56 3.60
CA THR A 69 -2.54 7.52 2.14
C THR A 69 -1.80 6.29 1.65
N VAL A 70 -2.18 5.78 0.47
CA VAL A 70 -1.49 4.64 -0.11
C VAL A 70 -0.10 5.06 -0.57
N GLY A 71 0.06 6.36 -0.81
CA GLY A 71 1.34 6.88 -1.23
C GLY A 71 2.34 6.96 -0.11
N ASP A 72 1.85 7.31 1.08
CA ASP A 72 2.67 7.36 2.28
C ASP A 72 3.27 5.97 2.52
N ALA A 73 2.43 4.96 2.34
CA ALA A 73 2.85 3.56 2.47
C ALA A 73 3.94 3.20 1.50
N THR A 74 3.76 3.57 0.25
CA THR A 74 4.66 3.13 -0.79
C THR A 74 6.06 3.68 -0.56
N LYS A 75 6.15 4.98 -0.33
CA LYS A 75 7.44 5.61 -0.07
C LYS A 75 8.10 4.99 1.17
N TYR A 76 7.33 4.71 2.19
CA TYR A 76 7.85 4.07 3.39
C TYR A 76 8.40 2.68 3.05
N ILE A 77 7.63 1.93 2.26
CA ILE A 77 8.06 0.62 1.77
C ILE A 77 9.31 0.76 0.91
N LEU A 78 9.30 1.76 0.02
CA LEU A 78 10.35 1.96 -0.96
C LEU A 78 11.69 2.31 -0.30
N ASP A 79 11.65 3.15 0.72
CA ASP A 79 12.86 3.61 1.38
C ASP A 79 13.45 2.53 2.29
N HIS A 80 12.59 1.70 2.86
CA HIS A 80 13.04 0.71 3.83
C HIS A 80 12.93 -0.71 3.27
N GLN A 81 12.93 -0.85 1.96
CA GLN A 81 12.79 -2.16 1.35
C GLN A 81 14.11 -2.94 1.43
N ALA A 82 14.15 -4.09 0.77
CA ALA A 82 15.33 -4.95 0.77
C ALA A 82 16.55 -4.26 0.15
N MET A 1 15.94 -0.14 5.14
CA MET A 1 16.31 -0.74 3.85
C MET A 1 15.18 -1.63 3.35
N ALA A 2 15.22 -2.90 3.71
CA ALA A 2 14.13 -3.81 3.42
C ALA A 2 13.22 -3.91 4.63
N ALA A 3 11.93 -3.70 4.41
CA ALA A 3 10.96 -3.70 5.48
C ALA A 3 10.05 -4.91 5.38
N THR A 4 9.76 -5.51 6.51
CA THR A 4 8.89 -6.66 6.54
C THR A 4 7.43 -6.23 6.59
N GLN A 5 6.53 -7.17 6.81
CA GLN A 5 5.10 -6.93 6.69
C GLN A 5 4.64 -5.79 7.59
N GLU A 6 4.91 -5.89 8.88
CA GLU A 6 4.42 -4.92 9.85
C GLU A 6 5.08 -3.55 9.66
N GLU A 7 6.36 -3.57 9.29
CA GLU A 7 7.11 -2.34 9.09
C GLU A 7 6.54 -1.54 7.92
N ILE A 8 6.41 -2.21 6.78
CA ILE A 8 5.91 -1.57 5.58
C ILE A 8 4.42 -1.26 5.73
N VAL A 9 3.70 -2.11 6.47
CA VAL A 9 2.28 -1.89 6.74
C VAL A 9 2.07 -0.57 7.47
N ALA A 10 2.93 -0.27 8.44
CA ALA A 10 2.86 0.99 9.16
C ALA A 10 3.09 2.16 8.19
N GLY A 11 4.11 2.02 7.34
CA GLY A 11 4.39 3.06 6.36
C GLY A 11 3.28 3.21 5.34
N LEU A 12 2.74 2.08 4.89
CA LEU A 12 1.62 2.08 3.95
C LEU A 12 0.41 2.73 4.63
N ALA A 13 0.14 2.31 5.86
CA ALA A 13 -0.97 2.84 6.65
C ALA A 13 -0.89 4.35 6.79
N GLU A 14 0.28 4.81 7.19
CA GLU A 14 0.57 6.23 7.36
C GLU A 14 0.22 7.01 6.09
N ILE A 15 0.47 6.39 4.95
CA ILE A 15 0.30 7.05 3.67
C ILE A 15 -1.12 6.95 3.12
N VAL A 16 -1.82 5.84 3.39
CA VAL A 16 -3.19 5.70 2.91
C VAL A 16 -4.11 6.62 3.71
N ASN A 17 -3.69 6.96 4.91
CA ASN A 17 -4.43 7.89 5.76
C ASN A 17 -4.50 9.25 5.09
N GLU A 18 -3.48 9.54 4.29
CA GLU A 18 -3.41 10.79 3.52
C GLU A 18 -4.43 10.77 2.39
N ILE A 19 -4.81 9.57 1.97
CA ILE A 19 -5.74 9.39 0.87
C ILE A 19 -7.18 9.44 1.35
N ALA A 20 -7.49 8.62 2.35
CA ALA A 20 -8.84 8.50 2.85
C ALA A 20 -8.88 8.59 4.36
N GLY A 21 -8.46 7.53 5.04
CA GLY A 21 -8.36 7.61 6.49
C GLY A 21 -8.66 6.31 7.22
N ILE A 22 -7.98 5.23 6.86
CA ILE A 22 -7.98 4.04 7.70
C ILE A 22 -6.96 4.26 8.81
N PRO A 23 -7.34 4.03 10.07
CA PRO A 23 -6.42 4.10 11.20
C PRO A 23 -5.18 3.23 10.95
N VAL A 24 -4.02 3.73 11.34
CA VAL A 24 -2.76 3.05 11.05
C VAL A 24 -2.74 1.63 11.61
N GLU A 25 -3.52 1.40 12.66
CA GLU A 25 -3.60 0.09 13.29
C GLU A 25 -4.52 -0.85 12.53
N ASP A 26 -5.39 -0.31 11.69
CA ASP A 26 -6.41 -1.12 11.05
C ASP A 26 -5.97 -1.60 9.66
N VAL A 27 -4.85 -1.07 9.19
CA VAL A 27 -4.33 -1.49 7.90
C VAL A 27 -3.84 -2.94 7.97
N LYS A 28 -4.58 -3.79 7.28
CA LYS A 28 -4.35 -5.22 7.32
C LYS A 28 -4.32 -5.74 5.91
N LEU A 29 -3.78 -6.93 5.70
CA LEU A 29 -3.70 -7.49 4.37
C LEU A 29 -5.07 -7.98 3.91
N ASP A 30 -6.03 -7.93 4.83
CA ASP A 30 -7.36 -8.48 4.60
C ASP A 30 -8.35 -7.42 4.11
N LYS A 31 -8.04 -6.15 4.33
CA LYS A 31 -8.99 -5.11 3.98
C LYS A 31 -8.69 -4.59 2.57
N SER A 32 -9.74 -4.26 1.84
CA SER A 32 -9.60 -3.89 0.44
C SER A 32 -9.40 -2.38 0.30
N PHE A 33 -8.44 -2.00 -0.54
CA PHE A 33 -8.19 -0.59 -0.86
C PHE A 33 -9.47 0.06 -1.35
N THR A 34 -10.08 -0.56 -2.34
CA THR A 34 -11.25 -0.02 -2.99
C THR A 34 -12.40 0.15 -2.00
N ASP A 35 -12.62 -0.86 -1.16
CA ASP A 35 -13.75 -0.83 -0.24
C ASP A 35 -13.38 -0.27 1.12
N ASP A 36 -12.56 -1.02 1.85
CA ASP A 36 -12.24 -0.71 3.24
C ASP A 36 -11.46 0.58 3.36
N LEU A 37 -10.45 0.75 2.51
CA LEU A 37 -9.62 1.95 2.55
C LEU A 37 -10.39 3.14 2.00
N ASP A 38 -11.55 2.85 1.39
CA ASP A 38 -12.38 3.89 0.78
C ASP A 38 -11.56 4.66 -0.25
N VAL A 39 -10.78 3.92 -1.04
CA VAL A 39 -9.82 4.51 -1.94
C VAL A 39 -10.31 4.44 -3.40
N ASP A 40 -9.97 5.45 -4.17
CA ASP A 40 -10.17 5.42 -5.61
C ASP A 40 -8.93 4.88 -6.29
N SER A 41 -9.11 4.28 -7.47
CA SER A 41 -8.02 3.68 -8.21
C SER A 41 -6.88 4.68 -8.47
N LEU A 42 -7.24 5.91 -8.83
CA LEU A 42 -6.23 6.92 -9.07
C LEU A 42 -5.61 7.37 -7.74
N SER A 43 -6.46 7.56 -6.74
CA SER A 43 -6.04 8.06 -5.44
C SER A 43 -5.00 7.13 -4.81
N MET A 44 -5.31 5.84 -4.80
CA MET A 44 -4.40 4.83 -4.27
C MET A 44 -3.07 4.89 -5.00
N VAL A 45 -3.11 4.90 -6.32
CA VAL A 45 -1.88 4.93 -7.09
C VAL A 45 -1.04 6.17 -6.77
N GLU A 46 -1.67 7.24 -6.33
CA GLU A 46 -0.95 8.46 -6.06
C GLU A 46 -0.10 8.34 -4.80
N VAL A 47 -0.75 8.17 -3.64
CA VAL A 47 -0.02 8.19 -2.39
C VAL A 47 0.56 6.81 -2.07
N VAL A 48 -0.03 5.75 -2.63
CA VAL A 48 0.48 4.40 -2.37
C VAL A 48 1.74 4.14 -3.21
N VAL A 49 1.84 4.80 -4.37
CA VAL A 49 3.09 4.79 -5.13
C VAL A 49 4.13 5.64 -4.40
N ALA A 50 3.67 6.69 -3.73
CA ALA A 50 4.53 7.46 -2.85
C ALA A 50 5.07 6.56 -1.73
N ALA A 51 4.29 5.52 -1.41
CA ALA A 51 4.67 4.58 -0.36
C ALA A 51 5.64 3.52 -0.88
N GLU A 52 5.45 3.06 -2.10
CA GLU A 52 6.30 2.01 -2.64
C GLU A 52 7.74 2.51 -2.75
N GLU A 53 7.89 3.71 -3.29
CA GLU A 53 9.20 4.24 -3.59
C GLU A 53 9.98 4.60 -2.32
N ARG A 54 9.28 4.91 -1.23
CA ARG A 54 9.95 5.25 0.03
C ARG A 54 10.45 3.99 0.73
N PHE A 55 10.10 2.83 0.17
CA PHE A 55 10.61 1.55 0.67
C PHE A 55 11.54 0.92 -0.35
N ASP A 56 12.04 1.76 -1.26
CA ASP A 56 13.05 1.36 -2.25
C ASP A 56 12.54 0.30 -3.22
N VAL A 57 11.30 0.44 -3.66
CA VAL A 57 10.78 -0.44 -4.70
C VAL A 57 10.18 0.39 -5.84
N LYS A 58 10.05 -0.22 -7.00
CA LYS A 58 9.32 0.39 -8.10
C LYS A 58 8.41 -0.64 -8.76
N ILE A 59 7.11 -0.44 -8.63
CA ILE A 59 6.15 -1.28 -9.33
C ILE A 59 5.53 -0.46 -10.45
N PRO A 60 4.87 -1.10 -11.41
CA PRO A 60 4.06 -0.38 -12.39
C PRO A 60 2.91 0.34 -11.70
N ASP A 61 2.69 1.60 -12.05
CA ASP A 61 1.67 2.41 -11.38
C ASP A 61 0.30 1.73 -11.49
N ASP A 62 0.06 1.07 -12.61
CA ASP A 62 -1.21 0.40 -12.85
C ASP A 62 -1.37 -0.81 -11.92
N ASP A 63 -0.26 -1.29 -11.36
CA ASP A 63 -0.32 -2.46 -10.51
C ASP A 63 -1.01 -2.13 -9.20
N VAL A 64 -0.89 -0.88 -8.73
CA VAL A 64 -1.54 -0.47 -7.49
C VAL A 64 -3.06 -0.60 -7.63
N LYS A 65 -3.64 -0.02 -8.68
CA LYS A 65 -5.08 -0.12 -8.90
C LYS A 65 -5.45 -1.47 -9.50
N ASN A 66 -4.43 -2.25 -9.81
CA ASN A 66 -4.63 -3.60 -10.33
C ASN A 66 -5.09 -4.49 -9.18
N LEU A 67 -4.49 -4.27 -8.01
CA LEU A 67 -4.88 -4.96 -6.80
C LEU A 67 -5.99 -4.18 -6.08
N LYS A 68 -6.88 -4.91 -5.41
CA LYS A 68 -8.04 -4.28 -4.80
C LYS A 68 -7.92 -4.26 -3.28
N THR A 69 -6.98 -5.01 -2.73
CA THR A 69 -6.78 -5.03 -1.29
C THR A 69 -5.47 -4.31 -0.95
N VAL A 70 -5.38 -3.72 0.24
CA VAL A 70 -4.15 -3.07 0.65
C VAL A 70 -3.07 -4.12 0.89
N GLY A 71 -3.52 -5.30 1.32
CA GLY A 71 -2.59 -6.37 1.60
C GLY A 71 -1.88 -6.88 0.38
N ASP A 72 -2.55 -6.80 -0.77
CA ASP A 72 -1.99 -7.29 -2.02
C ASP A 72 -0.77 -6.47 -2.43
N ALA A 73 -0.96 -5.14 -2.49
CA ALA A 73 0.13 -4.22 -2.80
C ALA A 73 1.29 -4.45 -1.88
N THR A 74 0.99 -4.46 -0.60
CA THR A 74 1.98 -4.59 0.42
C THR A 74 2.84 -5.84 0.19
N LYS A 75 2.20 -6.98 0.04
CA LYS A 75 2.90 -8.24 -0.18
C LYS A 75 3.66 -8.21 -1.51
N TYR A 76 3.05 -7.60 -2.51
CA TYR A 76 3.65 -7.42 -3.82
C TYR A 76 4.93 -6.60 -3.70
N ILE A 77 4.84 -5.51 -2.96
CA ILE A 77 6.00 -4.67 -2.65
C ILE A 77 7.06 -5.48 -1.90
N LEU A 78 6.60 -6.21 -0.90
CA LEU A 78 7.47 -6.96 -0.01
C LEU A 78 8.39 -7.91 -0.77
N ASP A 79 7.86 -8.61 -1.76
CA ASP A 79 8.62 -9.63 -2.48
C ASP A 79 9.45 -9.06 -3.62
N HIS A 80 9.31 -7.76 -3.90
CA HIS A 80 10.03 -7.15 -5.02
C HIS A 80 10.78 -5.91 -4.59
N GLN A 81 10.82 -5.64 -3.29
CA GLN A 81 11.46 -4.42 -2.78
C GLN A 81 12.97 -4.57 -2.77
N ALA A 82 13.66 -3.42 -2.79
CA ALA A 82 15.11 -3.39 -2.72
C ALA A 82 15.76 -4.22 -3.83
N MET A 1 11.80 -8.41 -5.32
CA MET A 1 11.29 -7.76 -6.55
C MET A 1 11.30 -6.25 -6.38
N ALA A 2 12.36 -5.60 -6.84
CA ALA A 2 12.45 -4.15 -6.77
C ALA A 2 11.52 -3.51 -7.79
N ALA A 3 10.48 -2.84 -7.30
CA ALA A 3 9.50 -2.23 -8.17
C ALA A 3 9.52 -0.72 -7.99
N THR A 4 9.27 0.01 -9.07
CA THR A 4 9.12 1.44 -8.97
C THR A 4 7.65 1.78 -8.66
N GLN A 5 7.28 3.03 -8.83
CA GLN A 5 5.96 3.48 -8.43
C GLN A 5 4.85 2.74 -9.17
N GLU A 6 4.88 2.77 -10.50
CA GLU A 6 3.80 2.22 -11.31
C GLU A 6 3.66 0.71 -11.09
N GLU A 7 4.78 0.01 -10.96
CA GLU A 7 4.76 -1.41 -10.74
C GLU A 7 4.19 -1.75 -9.36
N ILE A 8 4.73 -1.11 -8.34
CA ILE A 8 4.31 -1.36 -6.96
C ILE A 8 2.86 -0.90 -6.77
N VAL A 9 2.48 0.16 -7.49
CA VAL A 9 1.12 0.67 -7.45
C VAL A 9 0.12 -0.38 -7.95
N ALA A 10 0.47 -1.07 -9.02
CA ALA A 10 -0.37 -2.13 -9.55
C ALA A 10 -0.54 -3.24 -8.52
N GLY A 11 0.56 -3.62 -7.89
CA GLY A 11 0.52 -4.64 -6.85
C GLY A 11 -0.27 -4.18 -5.65
N LEU A 12 0.04 -2.98 -5.17
CA LEU A 12 -0.66 -2.38 -4.03
C LEU A 12 -2.16 -2.28 -4.34
N ALA A 13 -2.47 -1.86 -5.57
CA ALA A 13 -3.84 -1.73 -6.04
C ALA A 13 -4.58 -3.05 -5.96
N GLU A 14 -4.02 -4.06 -6.62
CA GLU A 14 -4.56 -5.41 -6.60
C GLU A 14 -4.83 -5.86 -5.16
N ILE A 15 -3.86 -5.57 -4.31
CA ILE A 15 -3.91 -5.89 -2.90
C ILE A 15 -5.08 -5.19 -2.20
N VAL A 16 -5.17 -3.86 -2.32
CA VAL A 16 -6.23 -3.12 -1.65
C VAL A 16 -7.59 -3.43 -2.28
N ASN A 17 -7.56 -3.85 -3.53
CA ASN A 17 -8.77 -4.23 -4.24
C ASN A 17 -9.42 -5.44 -3.55
N GLU A 18 -8.59 -6.24 -2.89
CA GLU A 18 -9.07 -7.37 -2.11
C GLU A 18 -9.73 -6.88 -0.83
N ILE A 19 -9.25 -5.75 -0.33
CA ILE A 19 -9.70 -5.21 0.95
C ILE A 19 -10.97 -4.39 0.79
N ALA A 20 -10.91 -3.41 -0.09
CA ALA A 20 -11.99 -2.45 -0.22
C ALA A 20 -12.56 -2.42 -1.63
N GLY A 21 -11.94 -1.64 -2.53
CA GLY A 21 -12.39 -1.64 -3.89
C GLY A 21 -12.03 -0.38 -4.68
N ILE A 22 -10.81 0.11 -4.54
CA ILE A 22 -10.33 1.14 -5.47
C ILE A 22 -9.81 0.45 -6.73
N PRO A 23 -10.30 0.87 -7.91
CA PRO A 23 -9.83 0.34 -9.19
C PRO A 23 -8.31 0.52 -9.32
N VAL A 24 -7.66 -0.44 -9.98
CA VAL A 24 -6.20 -0.45 -10.07
C VAL A 24 -5.63 0.83 -10.68
N GLU A 25 -6.37 1.43 -11.59
CA GLU A 25 -5.92 2.63 -12.28
C GLU A 25 -6.16 3.88 -11.43
N ASP A 26 -7.02 3.75 -10.42
CA ASP A 26 -7.37 4.90 -9.57
C ASP A 26 -6.39 5.04 -8.43
N VAL A 27 -5.59 4.01 -8.20
CA VAL A 27 -4.61 4.01 -7.12
C VAL A 27 -3.48 4.99 -7.42
N LYS A 28 -3.30 5.94 -6.51
CA LYS A 28 -2.41 7.05 -6.71
C LYS A 28 -1.78 7.40 -5.38
N LEU A 29 -0.71 8.17 -5.40
CA LEU A 29 -0.06 8.58 -4.17
C LEU A 29 -0.83 9.72 -3.51
N ASP A 30 -1.88 10.14 -4.18
CA ASP A 30 -2.66 11.29 -3.75
C ASP A 30 -3.86 10.89 -2.91
N LYS A 31 -4.36 9.68 -3.09
CA LYS A 31 -5.63 9.31 -2.49
C LYS A 31 -5.41 8.69 -1.10
N SER A 32 -6.31 9.00 -0.19
CA SER A 32 -6.15 8.62 1.20
C SER A 32 -6.61 7.19 1.43
N PHE A 33 -5.83 6.44 2.20
CA PHE A 33 -6.16 5.06 2.51
C PHE A 33 -7.44 4.99 3.33
N THR A 34 -7.54 5.88 4.30
CA THR A 34 -8.69 5.93 5.19
C THR A 34 -9.93 6.47 4.48
N ASP A 35 -9.72 7.47 3.63
CA ASP A 35 -10.84 8.18 2.99
C ASP A 35 -11.20 7.56 1.64
N ASP A 36 -10.25 7.57 0.72
CA ASP A 36 -10.49 7.16 -0.66
C ASP A 36 -10.50 5.64 -0.78
N LEU A 37 -9.46 5.00 -0.26
CA LEU A 37 -9.36 3.55 -0.30
C LEU A 37 -10.47 2.94 0.56
N ASP A 38 -10.90 3.69 1.58
CA ASP A 38 -11.92 3.24 2.52
C ASP A 38 -11.43 1.98 3.24
N VAL A 39 -10.41 2.15 4.05
CA VAL A 39 -9.78 1.03 4.73
C VAL A 39 -9.69 1.29 6.23
N ASP A 40 -9.62 0.22 7.00
CA ASP A 40 -9.39 0.33 8.44
C ASP A 40 -7.95 -0.03 8.76
N SER A 41 -7.54 0.27 9.99
CA SER A 41 -6.19 0.01 10.46
C SER A 41 -5.76 -1.44 10.14
N LEU A 42 -6.52 -2.40 10.63
CA LEU A 42 -6.19 -3.80 10.42
C LEU A 42 -6.33 -4.19 8.96
N SER A 43 -7.38 -3.68 8.33
CA SER A 43 -7.66 -4.03 6.94
C SER A 43 -6.43 -3.81 6.05
N MET A 44 -5.87 -2.60 6.11
CA MET A 44 -4.71 -2.29 5.30
C MET A 44 -3.51 -3.10 5.73
N VAL A 45 -3.23 -3.13 7.01
CA VAL A 45 -2.05 -3.85 7.49
C VAL A 45 -2.16 -5.35 7.17
N GLU A 46 -3.38 -5.85 6.98
CA GLU A 46 -3.58 -7.26 6.70
C GLU A 46 -3.16 -7.60 5.27
N VAL A 47 -3.86 -7.07 4.28
CA VAL A 47 -3.57 -7.46 2.91
C VAL A 47 -2.44 -6.62 2.33
N VAL A 48 -2.24 -5.41 2.85
CA VAL A 48 -1.21 -4.53 2.33
C VAL A 48 0.16 -4.92 2.91
N VAL A 49 0.17 -5.64 4.03
CA VAL A 49 1.39 -6.30 4.50
C VAL A 49 1.63 -7.56 3.67
N ALA A 50 0.55 -8.21 3.27
CA ALA A 50 0.65 -9.28 2.29
C ALA A 50 1.21 -8.73 0.97
N ALA A 51 1.11 -7.41 0.82
CA ALA A 51 1.68 -6.70 -0.32
C ALA A 51 3.13 -6.34 -0.10
N GLU A 52 3.52 -6.04 1.14
CA GLU A 52 4.87 -5.58 1.40
C GLU A 52 5.86 -6.70 1.09
N GLU A 53 5.60 -7.87 1.65
CA GLU A 53 6.50 -9.01 1.51
C GLU A 53 6.77 -9.37 0.06
N ARG A 54 5.75 -9.26 -0.78
CA ARG A 54 5.85 -9.70 -2.16
C ARG A 54 6.73 -8.75 -2.98
N PHE A 55 7.12 -7.63 -2.38
CA PHE A 55 8.06 -6.71 -3.02
C PHE A 55 9.40 -6.71 -2.27
N ASP A 56 9.55 -7.66 -1.35
CA ASP A 56 10.80 -7.86 -0.60
C ASP A 56 11.13 -6.65 0.26
N VAL A 57 10.12 -6.08 0.86
CA VAL A 57 10.28 -4.87 1.65
C VAL A 57 9.97 -5.15 3.12
N LYS A 58 10.37 -4.23 3.98
CA LYS A 58 10.05 -4.31 5.40
C LYS A 58 9.39 -3.02 5.87
N ILE A 59 8.11 -3.11 6.20
CA ILE A 59 7.40 -1.99 6.81
C ILE A 59 6.61 -2.46 8.05
N PRO A 60 6.93 -1.89 9.22
CA PRO A 60 6.26 -2.26 10.49
C PRO A 60 4.75 -2.09 10.45
N ASP A 61 4.05 -2.94 11.21
CA ASP A 61 2.58 -2.91 11.28
C ASP A 61 2.07 -1.52 11.61
N ASP A 62 2.70 -0.92 12.61
CA ASP A 62 2.29 0.39 13.10
C ASP A 62 2.41 1.45 12.01
N ASP A 63 3.41 1.28 11.15
CA ASP A 63 3.70 2.28 10.13
C ASP A 63 2.64 2.30 9.04
N VAL A 64 2.02 1.16 8.75
CA VAL A 64 0.94 1.13 7.77
C VAL A 64 -0.30 1.78 8.36
N LYS A 65 -0.57 1.46 9.62
CA LYS A 65 -1.63 2.15 10.36
C LYS A 65 -1.39 3.66 10.38
N ASN A 66 -0.13 4.05 10.55
CA ASN A 66 0.23 5.46 10.75
C ASN A 66 0.17 6.25 9.45
N LEU A 67 -0.12 5.59 8.36
CA LEU A 67 -0.18 6.27 7.10
C LEU A 67 -1.63 6.40 6.65
N LYS A 68 -1.97 7.55 6.10
CA LYS A 68 -3.36 7.83 5.78
C LYS A 68 -3.58 7.96 4.28
N THR A 69 -2.53 7.77 3.50
CA THR A 69 -2.66 7.70 2.05
C THR A 69 -1.98 6.45 1.53
N VAL A 70 -2.45 5.96 0.40
CA VAL A 70 -1.80 4.81 -0.23
C VAL A 70 -0.42 5.24 -0.76
N GLY A 71 -0.26 6.54 -0.97
CA GLY A 71 1.00 7.05 -1.42
C GLY A 71 2.07 6.99 -0.35
N ASP A 72 1.63 7.13 0.91
CA ASP A 72 2.53 6.96 2.06
C ASP A 72 3.16 5.58 2.03
N ALA A 73 2.31 4.57 1.89
CA ALA A 73 2.75 3.18 1.88
C ALA A 73 3.77 2.94 0.79
N THR A 74 3.43 3.37 -0.42
CA THR A 74 4.25 3.10 -1.57
C THR A 74 5.62 3.73 -1.43
N LYS A 75 5.68 5.02 -1.15
CA LYS A 75 6.95 5.71 -1.03
C LYS A 75 7.77 5.15 0.13
N TYR A 76 7.09 4.69 1.16
CA TYR A 76 7.74 4.01 2.28
C TYR A 76 8.33 2.68 1.80
N ILE A 77 7.52 1.94 1.04
CA ILE A 77 7.94 0.65 0.49
C ILE A 77 9.09 0.82 -0.49
N LEU A 78 8.96 1.79 -1.37
CA LEU A 78 9.88 1.98 -2.48
C LEU A 78 11.31 2.26 -2.03
N ASP A 79 11.47 2.79 -0.82
CA ASP A 79 12.80 3.06 -0.29
C ASP A 79 13.40 1.86 0.42
N HIS A 80 12.57 1.16 1.19
CA HIS A 80 13.07 0.11 2.06
C HIS A 80 12.84 -1.29 1.47
N GLN A 81 12.66 -1.34 0.16
CA GLN A 81 12.41 -2.60 -0.52
C GLN A 81 13.73 -3.26 -0.96
N ALA A 82 13.65 -4.56 -1.22
CA ALA A 82 14.75 -5.32 -1.82
C ALA A 82 16.02 -5.24 -0.98
N MET A 1 -16.73 8.35 -4.01
CA MET A 1 -15.75 7.85 -5.01
C MET A 1 -14.74 6.94 -4.36
N ALA A 2 -14.85 5.65 -4.62
CA ALA A 2 -13.91 4.69 -4.09
C ALA A 2 -12.91 4.28 -5.15
N ALA A 3 -11.63 4.39 -4.81
CA ALA A 3 -10.57 4.01 -5.73
C ALA A 3 -10.41 2.50 -5.72
N THR A 4 -10.64 1.88 -6.86
CA THR A 4 -10.58 0.45 -6.95
C THR A 4 -9.13 -0.03 -7.09
N GLN A 5 -8.96 -1.33 -7.27
CA GLN A 5 -7.64 -1.97 -7.20
C GLN A 5 -6.56 -1.22 -7.99
N GLU A 6 -6.81 -1.00 -9.27
CA GLU A 6 -5.82 -0.41 -10.15
C GLU A 6 -5.61 1.08 -9.84
N GLU A 7 -6.68 1.76 -9.49
CA GLU A 7 -6.62 3.19 -9.21
C GLU A 7 -5.88 3.45 -7.91
N ILE A 8 -6.24 2.70 -6.88
CA ILE A 8 -5.61 2.84 -5.58
C ILE A 8 -4.15 2.37 -5.67
N VAL A 9 -3.91 1.39 -6.55
CA VAL A 9 -2.56 0.89 -6.81
C VAL A 9 -1.67 1.99 -7.37
N ALA A 10 -2.22 2.82 -8.25
CA ALA A 10 -1.46 3.95 -8.80
C ALA A 10 -1.11 4.93 -7.70
N GLY A 11 -2.07 5.18 -6.81
CA GLY A 11 -1.82 6.07 -5.68
C GLY A 11 -0.83 5.46 -4.70
N LEU A 12 -1.00 4.17 -4.43
CA LEU A 12 -0.09 3.44 -3.55
C LEU A 12 1.31 3.43 -4.14
N ALA A 13 1.40 3.09 -5.43
CA ALA A 13 2.66 3.06 -6.17
C ALA A 13 3.42 4.36 -6.02
N GLU A 14 2.72 5.45 -6.26
CA GLU A 14 3.30 6.78 -6.21
C GLU A 14 3.82 7.09 -4.81
N ILE A 15 3.17 6.52 -3.81
CA ILE A 15 3.53 6.77 -2.42
C ILE A 15 4.65 5.85 -1.94
N VAL A 16 4.67 4.60 -2.40
CA VAL A 16 5.77 3.69 -2.06
C VAL A 16 7.05 4.16 -2.74
N ASN A 17 6.88 4.87 -3.84
CA ASN A 17 8.01 5.45 -4.55
C ASN A 17 8.67 6.53 -3.68
N GLU A 18 7.90 7.09 -2.75
CA GLU A 18 8.41 8.04 -1.76
C GLU A 18 9.27 7.31 -0.73
N ILE A 19 9.04 6.01 -0.61
CA ILE A 19 9.70 5.22 0.42
C ILE A 19 10.98 4.57 -0.10
N ALA A 20 10.86 3.87 -1.22
CA ALA A 20 11.99 3.14 -1.77
C ALA A 20 12.20 3.50 -3.23
N GLY A 21 11.55 2.79 -4.15
CA GLY A 21 11.67 3.14 -5.55
C GLY A 21 11.21 2.06 -6.51
N ILE A 22 10.05 1.45 -6.25
CA ILE A 22 9.43 0.60 -7.28
C ILE A 22 8.72 1.52 -8.27
N PRO A 23 9.01 1.37 -9.57
CA PRO A 23 8.34 2.13 -10.62
C PRO A 23 6.83 1.93 -10.56
N VAL A 24 6.07 2.96 -10.94
CA VAL A 24 4.62 2.90 -10.83
C VAL A 24 4.03 1.79 -11.71
N GLU A 25 4.82 1.35 -12.68
CA GLU A 25 4.41 0.30 -13.60
C GLU A 25 4.57 -1.09 -12.95
N ASP A 26 5.40 -1.15 -11.91
CA ASP A 26 5.77 -2.43 -11.32
C ASP A 26 4.95 -2.74 -10.07
N VAL A 27 4.36 -1.71 -9.45
CA VAL A 27 3.54 -1.90 -8.27
C VAL A 27 2.30 -2.72 -8.59
N LYS A 28 2.20 -3.87 -7.95
CA LYS A 28 1.17 -4.84 -8.25
C LYS A 28 0.79 -5.57 -6.98
N LEU A 29 -0.24 -6.40 -7.04
CA LEU A 29 -0.64 -7.20 -5.89
C LEU A 29 0.24 -8.43 -5.77
N ASP A 30 1.13 -8.58 -6.75
CA ASP A 30 1.96 -9.78 -6.86
C ASP A 30 3.29 -9.59 -6.15
N LYS A 31 3.71 -8.35 -5.98
CA LYS A 31 5.07 -8.10 -5.53
C LYS A 31 5.08 -7.86 -4.01
N SER A 32 6.11 -8.39 -3.36
CA SER A 32 6.18 -8.35 -1.90
C SER A 32 6.71 -7.00 -1.41
N PHE A 33 6.07 -6.46 -0.39
CA PHE A 33 6.48 -5.19 0.19
C PHE A 33 7.91 -5.29 0.71
N THR A 34 8.15 -6.31 1.50
CA THR A 34 9.44 -6.52 2.12
C THR A 34 10.52 -6.80 1.09
N ASP A 35 10.17 -7.58 0.06
CA ASP A 35 11.15 -8.02 -0.93
C ASP A 35 11.21 -7.07 -2.11
N ASP A 36 10.16 -7.06 -2.91
CA ASP A 36 10.11 -6.28 -4.15
C ASP A 36 10.22 -4.79 -3.88
N LEU A 37 9.39 -4.30 -2.96
CA LEU A 37 9.30 -2.87 -2.69
C LEU A 37 10.56 -2.37 -1.98
N ASP A 38 11.42 -3.29 -1.54
CA ASP A 38 12.65 -2.92 -0.79
C ASP A 38 12.30 -2.09 0.42
N VAL A 39 11.20 -2.44 1.08
CA VAL A 39 10.66 -1.62 2.14
C VAL A 39 10.96 -2.21 3.51
N ASP A 40 11.16 -1.35 4.50
CA ASP A 40 11.30 -1.77 5.88
C ASP A 40 10.00 -1.59 6.62
N SER A 41 9.94 -2.15 7.83
CA SER A 41 8.71 -2.13 8.62
C SER A 41 8.24 -0.71 8.91
N LEU A 42 9.16 0.16 9.32
CA LEU A 42 8.79 1.53 9.60
C LEU A 42 8.45 2.26 8.30
N SER A 43 9.32 2.07 7.30
CA SER A 43 9.17 2.71 6.00
C SER A 43 7.76 2.53 5.44
N MET A 44 7.37 1.26 5.31
CA MET A 44 6.06 0.91 4.77
C MET A 44 4.95 1.55 5.59
N VAL A 45 4.97 1.37 6.89
CA VAL A 45 3.92 1.89 7.75
C VAL A 45 3.86 3.42 7.69
N GLU A 46 4.97 4.06 7.36
CA GLU A 46 5.03 5.50 7.40
C GLU A 46 4.29 6.13 6.22
N VAL A 47 4.77 5.90 5.01
CA VAL A 47 4.18 6.58 3.87
C VAL A 47 2.94 5.82 3.36
N VAL A 48 2.86 4.52 3.62
CA VAL A 48 1.72 3.74 3.15
C VAL A 48 0.51 3.96 4.06
N VAL A 49 0.75 4.30 5.33
CA VAL A 49 -0.33 4.77 6.20
C VAL A 49 -0.76 6.16 5.75
N ALA A 50 0.21 6.95 5.30
CA ALA A 50 -0.10 8.23 4.67
C ALA A 50 -0.96 8.04 3.42
N ALA A 51 -0.90 6.83 2.84
CA ALA A 51 -1.72 6.49 1.70
C ALA A 51 -3.10 6.00 2.10
N GLU A 52 -3.20 5.21 3.17
CA GLU A 52 -4.47 4.61 3.55
C GLU A 52 -5.48 5.70 3.85
N GLU A 53 -5.07 6.66 4.64
CA GLU A 53 -5.94 7.70 5.10
C GLU A 53 -6.50 8.54 3.94
N ARG A 54 -5.66 8.77 2.94
CA ARG A 54 -6.05 9.63 1.81
C ARG A 54 -6.99 8.89 0.87
N PHE A 55 -7.14 7.58 1.07
CA PHE A 55 -8.12 6.80 0.33
C PHE A 55 -9.32 6.51 1.22
N ASP A 56 -9.39 7.26 2.32
CA ASP A 56 -10.49 7.17 3.29
C ASP A 56 -10.64 5.76 3.85
N VAL A 57 -9.58 5.29 4.49
CA VAL A 57 -9.62 4.01 5.16
C VAL A 57 -8.77 4.10 6.43
N LYS A 58 -8.98 3.19 7.36
CA LYS A 58 -8.17 3.14 8.56
C LYS A 58 -7.76 1.69 8.85
N ILE A 59 -6.48 1.42 8.73
CA ILE A 59 -5.95 0.11 9.02
C ILE A 59 -4.94 0.22 10.17
N PRO A 60 -4.66 -0.89 10.87
CA PRO A 60 -3.66 -0.91 11.94
C PRO A 60 -2.25 -0.68 11.42
N ASP A 61 -1.49 0.14 12.13
CA ASP A 61 -0.09 0.39 11.78
C ASP A 61 0.65 -0.93 11.63
N ASP A 62 0.44 -1.81 12.61
CA ASP A 62 1.07 -3.13 12.64
C ASP A 62 0.70 -3.94 11.41
N ASP A 63 -0.52 -3.73 10.92
CA ASP A 63 -1.04 -4.50 9.80
C ASP A 63 -0.23 -4.24 8.54
N VAL A 64 0.06 -2.95 8.26
CA VAL A 64 0.86 -2.58 7.09
C VAL A 64 2.18 -3.34 7.07
N LYS A 65 2.79 -3.43 8.24
CA LYS A 65 4.08 -4.11 8.39
C LYS A 65 3.91 -5.63 8.39
N ASN A 66 2.71 -6.09 8.72
CA ASN A 66 2.45 -7.51 8.85
C ASN A 66 2.29 -8.15 7.48
N LEU A 67 1.66 -7.42 6.56
CA LEU A 67 1.42 -7.92 5.22
C LEU A 67 2.70 -7.97 4.40
N LYS A 68 2.86 -9.07 3.67
CA LYS A 68 4.10 -9.37 2.99
C LYS A 68 4.17 -8.72 1.61
N THR A 69 3.02 -8.52 0.99
CA THR A 69 2.97 -7.97 -0.36
C THR A 69 2.24 -6.64 -0.34
N VAL A 70 2.54 -5.78 -1.31
CA VAL A 70 1.84 -4.51 -1.44
C VAL A 70 0.37 -4.77 -1.73
N GLY A 71 0.11 -5.89 -2.40
CA GLY A 71 -1.25 -6.25 -2.75
C GLY A 71 -2.11 -6.51 -1.53
N ASP A 72 -1.50 -7.04 -0.47
CA ASP A 72 -2.23 -7.33 0.78
C ASP A 72 -2.81 -6.05 1.35
N ALA A 73 -1.94 -5.07 1.59
CA ALA A 73 -2.37 -3.77 2.11
C ALA A 73 -3.46 -3.19 1.26
N THR A 74 -3.16 -3.13 -0.03
CA THR A 74 -4.07 -2.57 -0.99
C THR A 74 -5.44 -3.23 -0.89
N LYS A 75 -5.47 -4.56 -0.92
CA LYS A 75 -6.72 -5.30 -0.86
C LYS A 75 -7.43 -5.09 0.48
N TYR A 76 -6.63 -4.99 1.55
CA TYR A 76 -7.15 -4.74 2.89
C TYR A 76 -7.77 -3.34 2.95
N ILE A 77 -7.09 -2.39 2.31
CA ILE A 77 -7.62 -1.04 2.14
C ILE A 77 -8.92 -1.08 1.34
N LEU A 78 -8.91 -1.86 0.28
CA LEU A 78 -10.06 -1.99 -0.61
C LEU A 78 -11.25 -2.62 0.09
N ASP A 79 -10.97 -3.40 1.13
CA ASP A 79 -12.03 -4.04 1.91
C ASP A 79 -12.62 -3.07 2.93
N HIS A 80 -11.75 -2.45 3.71
CA HIS A 80 -12.18 -1.62 4.84
C HIS A 80 -12.35 -0.15 4.45
N GLN A 81 -12.32 0.13 3.16
CA GLN A 81 -12.44 1.52 2.68
C GLN A 81 -13.83 2.08 2.99
N ALA A 82 -13.90 3.38 3.21
CA ALA A 82 -15.18 4.03 3.48
C ALA A 82 -15.71 4.76 2.25
#